data_6R5U
#
_entry.id   6R5U
#
_cell.length_a   72.049
_cell.length_b   74.429
_cell.length_c   82.118
_cell.angle_alpha   65.63
_cell.angle_beta   73.94
_cell.angle_gamma   69.46
#
_symmetry.space_group_name_H-M   'P 1'
#
loop_
_entity.id
_entity.type
_entity.pdbx_description
1 polymer 'Periplasmic beta-glucosidase'
2 branched beta-D-glucopyranose-(1-3)-beta-D-glucopyranose
3 branched beta-D-glucopyranose-(1-3)-beta-D-glucopyranose-(1-3)-beta-D-glucopyranose
4 non-polymer 'MAGNESIUM ION'
5 water water
#
_entity_poly.entity_id   1
_entity_poly.type   'polypeptide(L)'
_entity_poly.pdbx_seq_one_letter_code
;TDKERFIASLMARMSNAEKIGQLRLVSVGADHPKEALMADIRAGKVGAIFNTVTRPDIRAMQDQVRHSRLKIPLFHAYDV
AHGHRTIFPISLGLAASWDPEVVARSARISALEASADGLDMSFSPMVDITRDARWGRVSEGFGEDTYLTSLLSGVMVRAY
QGSNLAAPDSIMAAVKHFALYGAAEGGRDYNTVDMSLPRMFQDYLPPYKAAVDAGAGAVMVSLNTINGVPATANRWLLTD
LLRQQWGFKGLTISNHGAVKELIKHGLAGNERDATRLAIQAGVDMNMNDDLYSTWLPKLLAAGEIDQADIDRACRDVLAA
KYDLGLFADPYRRLGKPDDPPFDTNAESRLHRQAAREVAREGLVLLKNRDGLLPLKKQGRIAVIGPLAKSQRDVIGSWSA
AGVPRQAVTVYQGLANAVGERATLLYAKGANVSGDQAILDYLNSYNPEVEVDPRSAEAMLEEALRTARDADLVVAVVGES
QGMAHEASSRTDLRIPASQRRLLKALKATGKPLVLVLMNGRPLSLGWEQENADAILETWFSGTEGGNAIADVLFGEHNPS
GKLTMSFPRSVGQVPVYYNHLNTGRPMDHDNPGKYTSRYFDEANGPLYPFGYGLSYTEFSLSPLRLSSERLARGATLEAR
VTLSNSGKRAGATVVQLYLQDPVASLSRPVKELRGFRKVMLEPGESREIVFRLGEADLKFYDSQLRHTAEPGEFKVFVGL
DSAQTESRSFTLL
;
_entity_poly.pdbx_strand_id   B,A
#
# COMPACT_ATOMS: atom_id res chain seq x y z
N THR A 1 41.61 14.97 -20.75
CA THR A 1 42.37 14.69 -22.02
C THR A 1 43.44 13.63 -21.76
N ASP A 2 44.20 13.75 -20.67
CA ASP A 2 45.27 12.79 -20.31
C ASP A 2 44.65 11.40 -20.11
N LYS A 3 43.63 11.31 -19.26
CA LYS A 3 42.82 10.09 -19.03
C LYS A 3 42.23 9.60 -20.36
N GLU A 4 41.63 10.51 -21.12
CA GLU A 4 40.95 10.19 -22.40
C GLU A 4 41.95 9.59 -23.39
N ARG A 5 43.21 10.03 -23.36
CA ARG A 5 44.33 9.56 -24.24
C ARG A 5 44.66 8.10 -23.89
N PHE A 6 44.94 7.84 -22.62
CA PHE A 6 45.22 6.48 -22.12
C PHE A 6 44.06 5.55 -22.52
N ILE A 7 42.83 5.97 -22.24
CA ILE A 7 41.63 5.11 -22.42
C ILE A 7 41.38 4.88 -23.91
N ALA A 8 41.54 5.91 -24.75
CA ALA A 8 41.24 5.76 -26.20
C ALA A 8 42.30 4.85 -26.84
N SER A 9 43.58 4.99 -26.49
CA SER A 9 44.63 4.08 -27.03
C SER A 9 44.37 2.64 -26.56
N LEU A 10 43.98 2.41 -25.30
CA LEU A 10 43.74 1.02 -24.79
C LEU A 10 42.56 0.41 -25.57
N MET A 11 41.47 1.13 -25.74
CA MET A 11 40.29 0.55 -26.45
C MET A 11 40.59 0.35 -27.94
N ALA A 12 41.47 1.15 -28.53
CA ALA A 12 41.90 0.95 -29.93
C ALA A 12 42.63 -0.40 -30.07
N ARG A 13 43.28 -0.88 -29.01
CA ARG A 13 44.01 -2.18 -29.02
C ARG A 13 43.06 -3.37 -28.93
N MET A 14 41.85 -3.20 -28.36
CA MET A 14 41.08 -4.35 -27.82
C MET A 14 40.19 -4.96 -28.90
N SER A 15 40.09 -6.28 -28.89
CA SER A 15 39.07 -7.05 -29.64
C SER A 15 37.75 -6.90 -28.91
N ASN A 16 36.66 -7.26 -29.56
CA ASN A 16 35.33 -7.31 -28.90
C ASN A 16 35.37 -8.36 -27.78
N ALA A 17 36.03 -9.50 -27.97
CA ALA A 17 36.16 -10.50 -26.89
C ALA A 17 36.75 -9.82 -25.64
N GLU A 18 37.79 -9.00 -25.79
CA GLU A 18 38.44 -8.32 -24.64
C GLU A 18 37.52 -7.23 -24.07
N LYS A 19 36.81 -6.48 -24.92
CA LYS A 19 35.88 -5.41 -24.45
C LYS A 19 34.72 -6.01 -23.64
N ILE A 20 34.15 -7.12 -24.13
CA ILE A 20 33.01 -7.82 -23.48
C ILE A 20 33.47 -8.48 -22.18
N GLY A 21 34.68 -9.03 -22.14
CA GLY A 21 35.26 -9.59 -20.90
C GLY A 21 35.38 -8.56 -19.79
N GLN A 22 35.58 -7.27 -20.11
CA GLN A 22 35.62 -6.20 -19.07
C GLN A 22 34.25 -6.00 -18.39
N LEU A 23 33.18 -6.49 -18.99
CA LEU A 23 31.80 -6.24 -18.48
C LEU A 23 31.41 -7.35 -17.51
N ARG A 24 32.21 -8.40 -17.42
CA ARG A 24 31.91 -9.58 -16.58
C ARG A 24 32.34 -9.32 -15.14
N LEU A 25 31.38 -9.34 -14.21
CA LEU A 25 31.60 -9.14 -12.75
C LEU A 25 31.20 -10.44 -12.08
N VAL A 26 32.12 -11.14 -11.42
CA VAL A 26 31.84 -12.52 -10.93
C VAL A 26 32.31 -12.65 -9.48
N SER A 27 31.84 -13.70 -8.80
CA SER A 27 32.36 -14.16 -7.49
C SER A 27 32.72 -15.64 -7.53
N VAL A 28 33.70 -16.06 -6.70
CA VAL A 28 34.05 -17.49 -6.47
C VAL A 28 32.82 -18.17 -5.85
N GLY A 29 32.32 -19.21 -6.49
CA GLY A 29 31.09 -19.89 -6.07
C GLY A 29 30.91 -21.18 -6.84
N ALA A 30 29.78 -21.85 -6.66
CA ALA A 30 29.38 -23.04 -7.44
C ALA A 30 29.26 -22.65 -8.92
N ASP A 31 28.74 -21.44 -9.20
CA ASP A 31 28.61 -20.87 -10.56
C ASP A 31 29.98 -20.74 -11.24
N HIS A 32 31.04 -20.39 -10.49
CA HIS A 32 32.40 -20.03 -11.01
C HIS A 32 33.47 -20.57 -10.08
N PRO A 33 33.89 -21.85 -10.25
CA PRO A 33 34.86 -22.45 -9.34
C PRO A 33 36.21 -21.72 -9.44
N LYS A 34 36.96 -21.71 -8.34
CA LYS A 34 38.17 -20.85 -8.23
C LYS A 34 39.10 -21.07 -9.43
N GLU A 35 39.46 -22.31 -9.79
CA GLU A 35 40.53 -22.57 -10.78
C GLU A 35 40.05 -22.20 -12.20
N ALA A 36 38.77 -22.43 -12.54
CA ALA A 36 38.16 -22.01 -13.82
C ALA A 36 38.15 -20.48 -13.93
N LEU A 37 37.88 -19.80 -12.81
CA LEU A 37 37.88 -18.32 -12.70
C LEU A 37 39.29 -17.81 -12.94
N MET A 38 40.31 -18.50 -12.41
CA MET A 38 41.72 -18.04 -12.51
C MET A 38 42.11 -18.05 -13.99
N ALA A 39 41.74 -19.12 -14.70
CA ALA A 39 41.98 -19.34 -16.14
C ALA A 39 41.27 -18.24 -16.93
N ASP A 40 40.03 -17.91 -16.57
CA ASP A 40 39.26 -16.85 -17.27
C ASP A 40 39.99 -15.49 -17.12
N ILE A 41 40.56 -15.19 -15.96
CA ILE A 41 41.31 -13.91 -15.76
C ILE A 41 42.55 -13.92 -16.66
N ARG A 42 43.29 -15.03 -16.69
CA ARG A 42 44.50 -15.19 -17.56
C ARG A 42 44.08 -14.93 -19.02
N ALA A 43 42.91 -15.41 -19.45
CA ALA A 43 42.40 -15.30 -20.85
C ALA A 43 41.74 -13.93 -21.14
N GLY A 44 41.71 -12.99 -20.19
CA GLY A 44 41.18 -11.63 -20.40
C GLY A 44 39.65 -11.59 -20.38
N LYS A 45 38.99 -12.57 -19.77
CA LYS A 45 37.51 -12.73 -19.84
C LYS A 45 36.84 -12.28 -18.54
N VAL A 46 37.53 -11.57 -17.66
CA VAL A 46 36.98 -11.10 -16.35
C VAL A 46 37.29 -9.62 -16.16
N GLY A 47 36.30 -8.84 -15.75
CA GLY A 47 36.45 -7.39 -15.52
C GLY A 47 36.66 -7.05 -14.06
N ALA A 48 35.92 -7.68 -13.17
CA ALA A 48 35.96 -7.35 -11.72
C ALA A 48 35.42 -8.53 -10.91
N ILE A 49 35.75 -8.52 -9.63
CA ILE A 49 35.41 -9.61 -8.67
C ILE A 49 34.57 -8.99 -7.55
N PHE A 50 33.57 -9.72 -7.06
CA PHE A 50 32.94 -9.40 -5.76
C PHE A 50 33.07 -10.59 -4.82
N ASN A 51 33.01 -10.29 -3.53
CA ASN A 51 32.97 -11.24 -2.39
C ASN A 51 34.29 -11.98 -2.21
N THR A 52 35.39 -11.53 -2.81
CA THR A 52 36.76 -11.95 -2.42
C THR A 52 37.37 -10.79 -1.63
N VAL A 53 37.70 -11.01 -0.35
CA VAL A 53 37.76 -9.91 0.66
C VAL A 53 39.05 -9.89 1.49
N THR A 54 40.05 -10.74 1.20
CA THR A 54 41.35 -10.72 1.91
C THR A 54 42.50 -10.41 0.94
N ARG A 55 43.57 -9.83 1.46
CA ARG A 55 44.76 -9.44 0.67
C ARG A 55 45.34 -10.65 -0.05
N PRO A 56 45.66 -11.79 0.61
CA PRO A 56 46.26 -12.91 -0.11
C PRO A 56 45.38 -13.37 -1.28
N ASP A 57 44.06 -13.47 -1.06
CA ASP A 57 43.11 -13.97 -2.07
C ASP A 57 43.00 -12.98 -3.23
N ILE A 58 42.90 -11.68 -2.92
CA ILE A 58 42.80 -10.62 -3.96
C ILE A 58 44.12 -10.56 -4.73
N ARG A 59 45.27 -10.64 -4.02
CA ARG A 59 46.62 -10.69 -4.66
C ARG A 59 46.70 -11.84 -5.67
N ALA A 60 46.30 -13.05 -5.28
CA ALA A 60 46.39 -14.27 -6.13
C ALA A 60 45.61 -14.04 -7.42
N MET A 61 44.45 -13.38 -7.30
CA MET A 61 43.57 -13.05 -8.44
CA MET A 61 43.56 -13.03 -8.44
C MET A 61 44.25 -11.98 -9.31
N GLN A 62 44.79 -10.93 -8.69
CA GLN A 62 45.48 -9.84 -9.43
C GLN A 62 46.71 -10.39 -10.16
N ASP A 63 47.36 -11.40 -9.57
CA ASP A 63 48.58 -12.04 -10.13
C ASP A 63 48.26 -12.74 -11.46
N GLN A 64 47.01 -13.16 -11.71
CA GLN A 64 46.65 -13.85 -12.97
C GLN A 64 46.59 -12.85 -14.13
N VAL A 65 46.39 -11.56 -13.83
CA VAL A 65 46.24 -10.49 -14.86
C VAL A 65 47.49 -10.44 -15.74
N ARG A 66 48.67 -10.69 -15.19
CA ARG A 66 49.97 -10.74 -15.92
C ARG A 66 49.90 -11.61 -17.18
N HIS A 67 49.16 -12.72 -17.15
CA HIS A 67 49.14 -13.75 -18.23
C HIS A 67 48.19 -13.37 -19.37
N SER A 68 47.41 -12.29 -19.22
CA SER A 68 46.52 -11.77 -20.29
C SER A 68 47.36 -10.92 -21.24
N ARG A 69 46.96 -10.86 -22.50
CA ARG A 69 47.63 -10.01 -23.51
C ARG A 69 47.72 -8.57 -23.02
N LEU A 70 46.63 -7.98 -22.52
CA LEU A 70 46.62 -6.52 -22.22
C LEU A 70 46.84 -6.22 -20.73
N LYS A 71 46.75 -7.21 -19.85
CA LYS A 71 47.11 -7.03 -18.42
C LYS A 71 46.20 -5.96 -17.81
N ILE A 72 44.90 -6.00 -18.12
CA ILE A 72 43.95 -5.01 -17.55
C ILE A 72 43.64 -5.50 -16.14
N PRO A 73 43.94 -4.70 -15.10
CA PRO A 73 43.76 -5.12 -13.72
C PRO A 73 42.26 -5.28 -13.41
N LEU A 74 41.95 -6.15 -12.45
CA LEU A 74 40.61 -6.30 -11.88
C LEU A 74 40.36 -5.20 -10.85
N PHE A 75 39.10 -4.85 -10.60
CA PHE A 75 38.72 -4.20 -9.33
C PHE A 75 37.99 -5.24 -8.50
N HIS A 76 37.99 -5.04 -7.19
CA HIS A 76 37.43 -6.00 -6.21
C HIS A 76 36.35 -5.30 -5.39
N ALA A 77 35.15 -5.88 -5.35
CA ALA A 77 34.01 -5.21 -4.68
C ALA A 77 33.48 -6.08 -3.54
N TYR A 78 32.75 -5.45 -2.62
CA TYR A 78 32.06 -6.11 -1.49
C TYR A 78 30.94 -5.19 -0.99
N ASP A 79 30.04 -5.76 -0.20
CA ASP A 79 28.91 -5.05 0.45
C ASP A 79 29.39 -4.58 1.82
N VAL A 80 30.10 -3.48 1.84
CA VAL A 80 30.45 -2.79 3.09
C VAL A 80 29.37 -1.74 3.33
N ALA A 81 28.30 -2.14 4.01
CA ALA A 81 27.05 -1.37 4.17
C ALA A 81 27.16 -0.52 5.43
N HIS A 82 27.52 -1.11 6.56
CA HIS A 82 27.65 -0.37 7.84
C HIS A 82 28.89 -0.86 8.62
N GLY A 83 30.00 -1.06 7.92
CA GLY A 83 31.26 -1.58 8.50
C GLY A 83 31.83 -2.69 7.64
N HIS A 84 33.14 -2.90 7.69
CA HIS A 84 33.79 -4.03 6.99
C HIS A 84 34.11 -5.13 7.99
N ARG A 85 35.07 -4.90 8.89
CA ARG A 85 35.39 -5.86 9.99
C ARG A 85 34.89 -5.31 11.32
N THR A 86 35.12 -4.03 11.58
CA THR A 86 34.50 -3.31 12.72
C THR A 86 33.10 -2.88 12.30
N ILE A 87 32.07 -3.49 12.88
CA ILE A 87 30.68 -3.27 12.44
C ILE A 87 30.03 -2.16 13.28
N PHE A 88 29.55 -1.15 12.58
CA PHE A 88 28.81 -0.01 13.14
C PHE A 88 27.32 -0.36 13.22
N PRO A 89 26.50 0.50 13.85
CA PRO A 89 25.05 0.29 13.82
C PRO A 89 24.58 0.17 12.36
N ILE A 90 23.50 -0.58 12.14
CA ILE A 90 22.79 -0.60 10.82
C ILE A 90 22.47 0.84 10.44
N SER A 91 22.25 1.11 9.17
CA SER A 91 22.07 2.49 8.63
C SER A 91 20.91 3.20 9.34
N LEU A 92 19.85 2.47 9.68
CA LEU A 92 18.64 3.09 10.28
C LEU A 92 19.02 3.60 11.67
N GLY A 93 19.99 2.96 12.30
CA GLY A 93 20.55 3.41 13.59
C GLY A 93 21.51 4.57 13.42
N LEU A 94 22.36 4.54 12.38
CA LEU A 94 23.29 5.65 12.07
C LEU A 94 22.48 6.92 11.76
N ALA A 95 21.40 6.78 11.00
CA ALA A 95 20.54 7.92 10.62
C ALA A 95 20.02 8.57 11.88
N ALA A 96 19.72 7.78 12.91
CA ALA A 96 19.11 8.25 14.16
C ALA A 96 20.10 9.12 14.96
N SER A 97 21.38 9.13 14.61
CA SER A 97 22.35 10.10 15.20
C SER A 97 22.01 11.54 14.79
N TRP A 98 21.31 11.77 13.66
CA TRP A 98 21.02 13.11 13.11
C TRP A 98 22.32 13.92 12.99
N ASP A 99 23.41 13.27 12.63
CA ASP A 99 24.74 13.92 12.68
C ASP A 99 25.58 13.39 11.52
N PRO A 100 25.68 14.20 10.44
CA PRO A 100 26.42 13.78 9.25
C PRO A 100 27.85 13.34 9.56
N GLU A 101 28.50 13.98 10.53
CA GLU A 101 29.92 13.70 10.86
C GLU A 101 30.05 12.30 11.47
N VAL A 102 29.08 11.88 12.27
CA VAL A 102 29.06 10.52 12.87
C VAL A 102 28.89 9.51 11.74
N VAL A 103 27.99 9.77 10.81
CA VAL A 103 27.76 8.86 9.66
C VAL A 103 29.02 8.85 8.79
N ALA A 104 29.59 10.01 8.49
CA ALA A 104 30.84 10.12 7.69
C ALA A 104 31.94 9.27 8.34
N ARG A 105 32.04 9.33 9.67
CA ARG A 105 33.08 8.58 10.42
C ARG A 105 32.86 7.07 10.21
N SER A 106 31.62 6.60 10.28
CA SER A 106 31.34 5.16 10.04
C SER A 106 31.79 4.78 8.63
N ALA A 107 31.50 5.62 7.65
CA ALA A 107 31.86 5.37 6.22
C ALA A 107 33.39 5.37 6.03
N ARG A 108 34.07 6.37 6.57
CA ARG A 108 35.55 6.51 6.43
C ARG A 108 36.23 5.27 6.99
N ILE A 109 35.83 4.82 8.18
CA ILE A 109 36.49 3.66 8.82
C ILE A 109 36.20 2.39 8.02
N SER A 110 34.96 2.22 7.56
CA SER A 110 34.58 1.13 6.64
C SER A 110 35.53 1.11 5.44
N ALA A 111 35.74 2.24 4.78
CA ALA A 111 36.59 2.29 3.59
C ALA A 111 38.05 1.96 3.96
N LEU A 112 38.54 2.48 5.09
CA LEU A 112 39.92 2.24 5.60
C LEU A 112 40.13 0.72 5.73
N GLU A 113 39.25 0.02 6.44
CA GLU A 113 39.41 -1.43 6.69
C GLU A 113 39.28 -2.23 5.38
N ALA A 114 38.32 -1.87 4.54
CA ALA A 114 38.04 -2.59 3.29
C ALA A 114 39.24 -2.42 2.36
N SER A 115 39.73 -1.18 2.22
CA SER A 115 40.90 -0.86 1.38
C SER A 115 42.16 -1.53 1.96
N ALA A 116 42.31 -1.62 3.28
CA ALA A 116 43.40 -2.36 3.94
C ALA A 116 43.36 -3.86 3.57
N ASP A 117 42.20 -4.39 3.19
CA ASP A 117 42.08 -5.82 2.77
C ASP A 117 42.20 -5.93 1.25
N GLY A 118 42.37 -4.81 0.55
CA GLY A 118 42.53 -4.84 -0.92
C GLY A 118 41.27 -4.51 -1.71
N LEU A 119 40.16 -4.14 -1.08
CA LEU A 119 38.88 -3.86 -1.78
C LEU A 119 38.91 -2.46 -2.37
N ASP A 120 38.42 -2.31 -3.60
CA ASP A 120 38.40 -1.01 -4.35
C ASP A 120 36.98 -0.39 -4.34
N MET A 121 35.94 -1.17 -4.09
CA MET A 121 34.55 -0.72 -4.27
C MET A 121 33.64 -1.38 -3.25
N SER A 122 32.72 -0.58 -2.71
CA SER A 122 31.58 -1.06 -1.91
C SER A 122 30.28 -0.81 -2.67
N PHE A 123 29.41 -1.82 -2.65
CA PHE A 123 28.00 -1.71 -3.07
C PHE A 123 27.23 -1.00 -1.94
N SER A 124 27.49 0.29 -1.79
CA SER A 124 26.90 1.16 -0.75
CA SER A 124 26.89 1.16 -0.76
C SER A 124 27.20 2.60 -1.15
N PRO A 125 26.45 3.63 -0.68
CA PRO A 125 25.36 3.49 0.30
C PRO A 125 24.03 3.04 -0.34
N MET A 126 23.19 2.44 0.50
CA MET A 126 21.80 2.08 0.15
C MET A 126 20.94 3.29 0.52
N VAL A 127 20.31 3.96 -0.45
CA VAL A 127 19.66 5.28 -0.22
C VAL A 127 18.18 5.23 -0.61
N ASP A 128 17.59 4.05 -0.57
CA ASP A 128 16.16 3.83 -0.93
C ASP A 128 15.29 4.38 0.20
N ILE A 129 14.39 5.29 -0.12
CA ILE A 129 13.37 5.80 0.82
C ILE A 129 12.41 4.66 1.17
N THR A 130 12.10 4.48 2.46
CA THR A 130 11.23 3.39 2.99
C THR A 130 10.07 3.95 3.83
N ARG A 131 8.83 3.77 3.37
CA ARG A 131 7.61 4.21 4.10
C ARG A 131 6.82 3.01 4.62
N ASP A 132 7.34 1.79 4.36
CA ASP A 132 6.62 0.52 4.60
C ASP A 132 7.50 -0.34 5.49
N ALA A 133 7.14 -0.38 6.77
CA ALA A 133 7.92 -1.06 7.82
C ALA A 133 7.95 -2.58 7.57
N ARG A 134 7.09 -3.14 6.73
CA ARG A 134 7.07 -4.63 6.51
C ARG A 134 8.33 -5.06 5.74
N TRP A 135 8.87 -4.19 4.89
CA TRP A 135 10.00 -4.54 3.99
C TRP A 135 11.25 -4.92 4.81
N GLY A 136 11.90 -6.03 4.48
CA GLY A 136 13.04 -6.57 5.24
C GLY A 136 14.26 -5.66 5.17
N ARG A 137 14.38 -4.85 4.13
CA ARG A 137 15.62 -4.07 3.90
C ARG A 137 15.49 -2.64 4.43
N VAL A 138 14.51 -2.31 5.26
CA VAL A 138 14.45 -0.93 5.82
C VAL A 138 15.67 -0.72 6.72
N SER A 139 16.21 -1.79 7.31
CA SER A 139 17.43 -1.76 8.18
C SER A 139 18.59 -1.14 7.39
N GLU A 140 18.62 -1.30 6.07
CA GLU A 140 19.80 -0.92 5.25
C GLU A 140 19.79 0.57 4.86
N GLY A 141 18.66 1.25 5.00
CA GLY A 141 18.49 2.66 4.59
C GLY A 141 18.48 3.60 5.78
N PHE A 142 18.11 4.86 5.56
CA PHE A 142 18.17 5.95 6.57
C PHE A 142 16.76 6.41 6.99
N GLY A 143 15.74 5.66 6.58
CA GLY A 143 14.35 5.94 6.98
C GLY A 143 13.51 6.56 5.87
N GLU A 144 12.50 7.31 6.27
CA GLU A 144 11.38 7.73 5.39
C GLU A 144 11.59 9.12 4.80
N ASP A 145 12.61 9.88 5.19
CA ASP A 145 12.63 11.33 4.83
C ASP A 145 13.62 11.61 3.69
N THR A 146 13.13 12.30 2.66
CA THR A 146 13.91 12.63 1.44
C THR A 146 15.08 13.56 1.76
N TYR A 147 14.86 14.64 2.51
CA TYR A 147 15.94 15.62 2.83
C TYR A 147 17.07 14.90 3.59
N LEU A 148 16.75 14.18 4.66
CA LEU A 148 17.78 13.52 5.51
C LEU A 148 18.49 12.42 4.70
N THR A 149 17.76 11.53 4.02
CA THR A 149 18.39 10.43 3.25
C THR A 149 19.30 11.03 2.17
N SER A 150 18.89 12.15 1.56
CA SER A 150 19.65 12.80 0.47
C SER A 150 20.97 13.35 1.01
N LEU A 151 20.90 14.08 2.12
CA LEU A 151 22.10 14.60 2.83
C LEU A 151 23.03 13.44 3.18
N LEU A 152 22.55 12.38 3.83
CA LEU A 152 23.50 11.25 4.25
CA LEU A 152 23.44 11.26 4.26
C LEU A 152 23.93 10.48 3.03
N SER A 153 23.15 10.41 1.94
CA SER A 153 23.62 9.81 0.67
C SER A 153 24.93 10.48 0.22
N GLY A 154 24.95 11.81 0.12
CA GLY A 154 26.16 12.55 -0.28
C GLY A 154 27.29 12.37 0.72
N VAL A 155 26.97 12.39 2.01
CA VAL A 155 27.96 12.21 3.09
C VAL A 155 28.69 10.88 2.91
N MET A 156 27.95 9.79 2.71
CA MET A 156 28.52 8.43 2.59
C MET A 156 29.47 8.37 1.39
N VAL A 157 29.02 8.89 0.26
CA VAL A 157 29.83 8.85 -0.98
C VAL A 157 31.15 9.63 -0.76
N ARG A 158 31.07 10.85 -0.23
CA ARG A 158 32.28 11.69 -0.07
C ARG A 158 33.23 11.00 0.92
N ALA A 159 32.69 10.42 2.00
CA ALA A 159 33.51 9.75 3.04
C ALA A 159 34.17 8.49 2.47
N TYR A 160 33.46 7.70 1.65
CA TYR A 160 34.10 6.52 1.02
C TYR A 160 35.21 6.93 0.02
N GLN A 161 34.95 7.93 -0.82
CA GLN A 161 35.80 8.21 -2.00
C GLN A 161 36.94 9.17 -1.65
N GLY A 162 36.81 9.92 -0.56
CA GLY A 162 37.80 10.93 -0.16
C GLY A 162 37.88 12.00 -1.23
N SER A 163 38.96 12.79 -1.23
CA SER A 163 39.23 13.79 -2.30
C SER A 163 39.90 13.11 -3.50
N ASN A 164 40.33 11.85 -3.36
CA ASN A 164 41.09 11.15 -4.42
C ASN A 164 40.73 9.66 -4.47
N LEU A 165 40.11 9.20 -5.57
CA LEU A 165 39.68 7.77 -5.75
C LEU A 165 40.89 6.83 -5.91
N ALA A 166 42.07 7.36 -6.25
CA ALA A 166 43.29 6.53 -6.39
C ALA A 166 43.91 6.28 -5.00
N ALA A 167 43.61 7.11 -4.00
CA ALA A 167 44.22 6.95 -2.67
C ALA A 167 44.01 5.51 -2.18
N PRO A 168 45.07 4.91 -1.60
CA PRO A 168 44.99 3.56 -1.05
C PRO A 168 43.98 3.35 0.10
N ASP A 169 43.46 4.41 0.70
CA ASP A 169 42.45 4.30 1.79
C ASP A 169 41.06 4.77 1.31
N SER A 170 40.88 5.00 0.00
CA SER A 170 39.59 5.35 -0.63
C SER A 170 39.00 4.09 -1.26
N ILE A 171 37.68 3.96 -1.29
CA ILE A 171 36.98 2.95 -2.15
C ILE A 171 35.95 3.68 -2.99
N MET A 172 35.55 3.08 -4.11
CA MET A 172 34.49 3.65 -4.95
C MET A 172 33.13 3.30 -4.32
N ALA A 173 32.22 4.26 -4.30
CA ALA A 173 30.81 4.06 -3.89
C ALA A 173 30.02 3.60 -5.11
N ALA A 174 29.34 2.46 -5.01
CA ALA A 174 28.25 2.09 -5.94
C ALA A 174 26.92 2.23 -5.22
N VAL A 175 26.31 3.41 -5.38
CA VAL A 175 25.01 3.75 -4.75
C VAL A 175 23.96 2.79 -5.27
N LYS A 176 23.07 2.37 -4.39
CA LYS A 176 22.01 1.39 -4.71
C LYS A 176 20.75 1.78 -3.96
N HIS A 177 19.59 1.19 -4.27
CA HIS A 177 19.32 0.40 -5.47
C HIS A 177 18.52 1.28 -6.43
N PHE A 178 19.10 1.63 -7.58
CA PHE A 178 18.52 2.61 -8.55
C PHE A 178 17.47 1.86 -9.36
N ALA A 179 16.16 2.08 -9.14
CA ALA A 179 15.59 3.02 -8.19
C ALA A 179 14.24 2.49 -7.66
N LEU A 180 13.85 3.05 -6.52
CA LEU A 180 12.48 2.97 -5.94
C LEU A 180 12.26 1.61 -5.27
N TYR A 181 13.32 0.88 -5.03
CA TYR A 181 13.27 -0.53 -4.55
C TYR A 181 12.46 -0.61 -3.25
N GLY A 182 12.53 0.41 -2.40
CA GLY A 182 11.83 0.41 -1.10
C GLY A 182 10.33 0.61 -1.16
N ALA A 183 9.72 0.92 -2.31
CA ALA A 183 8.26 1.18 -2.39
C ALA A 183 7.52 -0.08 -2.87
N ALA A 184 8.18 -1.26 -2.85
CA ALA A 184 7.56 -2.54 -3.25
C ALA A 184 6.16 -2.67 -2.65
N GLU A 185 5.18 -3.02 -3.49
CA GLU A 185 3.80 -3.28 -3.05
C GLU A 185 3.78 -4.34 -1.97
N GLY A 186 3.02 -4.09 -0.91
CA GLY A 186 2.81 -5.07 0.17
C GLY A 186 4.03 -5.20 1.05
N GLY A 187 5.06 -4.38 0.80
CA GLY A 187 6.37 -4.53 1.48
C GLY A 187 7.03 -5.86 1.18
N ARG A 188 6.60 -6.57 0.15
CA ARG A 188 7.18 -7.87 -0.26
C ARG A 188 8.43 -7.60 -1.08
N ASP A 189 9.57 -8.20 -0.75
CA ASP A 189 10.82 -7.88 -1.47
C ASP A 189 10.60 -8.19 -2.96
N TYR A 190 11.26 -7.42 -3.81
CA TYR A 190 11.33 -7.59 -5.30
C TYR A 190 10.01 -7.23 -5.98
N ASN A 191 8.97 -6.85 -5.21
CA ASN A 191 7.60 -6.71 -5.77
C ASN A 191 7.51 -5.39 -6.57
N THR A 192 6.52 -5.35 -7.43
CA THR A 192 6.03 -4.19 -8.20
C THR A 192 6.14 -2.84 -7.46
N VAL A 193 6.65 -1.84 -8.17
CA VAL A 193 6.64 -0.43 -7.71
C VAL A 193 5.87 0.37 -8.74
N ASP A 194 4.87 1.10 -8.28
CA ASP A 194 4.00 1.90 -9.15
C ASP A 194 3.79 3.24 -8.50
N MET A 195 4.20 4.31 -9.17
CA MET A 195 3.98 5.65 -8.62
C MET A 195 3.97 6.71 -9.71
N SER A 196 3.42 7.86 -9.36
CA SER A 196 3.34 9.02 -10.27
C SER A 196 4.74 9.61 -10.40
N LEU A 197 4.95 10.31 -11.50
CA LEU A 197 6.24 10.94 -11.77
C LEU A 197 6.48 12.06 -10.77
N PRO A 198 5.49 12.90 -10.43
CA PRO A 198 5.76 13.95 -9.44
C PRO A 198 6.22 13.39 -8.09
N ARG A 199 5.64 12.30 -7.62
CA ARG A 199 6.07 11.72 -6.32
C ARG A 199 7.50 11.17 -6.46
N MET A 200 7.75 10.47 -7.57
CA MET A 200 9.07 9.87 -7.87
C MET A 200 10.14 10.96 -7.81
N PHE A 201 9.94 12.08 -8.52
CA PHE A 201 10.93 13.18 -8.60
C PHE A 201 11.02 13.93 -7.28
N GLN A 202 9.89 14.11 -6.59
CA GLN A 202 9.85 14.91 -5.35
C GLN A 202 10.47 14.12 -4.21
N ASP A 203 10.09 12.86 -4.05
CA ASP A 203 10.34 12.12 -2.79
C ASP A 203 11.38 11.02 -2.94
N TYR A 204 11.48 10.33 -4.08
CA TYR A 204 12.22 9.04 -4.17
C TYR A 204 13.58 9.17 -4.89
N LEU A 205 13.68 9.99 -5.93
CA LEU A 205 14.91 10.09 -6.77
C LEU A 205 15.97 10.99 -6.16
N PRO A 206 15.69 12.05 -5.38
CA PRO A 206 16.75 12.94 -4.90
C PRO A 206 17.93 12.27 -4.20
N PRO A 207 17.77 11.17 -3.43
CA PRO A 207 18.92 10.48 -2.84
C PRO A 207 19.95 9.90 -3.83
N TYR A 208 19.49 9.28 -4.90
CA TYR A 208 20.38 8.78 -5.99
C TYR A 208 21.08 9.99 -6.62
N LYS A 209 20.34 11.09 -6.81
CA LYS A 209 20.88 12.30 -7.45
C LYS A 209 21.98 12.88 -6.57
N ALA A 210 21.77 12.95 -5.26
CA ALA A 210 22.79 13.44 -4.30
C ALA A 210 24.05 12.57 -4.40
N ALA A 211 23.91 11.25 -4.54
CA ALA A 211 25.08 10.37 -4.65
C ALA A 211 25.83 10.71 -5.95
N VAL A 212 25.10 10.92 -7.06
CA VAL A 212 25.70 11.25 -8.39
C VAL A 212 26.44 12.60 -8.31
N ASP A 213 25.80 13.61 -7.71
CA ASP A 213 26.35 14.99 -7.56
C ASP A 213 27.51 14.98 -6.55
N ALA A 214 27.59 14.01 -5.63
CA ALA A 214 28.74 13.85 -4.71
C ALA A 214 29.91 13.13 -5.40
N GLY A 215 29.76 12.69 -6.66
CA GLY A 215 30.85 12.05 -7.41
C GLY A 215 30.83 10.53 -7.30
N ALA A 216 29.70 9.90 -6.98
CA ALA A 216 29.69 8.43 -6.90
C ALA A 216 30.25 7.87 -8.20
N GLY A 217 31.20 6.96 -8.13
CA GLY A 217 31.80 6.31 -9.32
C GLY A 217 30.86 5.30 -9.95
N ALA A 218 29.95 4.70 -9.18
CA ALA A 218 29.07 3.66 -9.75
C ALA A 218 27.65 3.75 -9.22
N VAL A 219 26.76 3.09 -9.96
CA VAL A 219 25.32 2.97 -9.60
C VAL A 219 24.92 1.52 -9.82
N MET A 220 24.38 0.92 -8.79
CA MET A 220 23.83 -0.44 -8.86
C MET A 220 22.33 -0.34 -9.14
N VAL A 221 21.89 -1.06 -10.16
CA VAL A 221 20.50 -0.99 -10.69
C VAL A 221 19.63 -1.98 -9.91
N SER A 222 18.37 -1.63 -9.65
CA SER A 222 17.50 -2.41 -8.74
C SER A 222 16.81 -3.56 -9.47
N LEU A 223 16.12 -4.40 -8.71
CA LEU A 223 15.48 -5.66 -9.19
C LEU A 223 14.00 -5.43 -9.54
N ASN A 224 13.43 -4.31 -9.16
CA ASN A 224 11.97 -4.05 -9.29
C ASN A 224 11.58 -3.40 -10.63
N THR A 225 10.34 -3.66 -11.06
CA THR A 225 9.64 -2.86 -12.08
C THR A 225 9.43 -1.44 -11.54
N ILE A 226 9.53 -0.48 -12.42
CA ILE A 226 9.07 0.89 -12.15
C ILE A 226 7.97 1.16 -13.16
N ASN A 227 6.73 1.34 -12.70
CA ASN A 227 5.56 1.61 -13.58
C ASN A 227 5.52 0.59 -14.72
N GLY A 228 5.84 -0.68 -14.43
CA GLY A 228 5.73 -1.78 -15.39
C GLY A 228 7.03 -2.12 -16.11
N VAL A 229 8.08 -1.30 -15.99
CA VAL A 229 9.38 -1.58 -16.67
C VAL A 229 10.46 -1.89 -15.64
N PRO A 230 11.00 -3.11 -15.63
CA PRO A 230 12.11 -3.43 -14.73
C PRO A 230 13.25 -2.41 -14.88
N ALA A 231 13.85 -1.98 -13.75
CA ALA A 231 14.99 -1.02 -13.75
C ALA A 231 16.07 -1.47 -14.75
N THR A 232 16.35 -2.77 -14.81
CA THR A 232 17.44 -3.35 -15.62
C THR A 232 17.18 -3.16 -17.12
N ALA A 233 15.93 -2.95 -17.53
CA ALA A 233 15.54 -2.75 -18.95
C ALA A 233 14.95 -1.35 -19.15
N ASN A 234 15.22 -0.41 -18.27
CA ASN A 234 14.48 0.87 -18.21
C ASN A 234 15.39 1.97 -18.76
N ARG A 235 15.29 2.19 -20.07
CA ARG A 235 16.09 3.21 -20.76
C ARG A 235 15.72 4.59 -20.23
N TRP A 236 14.44 4.81 -19.94
CA TRP A 236 14.01 6.12 -19.44
C TRP A 236 14.82 6.42 -18.17
N LEU A 237 15.01 5.43 -17.28
CA LEU A 237 15.69 5.60 -15.96
C LEU A 237 17.22 5.70 -16.13
N LEU A 238 17.81 4.79 -16.88
CA LEU A 238 19.29 4.59 -16.90
C LEU A 238 19.96 5.50 -17.94
N THR A 239 19.26 5.90 -19.00
CA THR A 239 19.87 6.75 -20.06
C THR A 239 19.27 8.15 -19.95
N ASP A 240 17.97 8.33 -20.14
CA ASP A 240 17.37 9.70 -20.17
C ASP A 240 17.62 10.41 -18.83
N LEU A 241 17.22 9.79 -17.70
CA LEU A 241 17.41 10.47 -16.39
C LEU A 241 18.89 10.44 -15.98
N LEU A 242 19.47 9.27 -15.84
CA LEU A 242 20.79 9.12 -15.15
C LEU A 242 21.90 9.79 -16.00
N ARG A 243 21.94 9.53 -17.30
CA ARG A 243 23.05 10.06 -18.16
C ARG A 243 22.70 11.46 -18.68
N GLN A 244 21.66 11.60 -19.49
CA GLN A 244 21.38 12.86 -20.23
C GLN A 244 20.99 13.97 -19.23
N GLN A 245 20.08 13.71 -18.28
CA GLN A 245 19.54 14.75 -17.36
C GLN A 245 20.48 15.00 -16.19
N TRP A 246 20.95 13.95 -15.51
CA TRP A 246 21.80 14.14 -14.32
C TRP A 246 23.28 14.22 -14.70
N GLY A 247 23.67 13.78 -15.90
CA GLY A 247 25.07 13.86 -16.33
C GLY A 247 25.95 12.85 -15.61
N PHE A 248 25.41 11.70 -15.19
CA PHE A 248 26.22 10.63 -14.56
C PHE A 248 27.24 10.14 -15.59
N LYS A 249 28.52 10.14 -15.20
CA LYS A 249 29.64 9.76 -16.10
C LYS A 249 30.24 8.42 -15.71
N GLY A 250 29.72 7.77 -14.68
CA GLY A 250 30.39 6.58 -14.13
C GLY A 250 29.84 5.29 -14.68
N LEU A 251 29.90 4.27 -13.84
CA LEU A 251 29.65 2.87 -14.22
C LEU A 251 28.28 2.41 -13.70
N THR A 252 27.51 1.71 -14.53
CA THR A 252 26.26 1.05 -14.11
C THR A 252 26.49 -0.46 -13.95
N ILE A 253 26.01 -1.00 -12.84
CA ILE A 253 26.16 -2.43 -12.48
C ILE A 253 24.77 -3.02 -12.27
N SER A 254 24.46 -4.14 -12.91
CA SER A 254 23.21 -4.89 -12.68
C SER A 254 23.31 -5.61 -11.34
N ASN A 255 22.17 -5.88 -10.73
CA ASN A 255 22.09 -6.65 -9.47
C ASN A 255 22.23 -8.12 -9.87
N HIS A 256 22.41 -8.99 -8.88
CA HIS A 256 22.74 -10.44 -9.05
C HIS A 256 21.62 -11.12 -9.85
N GLY A 257 21.94 -11.63 -11.04
CA GLY A 257 20.98 -12.32 -11.93
C GLY A 257 19.89 -11.42 -12.54
N ALA A 258 20.06 -10.11 -12.59
CA ALA A 258 18.97 -9.17 -12.93
C ALA A 258 18.63 -9.18 -14.43
N VAL A 259 19.63 -9.37 -15.30
CA VAL A 259 19.44 -9.39 -16.78
C VAL A 259 18.59 -10.62 -17.11
N LYS A 260 18.93 -11.76 -16.53
CA LYS A 260 18.23 -13.04 -16.82
C LYS A 260 16.80 -12.96 -16.28
N GLU A 261 16.62 -12.25 -15.17
CA GLU A 261 15.29 -12.10 -14.52
C GLU A 261 14.34 -11.32 -15.42
N LEU A 262 14.82 -10.63 -16.46
CA LEU A 262 13.93 -9.90 -17.40
C LEU A 262 12.99 -10.90 -18.08
N ILE A 263 13.33 -12.19 -18.07
CA ILE A 263 12.45 -13.26 -18.64
C ILE A 263 11.26 -13.45 -17.70
N LYS A 264 11.49 -13.58 -16.39
CA LYS A 264 10.42 -13.83 -15.39
C LYS A 264 9.55 -12.57 -15.26
N HIS A 265 10.09 -11.37 -15.45
CA HIS A 265 9.31 -10.10 -15.55
C HIS A 265 8.38 -10.09 -16.77
N GLY A 266 8.62 -10.93 -17.78
CA GLY A 266 7.88 -10.94 -19.06
C GLY A 266 8.22 -9.74 -19.94
N LEU A 267 9.46 -9.25 -19.89
CA LEU A 267 9.99 -8.26 -20.87
C LEU A 267 10.71 -8.99 -22.01
N ALA A 268 11.10 -10.25 -21.82
CA ALA A 268 11.91 -11.02 -22.78
C ALA A 268 11.52 -12.49 -22.76
N GLY A 269 11.51 -13.14 -23.93
CA GLY A 269 11.22 -14.58 -24.09
C GLY A 269 12.46 -15.45 -23.93
N ASN A 270 13.66 -14.88 -24.02
CA ASN A 270 14.92 -15.68 -23.98
C ASN A 270 16.07 -14.80 -23.49
N GLU A 271 17.22 -15.42 -23.24
CA GLU A 271 18.40 -14.76 -22.62
C GLU A 271 19.04 -13.80 -23.62
N ARG A 272 18.99 -14.13 -24.90
CA ARG A 272 19.53 -13.28 -26.00
C ARG A 272 18.82 -11.92 -25.95
N ASP A 273 17.50 -11.92 -25.87
CA ASP A 273 16.66 -10.69 -25.88
C ASP A 273 16.82 -9.94 -24.55
N ALA A 274 16.92 -10.68 -23.45
CA ALA A 274 17.12 -10.06 -22.12
C ALA A 274 18.40 -9.23 -22.17
N THR A 275 19.44 -9.81 -22.76
CA THR A 275 20.79 -9.21 -22.87
C THR A 275 20.71 -7.92 -23.66
N ARG A 276 20.02 -7.96 -24.81
CA ARG A 276 19.83 -6.77 -25.68
C ARG A 276 19.15 -5.66 -24.87
N LEU A 277 18.08 -6.02 -24.15
CA LEU A 277 17.31 -5.00 -23.41
C LEU A 277 18.21 -4.33 -22.39
N ALA A 278 18.98 -5.10 -21.63
CA ALA A 278 19.84 -4.55 -20.56
C ALA A 278 20.93 -3.65 -21.16
N ILE A 279 21.63 -4.08 -22.20
CA ILE A 279 22.80 -3.27 -22.66
C ILE A 279 22.27 -1.98 -23.30
N GLN A 280 21.17 -2.01 -24.05
CA GLN A 280 20.63 -0.82 -24.75
C GLN A 280 19.95 0.13 -23.75
N ALA A 281 19.41 -0.36 -22.63
CA ALA A 281 18.87 0.52 -21.57
C ALA A 281 20.00 1.33 -20.92
N GLY A 282 21.19 0.74 -20.80
CA GLY A 282 22.36 1.43 -20.21
C GLY A 282 22.96 0.69 -19.02
N VAL A 283 22.84 -0.64 -18.96
CA VAL A 283 23.59 -1.49 -18.00
C VAL A 283 24.97 -1.86 -18.60
N ASP A 284 26.04 -1.41 -17.95
CA ASP A 284 27.43 -1.60 -18.40
C ASP A 284 27.94 -2.97 -17.96
N MET A 285 27.76 -3.29 -16.69
CA MET A 285 28.43 -4.44 -16.06
C MET A 285 27.37 -5.41 -15.52
N ASN A 286 27.65 -6.69 -15.70
CA ASN A 286 26.68 -7.80 -15.56
C ASN A 286 27.14 -8.74 -14.44
N MET A 287 26.37 -8.82 -13.37
CA MET A 287 26.73 -9.59 -12.16
C MET A 287 26.30 -11.06 -12.33
N ASN A 288 27.28 -11.97 -12.30
CA ASN A 288 27.22 -13.44 -12.05
CA ASN A 288 27.12 -13.42 -12.00
C ASN A 288 26.56 -14.22 -13.19
N ASP A 289 25.46 -13.76 -13.83
CA ASP A 289 24.68 -14.67 -14.74
C ASP A 289 25.38 -14.89 -16.11
N ASP A 290 26.32 -14.03 -16.50
CA ASP A 290 27.24 -14.18 -17.68
C ASP A 290 26.52 -14.12 -19.03
N LEU A 291 25.34 -13.49 -19.12
CA LEU A 291 24.59 -13.40 -20.40
C LEU A 291 25.34 -12.49 -21.40
N TYR A 292 26.00 -11.43 -20.93
CA TYR A 292 26.79 -10.51 -21.79
C TYR A 292 27.87 -11.29 -22.55
N SER A 293 28.64 -12.12 -21.85
CA SER A 293 29.72 -12.92 -22.46
C SER A 293 29.11 -13.89 -23.49
N THR A 294 28.03 -14.58 -23.11
CA THR A 294 27.33 -15.59 -23.93
C THR A 294 26.72 -14.94 -25.20
N TRP A 295 26.17 -13.73 -25.14
CA TRP A 295 25.21 -13.26 -26.19
C TRP A 295 25.63 -11.97 -26.90
N LEU A 296 26.47 -11.13 -26.34
CA LEU A 296 26.78 -9.84 -27.01
C LEU A 296 27.41 -10.08 -28.38
N PRO A 297 28.37 -11.04 -28.57
CA PRO A 297 28.98 -11.25 -29.89
C PRO A 297 27.93 -11.57 -30.97
N LYS A 298 27.02 -12.52 -30.70
CA LYS A 298 25.93 -12.88 -31.62
C LYS A 298 24.98 -11.70 -31.84
N LEU A 299 24.61 -10.94 -30.79
CA LEU A 299 23.73 -9.75 -30.94
C LEU A 299 24.41 -8.75 -31.90
N LEU A 300 25.71 -8.49 -31.73
CA LEU A 300 26.44 -7.51 -32.56
C LEU A 300 26.49 -8.02 -34.00
N ALA A 301 26.92 -9.26 -34.22
CA ALA A 301 27.09 -9.86 -35.56
C ALA A 301 25.75 -9.84 -36.31
N ALA A 302 24.61 -9.98 -35.63
CA ALA A 302 23.27 -9.96 -36.28
C ALA A 302 22.74 -8.53 -36.45
N GLY A 303 23.46 -7.47 -36.03
CA GLY A 303 22.98 -6.07 -36.15
C GLY A 303 21.87 -5.72 -35.15
N GLU A 304 21.69 -6.51 -34.08
CA GLU A 304 20.66 -6.26 -33.04
C GLU A 304 21.18 -5.24 -32.01
N ILE A 305 22.49 -5.13 -31.89
CA ILE A 305 23.25 -4.20 -31.00
C ILE A 305 24.21 -3.43 -31.90
N ASP A 306 24.66 -2.26 -31.45
CA ASP A 306 25.67 -1.44 -32.16
C ASP A 306 27.00 -1.57 -31.43
N GLN A 307 28.10 -1.42 -32.16
CA GLN A 307 29.47 -1.41 -31.57
C GLN A 307 29.51 -0.39 -30.42
N ALA A 308 28.81 0.74 -30.56
CA ALA A 308 28.78 1.85 -29.59
C ALA A 308 28.22 1.37 -28.24
N ASP A 309 27.33 0.37 -28.25
CA ASP A 309 26.76 -0.22 -27.01
C ASP A 309 27.89 -0.93 -26.22
N ILE A 310 28.70 -1.76 -26.90
CA ILE A 310 29.87 -2.47 -26.30
C ILE A 310 30.87 -1.41 -25.83
N ASP A 311 31.19 -0.46 -26.70
CA ASP A 311 32.26 0.54 -26.48
C ASP A 311 31.92 1.40 -25.25
N ARG A 312 30.67 1.84 -25.11
CA ARG A 312 30.23 2.70 -23.97
C ARG A 312 30.38 1.90 -22.66
N ALA A 313 29.87 0.67 -22.58
CA ALA A 313 29.96 -0.17 -21.36
C ALA A 313 31.44 -0.37 -20.97
N CYS A 314 32.27 -0.81 -21.93
CA CYS A 314 33.71 -1.10 -21.73
C CYS A 314 34.43 0.15 -21.23
N ARG A 315 34.24 1.29 -21.89
CA ARG A 315 34.82 2.60 -21.51
C ARG A 315 34.54 2.89 -20.04
N ASP A 316 33.31 2.68 -19.57
CA ASP A 316 32.91 2.97 -18.17
C ASP A 316 33.72 2.07 -17.22
N VAL A 317 33.88 0.79 -17.57
CA VAL A 317 34.72 -0.11 -16.71
C VAL A 317 36.16 0.41 -16.69
N LEU A 318 36.77 0.72 -17.85
CA LEU A 318 38.18 1.16 -17.87
C LEU A 318 38.32 2.50 -17.13
N ALA A 319 37.35 3.41 -17.26
CA ALA A 319 37.45 4.76 -16.64
C ALA A 319 37.38 4.62 -15.11
N ALA A 320 36.58 3.67 -14.62
CA ALA A 320 36.51 3.30 -13.18
C ALA A 320 37.86 2.75 -12.69
N LYS A 321 38.49 1.86 -13.43
CA LYS A 321 39.80 1.28 -13.03
C LYS A 321 40.86 2.36 -13.00
N TYR A 322 40.82 3.26 -13.97
CA TYR A 322 41.79 4.38 -14.11
C TYR A 322 41.67 5.26 -12.87
N ASP A 323 40.44 5.66 -12.51
CA ASP A 323 40.15 6.60 -11.40
C ASP A 323 40.54 5.98 -10.06
N LEU A 324 40.42 4.64 -9.96
CA LEU A 324 40.81 3.87 -8.76
C LEU A 324 42.33 3.67 -8.69
N GLY A 325 43.08 4.18 -9.66
CA GLY A 325 44.55 4.14 -9.65
C GLY A 325 45.09 2.80 -10.10
N LEU A 326 44.28 1.92 -10.70
CA LEU A 326 44.68 0.50 -10.87
C LEU A 326 45.56 0.34 -12.13
N PHE A 327 45.51 1.26 -13.09
CA PHE A 327 46.50 1.24 -14.20
C PHE A 327 47.86 1.72 -13.67
N ALA A 328 47.88 2.78 -12.87
CA ALA A 328 49.13 3.31 -12.26
C ALA A 328 49.81 2.20 -11.43
N ASP A 329 49.07 1.55 -10.52
CA ASP A 329 49.59 0.46 -9.68
C ASP A 329 48.47 -0.49 -9.29
N PRO A 330 48.41 -1.70 -9.90
CA PRO A 330 47.34 -2.65 -9.58
C PRO A 330 47.38 -3.21 -8.16
N TYR A 331 48.50 -2.98 -7.44
CA TYR A 331 48.76 -3.51 -6.07
C TYR A 331 48.66 -2.38 -5.05
N ARG A 332 48.18 -1.21 -5.44
CA ARG A 332 48.21 0.01 -4.57
C ARG A 332 47.44 -0.19 -3.26
N ARG A 333 46.44 -1.07 -3.24
CA ARG A 333 45.66 -1.40 -2.01
C ARG A 333 46.08 -2.74 -1.43
N LEU A 334 47.13 -3.37 -1.95
CA LEU A 334 47.53 -4.74 -1.55
C LEU A 334 48.95 -4.78 -0.94
N GLY A 335 49.50 -3.65 -0.52
CA GLY A 335 50.84 -3.55 0.09
C GLY A 335 51.95 -3.82 -0.90
N LYS A 336 53.20 -3.77 -0.42
CA LYS A 336 54.41 -4.12 -1.20
C LYS A 336 54.56 -5.64 -1.13
N PRO A 337 55.18 -6.29 -2.14
CA PRO A 337 55.52 -7.69 -1.99
C PRO A 337 56.62 -7.70 -0.92
N ASP A 338 56.64 -8.73 -0.08
CA ASP A 338 57.68 -8.91 0.98
C ASP A 338 57.27 -8.11 2.24
N ASP A 339 56.10 -7.47 2.23
CA ASP A 339 55.43 -7.08 3.51
C ASP A 339 55.07 -8.37 4.22
N PRO A 340 55.24 -8.43 5.56
CA PRO A 340 55.01 -9.66 6.31
C PRO A 340 53.53 -10.03 6.31
N PRO A 341 53.20 -11.34 6.31
CA PRO A 341 51.81 -11.77 6.36
C PRO A 341 51.18 -11.38 7.70
N PHE A 342 49.84 -11.32 7.75
CA PHE A 342 49.08 -10.97 8.98
C PHE A 342 47.82 -11.82 9.08
N ASP A 343 47.24 -11.84 10.28
CA ASP A 343 45.87 -12.38 10.50
C ASP A 343 44.91 -11.28 10.06
N THR A 344 44.14 -11.50 9.00
CA THR A 344 43.12 -10.55 8.51
C THR A 344 42.23 -10.08 9.68
N ASN A 345 41.88 -11.00 10.59
CA ASN A 345 40.91 -10.75 11.68
C ASN A 345 41.62 -10.38 13.00
N ALA A 346 42.88 -9.98 12.96
CA ALA A 346 43.60 -9.55 14.19
C ALA A 346 42.82 -8.41 14.83
N GLU A 347 42.70 -8.52 16.15
CA GLU A 347 42.15 -7.52 17.09
C GLU A 347 42.76 -6.14 16.80
N SER A 348 44.02 -6.07 16.38
CA SER A 348 44.76 -4.78 16.18
C SER A 348 44.31 -4.04 14.91
N ARG A 349 43.56 -4.70 14.01
CA ARG A 349 43.12 -4.07 12.75
C ARG A 349 41.69 -3.54 12.92
N LEU A 350 41.09 -3.73 14.09
CA LEU A 350 39.74 -3.20 14.42
C LEU A 350 39.84 -1.73 14.83
N HIS A 351 38.68 -1.07 14.90
CA HIS A 351 38.54 0.33 15.35
C HIS A 351 37.41 0.39 16.39
N ARG A 352 37.58 -0.31 17.52
CA ARG A 352 36.53 -0.43 18.55
C ARG A 352 36.13 0.93 19.12
N GLN A 353 37.07 1.87 19.28
CA GLN A 353 36.71 3.17 19.89
C GLN A 353 35.72 3.92 18.99
N ALA A 354 35.97 3.96 17.68
CA ALA A 354 35.08 4.59 16.67
C ALA A 354 33.71 3.90 16.70
N ALA A 355 33.66 2.57 16.74
CA ALA A 355 32.38 1.81 16.73
C ALA A 355 31.59 2.12 18.01
N ARG A 356 32.26 2.22 19.15
CA ARG A 356 31.57 2.48 20.42
C ARG A 356 30.99 3.89 20.39
N GLU A 357 31.75 4.89 19.98
CA GLU A 357 31.29 6.31 20.03
C GLU A 357 30.13 6.51 19.05
N VAL A 358 30.19 5.90 17.87
CA VAL A 358 29.12 6.02 16.84
C VAL A 358 27.86 5.34 17.40
N ALA A 359 28.01 4.16 17.97
CA ALA A 359 26.87 3.33 18.43
C ALA A 359 26.07 4.07 19.49
N ARG A 360 26.73 4.77 20.40
CA ARG A 360 26.05 5.58 21.44
C ARG A 360 25.10 6.61 20.84
N GLU A 361 25.44 7.18 19.68
CA GLU A 361 24.72 8.35 19.07
C GLU A 361 23.37 7.91 18.47
N GLY A 362 23.23 6.65 18.09
CA GLY A 362 22.01 6.17 17.39
C GLY A 362 20.96 5.62 18.33
N LEU A 363 21.26 5.44 19.61
CA LEU A 363 20.30 4.82 20.56
C LEU A 363 19.20 5.84 20.84
N VAL A 364 17.95 5.39 20.79
CA VAL A 364 16.77 6.29 20.96
C VAL A 364 16.05 5.88 22.22
N LEU A 365 15.83 6.83 23.11
CA LEU A 365 15.06 6.61 24.34
C LEU A 365 13.60 6.89 24.04
N LEU A 366 12.76 5.87 24.12
CA LEU A 366 11.35 5.97 23.69
C LEU A 366 10.48 6.21 24.91
N LYS A 367 10.90 5.70 26.07
CA LYS A 367 10.12 5.83 27.31
C LYS A 367 11.04 5.69 28.52
N ASN A 368 10.78 6.46 29.58
CA ASN A 368 11.56 6.49 30.83
C ASN A 368 10.66 7.04 31.95
N ARG A 369 9.80 6.19 32.49
CA ARG A 369 8.80 6.63 33.48
CA ARG A 369 8.79 6.61 33.50
C ARG A 369 9.52 6.86 34.82
N ASP A 370 9.45 8.09 35.32
CA ASP A 370 9.83 8.44 36.71
C ASP A 370 11.34 8.33 36.92
N GLY A 371 12.15 8.73 35.94
CA GLY A 371 13.62 8.75 36.05
C GLY A 371 14.25 7.39 36.36
N LEU A 372 13.61 6.27 35.99
CA LEU A 372 14.21 4.91 36.20
C LEU A 372 15.58 4.85 35.55
N LEU A 373 15.73 5.37 34.33
CA LEU A 373 17.07 5.50 33.70
C LEU A 373 17.55 6.92 33.95
N PRO A 374 18.87 7.14 34.09
CA PRO A 374 19.85 6.06 34.09
C PRO A 374 19.87 5.17 35.36
N LEU A 375 20.32 3.92 35.21
CA LEU A 375 20.45 2.92 36.32
C LEU A 375 21.72 3.21 37.13
N LYS A 376 21.72 2.79 38.39
CA LYS A 376 22.92 2.88 39.26
C LYS A 376 23.66 1.53 39.17
N LYS A 377 24.99 1.59 39.13
CA LYS A 377 25.87 0.41 39.11
C LYS A 377 25.89 -0.22 40.51
N GLN A 378 24.80 -0.87 40.89
CA GLN A 378 24.63 -1.43 42.26
C GLN A 378 23.49 -2.44 42.23
N GLY A 379 23.33 -3.16 43.35
CA GLY A 379 22.20 -4.07 43.57
C GLY A 379 22.27 -5.28 42.65
N ARG A 380 21.11 -5.84 42.34
CA ARG A 380 20.93 -7.09 41.57
C ARG A 380 20.12 -6.76 40.31
N ILE A 381 20.68 -7.09 39.14
CA ILE A 381 20.09 -6.76 37.81
C ILE A 381 19.84 -8.06 37.07
N ALA A 382 18.57 -8.35 36.79
CA ALA A 382 18.13 -9.49 35.98
C ALA A 382 18.29 -9.08 34.51
N VAL A 383 19.05 -9.84 33.75
CA VAL A 383 19.20 -9.63 32.28
C VAL A 383 18.49 -10.81 31.62
N ILE A 384 17.37 -10.54 30.98
CA ILE A 384 16.47 -11.62 30.49
C ILE A 384 16.09 -11.40 29.02
N GLY A 385 16.20 -12.44 28.21
CA GLY A 385 15.64 -12.39 26.84
C GLY A 385 16.57 -13.02 25.82
N PRO A 386 16.00 -13.48 24.69
CA PRO A 386 16.71 -14.25 23.69
C PRO A 386 17.82 -13.45 23.00
N LEU A 387 17.83 -12.13 23.10
CA LEU A 387 18.86 -11.31 22.43
C LEU A 387 19.94 -10.82 23.39
N ALA A 388 19.78 -11.04 24.69
CA ALA A 388 20.74 -10.59 25.72
C ALA A 388 22.17 -11.06 25.42
N LYS A 389 22.33 -12.34 25.06
CA LYS A 389 23.68 -12.93 24.86
C LYS A 389 23.93 -13.22 23.38
N SER A 390 23.33 -12.45 22.47
CA SER A 390 23.38 -12.78 21.03
C SER A 390 24.45 -11.93 20.34
N GLN A 391 25.52 -12.57 19.92
CA GLN A 391 26.62 -11.91 19.17
C GLN A 391 26.21 -11.76 17.71
N ARG A 392 25.55 -12.75 17.14
CA ARG A 392 25.17 -12.77 15.70
C ARG A 392 24.13 -11.66 15.46
N ASP A 393 23.29 -11.34 16.44
CA ASP A 393 22.21 -10.34 16.19
C ASP A 393 22.74 -8.93 16.33
N VAL A 394 23.61 -8.66 17.31
CA VAL A 394 24.02 -7.26 17.62
C VAL A 394 24.71 -6.61 16.40
N ILE A 395 25.36 -7.39 15.53
CA ILE A 395 26.04 -6.83 14.31
C ILE A 395 25.07 -6.71 13.15
N GLY A 396 23.80 -7.12 13.30
CA GLY A 396 22.72 -6.85 12.32
C GLY A 396 22.89 -7.60 11.02
N SER A 397 22.02 -7.33 10.06
CA SER A 397 22.12 -7.88 8.69
C SER A 397 23.23 -7.13 7.97
N TRP A 398 23.72 -7.70 6.87
CA TRP A 398 24.73 -7.08 5.99
C TRP A 398 25.95 -6.69 6.83
N SER A 399 26.47 -7.66 7.57
CA SER A 399 27.58 -7.48 8.54
C SER A 399 28.92 -7.74 7.85
N ALA A 400 28.95 -7.81 6.51
CA ALA A 400 30.20 -7.79 5.70
C ALA A 400 31.19 -8.79 6.31
N ALA A 401 32.44 -8.39 6.59
CA ALA A 401 33.45 -9.32 7.16
C ALA A 401 33.40 -9.33 8.71
N GLY A 402 32.36 -8.78 9.33
CA GLY A 402 32.18 -8.77 10.79
C GLY A 402 32.18 -10.18 11.36
N VAL A 403 32.89 -10.38 12.47
CA VAL A 403 33.02 -11.69 13.16
C VAL A 403 32.15 -11.66 14.42
N PRO A 404 31.06 -12.46 14.52
CA PRO A 404 30.23 -12.48 15.72
C PRO A 404 31.02 -12.59 17.03
N ARG A 405 32.00 -13.49 17.09
CA ARG A 405 32.77 -13.76 18.35
C ARG A 405 33.53 -12.50 18.79
N GLN A 406 33.80 -11.54 17.89
CA GLN A 406 34.48 -10.28 18.25
C GLN A 406 33.49 -9.24 18.78
N ALA A 407 32.18 -9.48 18.73
CA ALA A 407 31.15 -8.48 19.10
C ALA A 407 30.88 -8.53 20.60
N VAL A 408 30.44 -7.39 21.15
CA VAL A 408 30.06 -7.27 22.58
C VAL A 408 28.53 -7.34 22.70
N THR A 409 28.04 -8.37 23.36
CA THR A 409 26.60 -8.58 23.60
C THR A 409 26.10 -7.53 24.60
N VAL A 410 24.78 -7.38 24.71
CA VAL A 410 24.18 -6.54 25.79
C VAL A 410 24.58 -7.11 27.15
N TYR A 411 24.49 -8.42 27.36
CA TYR A 411 24.87 -9.02 28.68
C TYR A 411 26.30 -8.64 29.03
N GLN A 412 27.19 -8.91 28.08
CA GLN A 412 28.65 -8.69 28.25
C GLN A 412 28.89 -7.20 28.48
N GLY A 413 28.22 -6.32 27.73
CA GLY A 413 28.34 -4.86 27.89
C GLY A 413 27.95 -4.44 29.29
N LEU A 414 26.87 -5.00 29.83
CA LEU A 414 26.43 -4.73 31.22
C LEU A 414 27.46 -5.30 32.22
N ALA A 415 27.97 -6.52 32.01
CA ALA A 415 28.99 -7.12 32.90
C ALA A 415 30.24 -6.22 32.92
N ASN A 416 30.67 -5.72 31.76
CA ASN A 416 31.88 -4.86 31.62
C ASN A 416 31.69 -3.58 32.40
N ALA A 417 30.47 -3.04 32.42
CA ALA A 417 30.13 -1.76 33.09
C ALA A 417 30.12 -1.93 34.62
N VAL A 418 29.46 -2.94 35.17
CA VAL A 418 29.23 -3.05 36.65
C VAL A 418 30.47 -3.62 37.35
N GLY A 419 31.19 -4.56 36.73
CA GLY A 419 32.23 -5.36 37.39
C GLY A 419 31.67 -6.00 38.66
N GLU A 420 32.25 -5.71 39.82
CA GLU A 420 31.88 -6.33 41.12
C GLU A 420 30.87 -5.45 41.86
N ARG A 421 30.59 -4.23 41.37
CA ARG A 421 29.72 -3.25 42.08
C ARG A 421 28.26 -3.69 42.01
N ALA A 422 27.92 -4.61 41.11
CA ALA A 422 26.56 -5.18 41.01
C ALA A 422 26.63 -6.61 40.50
N THR A 423 25.54 -7.33 40.74
CA THR A 423 25.33 -8.73 40.34
C THR A 423 24.34 -8.78 39.19
N LEU A 424 24.73 -9.43 38.09
CA LEU A 424 23.84 -9.74 36.95
C LEU A 424 23.35 -11.16 37.11
N LEU A 425 22.06 -11.38 36.92
CA LEU A 425 21.45 -12.72 36.87
C LEU A 425 20.89 -12.91 35.46
N TYR A 426 21.16 -14.03 34.82
CA TYR A 426 20.79 -14.25 33.41
C TYR A 426 19.69 -15.29 33.32
N ALA A 427 18.75 -15.08 32.41
CA ALA A 427 17.79 -16.12 31.97
C ALA A 427 17.32 -15.79 30.57
N LYS A 428 17.42 -16.75 29.67
CA LYS A 428 17.02 -16.58 28.27
C LYS A 428 15.55 -16.17 28.19
N GLY A 429 14.68 -16.76 29.02
CA GLY A 429 13.26 -16.37 29.14
C GLY A 429 12.39 -16.94 28.03
N ALA A 430 12.84 -16.80 26.79
CA ALA A 430 12.18 -17.43 25.63
C ALA A 430 13.14 -17.52 24.45
N ASN A 431 12.78 -18.34 23.49
CA ASN A 431 13.39 -18.33 22.16
C ASN A 431 12.90 -17.08 21.41
N VAL A 432 13.63 -16.72 20.36
CA VAL A 432 13.35 -15.48 19.58
C VAL A 432 11.97 -15.65 18.98
N SER A 433 11.61 -16.88 18.58
CA SER A 433 10.27 -17.23 18.10
C SER A 433 9.83 -18.57 18.68
N GLY A 434 8.54 -18.71 18.90
CA GLY A 434 7.86 -19.95 19.32
C GLY A 434 7.19 -20.66 18.15
N ASP A 435 7.21 -20.06 16.96
CA ASP A 435 6.67 -20.63 15.71
C ASP A 435 7.80 -21.43 15.02
N GLN A 436 7.62 -22.75 14.89
CA GLN A 436 8.63 -23.67 14.31
C GLN A 436 8.89 -23.29 12.84
N ALA A 437 7.86 -22.91 12.08
CA ALA A 437 8.03 -22.52 10.66
C ALA A 437 8.97 -21.29 10.57
N ILE A 438 8.85 -20.34 11.48
CA ILE A 438 9.71 -19.11 11.50
C ILE A 438 11.13 -19.51 11.89
N LEU A 439 11.32 -20.42 12.84
CA LEU A 439 12.68 -20.95 13.19
C LEU A 439 13.30 -21.72 12.01
N ASP A 440 12.53 -22.54 11.30
CA ASP A 440 13.04 -23.25 10.11
C ASP A 440 13.52 -22.23 9.07
N TYR A 441 12.76 -21.15 8.87
CA TYR A 441 13.12 -20.04 7.95
C TYR A 441 14.43 -19.37 8.41
N LEU A 442 14.55 -19.00 9.69
CA LEU A 442 15.74 -18.28 10.19
C LEU A 442 16.98 -19.20 10.14
N ASN A 443 16.79 -20.53 10.32
CA ASN A 443 17.91 -21.48 10.36
C ASN A 443 18.13 -22.16 9.00
N SER A 444 17.45 -21.76 7.94
CA SER A 444 17.44 -22.50 6.66
C SER A 444 18.83 -22.52 5.97
N TYR A 445 19.63 -21.44 6.01
CA TYR A 445 20.97 -21.39 5.34
C TYR A 445 22.15 -21.64 6.30
N ASN A 446 22.21 -20.92 7.42
CA ASN A 446 23.28 -21.01 8.45
C ASN A 446 22.62 -21.08 9.82
N PRO A 447 23.32 -21.56 10.87
CA PRO A 447 22.81 -21.48 12.24
C PRO A 447 22.87 -20.02 12.73
N GLU A 448 21.74 -19.31 12.70
CA GLU A 448 21.66 -17.86 13.04
C GLU A 448 20.98 -17.68 14.40
N VAL A 449 20.17 -18.66 14.79
CA VAL A 449 19.33 -18.55 16.01
C VAL A 449 19.60 -19.77 16.89
N GLU A 450 20.18 -19.52 18.06
CA GLU A 450 20.37 -20.52 19.13
C GLU A 450 18.97 -20.91 19.62
N VAL A 451 18.54 -22.15 19.34
CA VAL A 451 17.24 -22.69 19.80
C VAL A 451 17.48 -23.48 21.09
N ASP A 452 16.99 -22.95 22.21
CA ASP A 452 16.98 -23.65 23.51
C ASP A 452 15.98 -24.79 23.40
N PRO A 453 16.41 -26.05 23.64
CA PRO A 453 15.54 -27.21 23.44
C PRO A 453 14.44 -27.32 24.51
N ARG A 454 14.56 -26.56 25.62
CA ARG A 454 13.58 -26.60 26.74
C ARG A 454 12.24 -26.05 26.27
N SER A 455 11.17 -26.41 26.98
CA SER A 455 9.79 -25.95 26.71
C SER A 455 9.67 -24.46 27.02
N ALA A 456 8.71 -23.80 26.38
CA ALA A 456 8.45 -22.35 26.57
C ALA A 456 8.16 -22.11 28.05
N GLU A 457 7.34 -22.97 28.64
CA GLU A 457 6.84 -22.85 30.04
C GLU A 457 8.03 -22.94 31.00
N ALA A 458 8.98 -23.84 30.74
CA ALA A 458 10.16 -24.07 31.62
C ALA A 458 11.06 -22.84 31.57
N MET A 459 11.25 -22.25 30.38
CA MET A 459 12.06 -21.02 30.22
C MET A 459 11.37 -19.87 30.97
N LEU A 460 10.06 -19.74 30.89
CA LEU A 460 9.30 -18.67 31.61
C LEU A 460 9.52 -18.81 33.11
N GLU A 461 9.23 -20.00 33.65
CA GLU A 461 9.35 -20.30 35.11
C GLU A 461 10.79 -19.93 35.54
N GLU A 462 11.81 -20.23 34.73
CA GLU A 462 13.20 -19.86 35.07
C GLU A 462 13.33 -18.34 35.08
N ALA A 463 12.79 -17.67 34.07
CA ALA A 463 12.86 -16.19 33.98
C ALA A 463 12.17 -15.54 35.18
N LEU A 464 11.00 -16.06 35.60
CA LEU A 464 10.21 -15.46 36.72
C LEU A 464 10.95 -15.63 38.05
N ARG A 465 11.63 -16.76 38.23
CA ARG A 465 12.44 -17.02 39.46
C ARG A 465 13.63 -16.07 39.46
N THR A 466 14.21 -15.77 38.28
CA THR A 466 15.36 -14.85 38.14
C THR A 466 14.93 -13.42 38.46
N ALA A 467 13.81 -12.98 37.90
CA ALA A 467 13.24 -11.63 38.15
C ALA A 467 13.00 -11.47 39.65
N ARG A 468 12.35 -12.46 40.27
CA ARG A 468 12.04 -12.44 41.72
C ARG A 468 13.32 -12.19 42.54
N ASP A 469 14.47 -12.73 42.12
CA ASP A 469 15.75 -12.59 42.86
C ASP A 469 16.46 -11.27 42.56
N ALA A 470 15.86 -10.35 41.79
CA ALA A 470 16.57 -9.12 41.36
C ALA A 470 15.84 -7.87 41.84
N ASP A 471 16.51 -6.72 41.76
CA ASP A 471 15.91 -5.40 42.03
C ASP A 471 15.15 -4.90 40.79
N LEU A 472 15.66 -5.19 39.59
CA LEU A 472 14.98 -4.77 38.33
C LEU A 472 15.36 -5.68 37.16
N VAL A 473 14.53 -5.63 36.13
CA VAL A 473 14.62 -6.53 34.95
C VAL A 473 15.03 -5.69 33.75
N VAL A 474 16.19 -5.98 33.18
CA VAL A 474 16.54 -5.53 31.81
C VAL A 474 16.15 -6.67 30.88
N ALA A 475 15.11 -6.48 30.08
CA ALA A 475 14.63 -7.48 29.12
C ALA A 475 15.17 -7.12 27.74
N VAL A 476 15.97 -8.02 27.16
CA VAL A 476 16.62 -7.78 25.84
C VAL A 476 15.86 -8.60 24.81
N VAL A 477 15.03 -7.91 24.02
CA VAL A 477 13.95 -8.53 23.21
C VAL A 477 13.88 -7.79 21.88
N GLY A 478 13.24 -8.43 20.91
CA GLY A 478 12.93 -7.85 19.60
C GLY A 478 13.07 -8.87 18.51
N GLU A 479 13.66 -8.48 17.38
CA GLU A 479 13.89 -9.35 16.20
C GLU A 479 15.31 -9.88 16.18
N SER A 480 15.52 -11.09 15.67
CA SER A 480 16.85 -11.55 15.20
C SER A 480 17.13 -10.83 13.89
N GLN A 481 18.40 -10.69 13.52
CA GLN A 481 18.79 -9.89 12.32
C GLN A 481 18.26 -10.56 11.06
N GLY A 482 18.04 -11.89 11.08
CA GLY A 482 17.50 -12.64 9.93
C GLY A 482 16.05 -12.30 9.64
N MET A 483 15.32 -11.71 10.59
CA MET A 483 13.93 -11.20 10.38
C MET A 483 13.91 -9.87 9.59
N ALA A 484 15.01 -9.11 9.53
CA ALA A 484 15.10 -7.81 8.81
C ALA A 484 16.29 -7.86 7.83
N HIS A 485 16.15 -8.78 6.88
CA HIS A 485 17.13 -9.27 5.88
C HIS A 485 16.47 -9.11 4.50
N GLU A 486 17.23 -9.24 3.42
CA GLU A 486 16.66 -9.40 2.06
C GLU A 486 15.68 -10.58 2.06
N ALA A 487 14.49 -10.38 1.46
CA ALA A 487 13.38 -11.35 1.27
C ALA A 487 12.65 -11.70 2.58
N SER A 488 13.02 -11.13 3.72
CA SER A 488 12.36 -11.39 5.03
C SER A 488 11.35 -10.27 5.34
N SER A 489 10.28 -10.24 4.55
CA SER A 489 9.14 -9.31 4.70
C SER A 489 8.17 -9.89 5.74
N ARG A 490 7.60 -9.02 6.56
CA ARG A 490 6.76 -9.43 7.72
C ARG A 490 5.32 -8.94 7.52
N THR A 491 4.37 -9.75 7.95
CA THR A 491 2.92 -9.45 7.99
C THR A 491 2.52 -8.92 9.35
N ASP A 492 3.41 -9.00 10.32
CA ASP A 492 3.18 -8.62 11.74
C ASP A 492 4.35 -7.74 12.16
N LEU A 493 4.13 -6.60 12.80
CA LEU A 493 5.26 -5.73 13.24
C LEU A 493 5.45 -5.79 14.76
N ARG A 494 4.80 -6.70 15.47
CA ARG A 494 4.98 -6.76 16.93
C ARG A 494 6.28 -7.50 17.25
N ILE A 495 6.81 -7.30 18.44
CA ILE A 495 7.80 -8.23 19.04
C ILE A 495 7.20 -9.64 18.89
N PRO A 496 8.00 -10.66 18.53
CA PRO A 496 7.46 -12.01 18.39
C PRO A 496 6.72 -12.52 19.64
N ALA A 497 5.74 -13.38 19.41
CA ALA A 497 4.73 -13.82 20.42
C ALA A 497 5.39 -14.50 21.63
N SER A 498 6.43 -15.31 21.39
CA SER A 498 7.16 -16.02 22.46
C SER A 498 7.71 -14.97 23.44
N GLN A 499 8.18 -13.83 22.91
CA GLN A 499 8.83 -12.79 23.73
C GLN A 499 7.79 -11.89 24.38
N ARG A 500 6.65 -11.65 23.74
CA ARG A 500 5.57 -10.82 24.36
C ARG A 500 4.98 -11.58 25.55
N ARG A 501 4.84 -12.89 25.41
CA ARG A 501 4.38 -13.79 26.49
C ARG A 501 5.32 -13.67 27.70
N LEU A 502 6.63 -13.73 27.44
CA LEU A 502 7.70 -13.48 28.44
C LEU A 502 7.52 -12.11 29.09
N LEU A 503 7.41 -11.04 28.30
CA LEU A 503 7.30 -9.65 28.83
C LEU A 503 6.07 -9.55 29.73
N LYS A 504 4.95 -10.15 29.34
CA LYS A 504 3.69 -10.10 30.14
C LYS A 504 3.91 -10.76 31.50
N ALA A 505 4.55 -11.93 31.52
CA ALA A 505 4.87 -12.68 32.75
C ALA A 505 5.79 -11.83 33.63
N LEU A 506 6.81 -11.19 33.02
CA LEU A 506 7.77 -10.29 33.73
C LEU A 506 7.06 -9.07 34.32
N LYS A 507 6.07 -8.52 33.61
CA LYS A 507 5.27 -7.37 34.10
C LYS A 507 4.54 -7.76 35.39
N ALA A 508 3.95 -8.95 35.43
CA ALA A 508 3.09 -9.43 36.53
C ALA A 508 3.90 -9.65 37.83
N THR A 509 5.22 -9.79 37.76
CA THR A 509 6.09 -9.92 38.96
C THR A 509 6.19 -8.60 39.70
N GLY A 510 5.81 -7.49 39.06
CA GLY A 510 5.85 -6.15 39.68
C GLY A 510 7.24 -5.53 39.66
N LYS A 511 8.28 -6.23 39.19
CA LYS A 511 9.65 -5.64 39.20
C LYS A 511 9.70 -4.51 38.16
N PRO A 512 10.52 -3.45 38.38
CA PRO A 512 10.78 -2.46 37.34
C PRO A 512 11.32 -3.13 36.08
N LEU A 513 10.79 -2.74 34.92
CA LEU A 513 11.08 -3.41 33.62
C LEU A 513 11.66 -2.41 32.63
N VAL A 514 12.93 -2.57 32.30
CA VAL A 514 13.63 -1.83 31.21
C VAL A 514 13.66 -2.72 29.96
N LEU A 515 13.11 -2.23 28.85
CA LEU A 515 13.18 -2.95 27.55
C LEU A 515 14.34 -2.40 26.74
N VAL A 516 15.22 -3.29 26.36
CA VAL A 516 16.30 -2.99 25.40
C VAL A 516 15.88 -3.69 24.10
N LEU A 517 15.49 -2.91 23.11
CA LEU A 517 14.93 -3.44 21.84
C LEU A 517 16.06 -3.61 20.84
N MET A 518 16.12 -4.77 20.21
CA MET A 518 16.98 -4.99 19.02
C MET A 518 16.04 -5.28 17.87
N ASN A 519 16.22 -4.60 16.75
CA ASN A 519 15.28 -4.66 15.62
C ASN A 519 15.86 -3.88 14.44
N GLY A 520 15.56 -4.31 13.22
CA GLY A 520 16.00 -3.64 11.99
C GLY A 520 14.84 -2.99 11.26
N ARG A 521 13.70 -2.77 11.92
CA ARG A 521 12.55 -2.05 11.32
C ARG A 521 11.73 -1.45 12.45
N PRO A 522 10.86 -0.45 12.15
CA PRO A 522 9.88 0.00 13.13
C PRO A 522 9.05 -1.18 13.63
N LEU A 523 8.81 -1.21 14.93
CA LEU A 523 8.00 -2.26 15.57
C LEU A 523 6.74 -1.61 16.13
N SER A 524 5.70 -2.43 16.23
CA SER A 524 4.39 -2.10 16.86
CA SER A 524 4.40 -2.09 16.86
C SER A 524 4.51 -2.32 18.38
N LEU A 525 4.51 -1.23 19.17
CA LEU A 525 4.90 -1.30 20.60
C LEU A 525 3.81 -0.74 21.53
N GLY A 526 2.52 -0.89 21.20
CA GLY A 526 1.41 -0.35 22.00
C GLY A 526 1.42 -0.90 23.42
N TRP A 527 1.50 -2.21 23.57
CA TRP A 527 1.53 -2.86 24.91
C TRP A 527 2.76 -2.41 25.69
N GLU A 528 3.91 -2.39 25.04
CA GLU A 528 5.19 -2.02 25.67
C GLU A 528 5.11 -0.56 26.13
N GLN A 529 4.61 0.36 25.27
CA GLN A 529 4.51 1.79 25.66
C GLN A 529 3.62 1.94 26.91
N GLU A 530 2.57 1.11 27.07
CA GLU A 530 1.68 1.19 28.26
C GLU A 530 2.35 0.57 29.49
N ASN A 531 3.08 -0.54 29.35
CA ASN A 531 3.40 -1.45 30.49
C ASN A 531 4.88 -1.45 30.89
N ALA A 532 5.83 -1.20 29.99
CA ALA A 532 7.27 -1.11 30.37
C ALA A 532 7.48 0.21 31.09
N ASP A 533 8.41 0.23 32.06
CA ASP A 533 8.77 1.47 32.79
C ASP A 533 9.79 2.26 31.96
N ALA A 534 10.64 1.58 31.20
CA ALA A 534 11.57 2.27 30.29
C ALA A 534 11.79 1.44 29.03
N ILE A 535 11.99 2.13 27.91
CA ILE A 535 12.20 1.51 26.56
C ILE A 535 13.36 2.19 25.88
N LEU A 536 14.37 1.43 25.51
CA LEU A 536 15.54 1.94 24.76
C LEU A 536 15.61 1.23 23.42
N GLU A 537 15.54 2.00 22.33
CA GLU A 537 15.65 1.48 20.94
C GLU A 537 17.14 1.40 20.59
N THR A 538 17.66 0.21 20.30
CA THR A 538 19.10 0.01 20.02
C THR A 538 19.34 -0.54 18.62
N TRP A 539 18.29 -0.76 17.83
CA TRP A 539 18.43 -1.24 16.44
C TRP A 539 19.28 -2.51 16.50
N PHE A 540 20.28 -2.64 15.63
CA PHE A 540 21.42 -3.56 15.81
C PHE A 540 22.67 -2.67 15.86
N SER A 541 23.32 -2.58 17.02
CA SER A 541 24.26 -1.47 17.32
CA SER A 541 24.26 -1.46 17.33
C SER A 541 25.72 -1.82 17.02
N GLY A 542 25.98 -3.02 16.51
CA GLY A 542 27.31 -3.34 15.95
C GLY A 542 28.24 -4.04 16.92
N THR A 543 29.51 -4.09 16.51
CA THR A 543 30.61 -4.81 17.17
C THR A 543 30.72 -4.36 18.61
N GLU A 544 30.54 -3.07 18.87
CA GLU A 544 30.65 -2.50 20.24
C GLU A 544 29.24 -2.20 20.79
N GLY A 545 28.19 -2.77 20.21
CA GLY A 545 26.80 -2.49 20.61
C GLY A 545 26.58 -2.55 22.11
N GLY A 546 26.91 -3.67 22.74
CA GLY A 546 26.66 -3.89 24.18
C GLY A 546 27.35 -2.84 25.04
N ASN A 547 28.55 -2.40 24.66
CA ASN A 547 29.28 -1.39 25.47
C ASN A 547 28.56 -0.04 25.38
N ALA A 548 28.09 0.33 24.17
CA ALA A 548 27.42 1.63 23.93
C ALA A 548 26.06 1.64 24.61
N ILE A 549 25.36 0.51 24.60
CA ILE A 549 24.05 0.35 25.27
C ILE A 549 24.26 0.51 26.80
N ALA A 550 25.22 -0.20 27.40
CA ALA A 550 25.56 -0.03 28.84
C ALA A 550 25.93 1.43 29.12
N ASP A 551 26.69 2.08 28.24
CA ASP A 551 27.09 3.50 28.41
C ASP A 551 25.85 4.40 28.55
N VAL A 552 24.77 4.10 27.84
CA VAL A 552 23.51 4.90 27.90
C VAL A 552 22.71 4.44 29.12
N LEU A 553 22.59 3.14 29.32
CA LEU A 553 21.75 2.63 30.43
C LEU A 553 22.28 3.16 31.77
N PHE A 554 23.60 3.26 31.96
CA PHE A 554 24.19 3.72 33.24
C PHE A 554 24.47 5.23 33.22
N GLY A 555 24.08 5.96 32.18
CA GLY A 555 24.12 7.42 32.18
C GLY A 555 25.45 8.02 31.79
N GLU A 556 26.47 7.22 31.45
CA GLU A 556 27.75 7.73 30.85
C GLU A 556 27.47 8.58 29.60
N HIS A 557 26.56 8.15 28.73
CA HIS A 557 26.08 8.95 27.56
C HIS A 557 24.58 9.24 27.75
N ASN A 558 24.17 10.48 27.59
CA ASN A 558 22.75 10.87 27.66
C ASN A 558 22.10 10.59 26.29
N PRO A 559 21.08 9.70 26.21
CA PRO A 559 20.48 9.34 24.93
C PRO A 559 20.10 10.60 24.12
N SER A 560 20.56 10.64 22.86
CA SER A 560 20.40 11.77 21.93
C SER A 560 19.76 11.34 20.59
N GLY A 561 19.57 10.04 20.35
CA GLY A 561 19.05 9.56 19.06
C GLY A 561 17.57 9.92 18.87
N LYS A 562 17.18 10.18 17.64
CA LYS A 562 15.75 10.43 17.29
C LYS A 562 15.40 9.63 16.06
N LEU A 563 14.17 9.13 16.06
CA LEU A 563 13.65 8.24 14.99
C LEU A 563 13.69 8.94 13.64
N THR A 564 14.04 8.22 12.59
CA THR A 564 13.99 8.77 11.19
C THR A 564 12.95 8.02 10.37
N MET A 565 12.17 7.19 11.03
CA MET A 565 11.04 6.47 10.46
C MET A 565 9.95 6.35 11.52
N SER A 566 8.72 6.67 11.12
CA SER A 566 7.50 6.64 11.96
C SER A 566 7.27 5.22 12.46
N PHE A 567 6.88 5.04 13.72
CA PHE A 567 6.55 3.72 14.31
C PHE A 567 5.05 3.52 14.31
N PRO A 568 4.50 2.64 13.44
CA PRO A 568 3.07 2.42 13.37
C PRO A 568 2.52 1.83 14.67
N ARG A 569 1.25 2.07 14.95
CA ARG A 569 0.55 1.38 16.07
C ARG A 569 0.29 -0.08 15.66
N SER A 570 0.08 -0.36 14.38
CA SER A 570 -0.03 -1.76 13.89
C SER A 570 0.19 -1.84 12.39
N VAL A 571 0.38 -3.05 11.91
CA VAL A 571 0.70 -3.33 10.49
C VAL A 571 -0.47 -2.88 9.61
N GLY A 572 -1.67 -2.86 10.17
CA GLY A 572 -2.88 -2.47 9.43
C GLY A 572 -2.97 -0.99 9.17
N GLN A 573 -2.11 -0.17 9.80
CA GLN A 573 -2.02 1.29 9.52
C GLN A 573 -1.02 1.56 8.39
N VAL A 574 -0.28 0.58 7.90
CA VAL A 574 0.79 0.83 6.87
C VAL A 574 0.18 1.30 5.55
N PRO A 575 0.74 2.34 4.88
CA PRO A 575 1.90 3.11 5.36
C PRO A 575 1.54 4.30 6.27
N VAL A 576 2.40 4.62 7.24
CA VAL A 576 2.31 5.90 8.00
C VAL A 576 3.66 6.57 7.85
N TYR A 577 3.61 7.86 7.56
CA TYR A 577 4.82 8.69 7.44
C TYR A 577 4.39 10.13 7.70
N TYR A 578 5.35 10.92 8.17
CA TYR A 578 5.08 12.26 8.74
C TYR A 578 4.75 13.23 7.61
N ASN A 579 5.34 13.07 6.42
CA ASN A 579 5.16 14.04 5.30
C ASN A 579 4.03 13.56 4.38
N HIS A 580 2.87 13.29 4.95
CA HIS A 580 1.65 12.89 4.18
C HIS A 580 0.89 14.13 3.75
N LEU A 581 -0.03 13.95 2.80
CA LEU A 581 -0.98 15.00 2.36
C LEU A 581 -2.12 15.14 3.38
N ASN A 582 -2.78 16.29 3.41
CA ASN A 582 -3.79 16.60 4.45
C ASN A 582 -5.09 15.81 4.20
N THR A 583 -5.38 15.58 2.92
CA THR A 583 -6.71 15.17 2.36
C THR A 583 -7.71 16.32 2.53
N GLY A 584 -8.93 16.13 2.03
CA GLY A 584 -10.04 17.08 2.19
C GLY A 584 -10.68 17.00 3.57
N ARG A 585 -10.40 15.94 4.35
CA ARG A 585 -11.03 15.70 5.68
C ARG A 585 -10.02 15.12 6.66
N PRO A 586 -9.03 15.93 7.09
CA PRO A 586 -8.04 15.46 8.04
C PRO A 586 -8.66 15.09 9.40
N MET A 587 -8.16 14.05 10.08
CA MET A 587 -8.53 13.77 11.50
C MET A 587 -7.66 14.67 12.41
N ASP A 588 -8.28 15.29 13.43
CA ASP A 588 -7.73 16.36 14.31
C ASP A 588 -6.26 16.05 14.70
N GLY A 593 -13.52 13.83 14.53
CA GLY A 593 -14.75 13.03 14.62
C GLY A 593 -14.81 11.95 13.54
N LYS A 594 -16.00 11.64 13.02
CA LYS A 594 -16.27 10.34 12.33
C LYS A 594 -15.93 10.38 10.83
N TYR A 595 -16.37 11.40 10.08
CA TYR A 595 -16.22 11.50 8.60
C TYR A 595 -14.87 12.14 8.24
N THR A 596 -13.78 11.51 8.68
CA THR A 596 -12.38 11.95 8.46
C THR A 596 -11.60 10.74 7.95
N SER A 597 -10.35 10.95 7.54
CA SER A 597 -9.44 9.92 6.98
C SER A 597 -8.76 9.21 8.14
N ARG A 598 -9.25 8.03 8.49
CA ARG A 598 -8.88 7.37 9.76
C ARG A 598 -9.40 5.93 9.78
N TYR A 599 -8.94 5.18 10.78
CA TYR A 599 -9.46 3.84 11.12
C TYR A 599 -10.41 4.01 12.31
N PHE A 600 -11.41 3.14 12.44
CA PHE A 600 -12.37 3.24 13.57
C PHE A 600 -11.99 2.27 14.68
N ASP A 601 -11.15 1.25 14.42
CA ASP A 601 -10.93 0.12 15.36
C ASP A 601 -9.61 0.28 16.14
N GLU A 602 -8.92 1.41 16.02
CA GLU A 602 -7.60 1.63 16.66
C GLU A 602 -7.33 3.13 16.73
N ALA A 603 -6.60 3.58 17.75
CA ALA A 603 -6.15 4.99 17.83
C ALA A 603 -5.40 5.30 16.54
N ASN A 604 -5.45 6.55 16.10
CA ASN A 604 -4.86 6.95 14.80
C ASN A 604 -3.52 7.66 15.03
N GLY A 605 -2.77 7.82 13.94
CA GLY A 605 -1.40 8.37 13.99
C GLY A 605 -0.39 7.30 14.40
N PRO A 606 0.91 7.59 14.24
CA PRO A 606 1.95 6.65 14.66
C PRO A 606 2.04 6.61 16.18
N LEU A 607 2.57 5.53 16.73
CA LEU A 607 2.79 5.44 18.19
C LEU A 607 3.90 6.41 18.54
N TYR A 608 4.94 6.46 17.71
CA TYR A 608 6.04 7.43 17.86
C TYR A 608 6.26 8.10 16.52
N PRO A 609 6.20 9.44 16.48
CA PRO A 609 6.40 10.14 15.21
C PRO A 609 7.88 10.28 14.79
N PHE A 610 8.07 10.61 13.52
CA PHE A 610 9.38 10.99 12.95
C PHE A 610 9.99 12.08 13.82
N GLY A 611 11.28 11.94 14.11
CA GLY A 611 12.06 12.91 14.88
C GLY A 611 11.86 12.77 16.38
N TYR A 612 11.15 11.75 16.85
CA TYR A 612 10.87 11.53 18.28
C TYR A 612 12.07 10.89 18.95
N GLY A 613 12.35 11.38 20.15
CA GLY A 613 13.33 10.75 21.05
C GLY A 613 13.50 11.53 22.34
N LEU A 614 13.61 10.80 23.46
CA LEU A 614 13.69 11.41 24.81
C LEU A 614 15.15 11.57 25.25
N SER A 615 15.33 12.26 26.36
CA SER A 615 16.64 12.57 26.99
C SER A 615 16.54 12.35 28.49
N TYR A 616 17.67 12.20 29.17
CA TYR A 616 17.72 12.21 30.65
C TYR A 616 17.57 13.66 31.16
N THR A 617 17.75 14.66 30.30
CA THR A 617 17.51 16.08 30.67
C THR A 617 16.27 16.58 29.94
N GLU A 618 15.98 17.87 30.09
CA GLU A 618 14.82 18.54 29.47
C GLU A 618 15.36 19.72 28.66
N PHE A 619 14.78 19.96 27.49
CA PHE A 619 15.15 21.10 26.63
C PHE A 619 13.91 21.96 26.39
N SER A 620 14.14 23.24 26.14
CA SER A 620 13.09 24.23 25.86
C SER A 620 13.49 25.01 24.61
N LEU A 621 12.49 25.43 23.82
CA LEU A 621 12.67 26.31 22.66
C LEU A 621 11.95 27.64 22.94
N SER A 622 12.67 28.75 22.77
CA SER A 622 12.09 30.11 22.74
C SER A 622 11.19 30.20 21.50
N PRO A 623 10.32 31.25 21.41
CA PRO A 623 9.50 31.46 20.22
C PRO A 623 10.33 31.56 18.92
N LEU A 624 9.79 31.00 17.83
CA LEU A 624 10.46 31.05 16.50
C LEU A 624 10.29 32.46 15.98
N ARG A 625 11.36 33.03 15.41
CA ARG A 625 11.36 34.38 14.82
C ARG A 625 11.87 34.30 13.38
N LEU A 626 11.19 34.97 12.46
CA LEU A 626 11.64 35.07 11.05
C LEU A 626 12.24 36.45 10.84
N SER A 627 13.33 36.53 10.07
CA SER A 627 14.14 37.76 9.87
C SER A 627 13.33 38.74 9.03
N SER A 628 12.34 38.28 8.26
CA SER A 628 11.31 39.16 7.68
C SER A 628 10.02 38.39 7.36
N GLU A 629 8.97 39.17 7.09
CA GLU A 629 7.60 38.71 6.80
C GLU A 629 7.45 38.41 5.30
N ARG A 630 8.35 38.95 4.48
CA ARG A 630 8.24 38.84 3.02
C ARG A 630 9.62 38.51 2.47
N LEU A 631 9.67 37.74 1.39
CA LEU A 631 10.95 37.22 0.84
C LEU A 631 10.99 37.48 -0.66
N ALA A 632 11.93 38.31 -1.09
CA ALA A 632 12.16 38.62 -2.51
C ALA A 632 12.88 37.43 -3.12
N ARG A 633 12.55 37.11 -4.37
CA ARG A 633 13.32 36.16 -5.20
C ARG A 633 14.81 36.55 -5.18
N GLY A 634 15.69 35.57 -5.10
CA GLY A 634 17.14 35.77 -4.94
C GLY A 634 17.57 36.08 -3.52
N ALA A 635 16.66 36.32 -2.58
CA ALA A 635 17.03 36.66 -1.18
C ALA A 635 16.92 35.42 -0.30
N THR A 636 17.63 35.44 0.83
CA THR A 636 17.52 34.41 1.90
C THR A 636 16.86 35.05 3.12
N LEU A 637 16.15 34.21 3.86
CA LEU A 637 15.44 34.52 5.11
C LEU A 637 16.13 33.73 6.22
N GLU A 638 16.02 34.19 7.46
CA GLU A 638 16.58 33.47 8.62
C GLU A 638 15.46 33.08 9.57
N ALA A 639 15.51 31.84 10.03
CA ALA A 639 14.64 31.32 11.09
C ALA A 639 15.48 31.16 12.37
N ARG A 640 15.12 31.90 13.42
CA ARG A 640 15.90 31.95 14.67
C ARG A 640 15.07 31.42 15.85
N VAL A 641 15.75 30.68 16.70
CA VAL A 641 15.13 30.08 17.92
C VAL A 641 16.26 29.85 18.92
N THR A 642 15.97 29.97 20.20
CA THR A 642 16.98 29.69 21.25
C THR A 642 16.63 28.37 21.93
N LEU A 643 17.59 27.44 21.94
CA LEU A 643 17.50 26.12 22.58
C LEU A 643 18.24 26.21 23.91
N SER A 644 17.61 25.76 24.98
CA SER A 644 18.22 25.77 26.34
C SER A 644 18.03 24.39 26.95
N ASN A 645 19.07 23.95 27.66
CA ASN A 645 19.04 22.76 28.53
C ASN A 645 18.55 23.24 29.90
N SER A 646 17.29 23.00 30.19
CA SER A 646 16.61 23.53 31.40
C SER A 646 16.53 22.42 32.45
N GLY A 647 17.40 21.41 32.35
CA GLY A 647 17.44 20.25 33.27
C GLY A 647 18.82 20.10 33.88
N LYS A 648 19.08 18.94 34.46
CA LYS A 648 20.18 18.74 35.44
C LYS A 648 21.40 18.08 34.79
N ARG A 649 21.27 17.57 33.56
CA ARG A 649 22.35 16.76 32.93
C ARG A 649 22.72 17.36 31.58
N ALA A 650 24.01 17.33 31.27
CA ALA A 650 24.50 17.60 29.92
C ALA A 650 23.78 16.62 28.98
N GLY A 651 23.53 17.05 27.75
CA GLY A 651 22.81 16.23 26.77
C GLY A 651 22.64 16.95 25.45
N ALA A 652 22.49 16.19 24.38
CA ALA A 652 22.20 16.70 23.03
C ALA A 652 20.74 16.42 22.70
N THR A 653 20.19 17.27 21.86
CA THR A 653 18.90 17.05 21.18
C THR A 653 19.06 17.53 19.75
N VAL A 654 17.99 17.40 18.97
CA VAL A 654 18.01 17.76 17.54
C VAL A 654 16.87 18.73 17.29
N VAL A 655 17.22 19.96 16.95
CA VAL A 655 16.19 20.97 16.59
C VAL A 655 15.85 20.80 15.12
N GLN A 656 14.57 20.64 14.81
CA GLN A 656 14.12 20.22 13.46
C GLN A 656 13.33 21.37 12.83
N LEU A 657 13.71 21.74 11.62
CA LEU A 657 12.98 22.76 10.84
C LEU A 657 12.11 22.07 9.78
N TYR A 658 10.80 22.32 9.83
CA TYR A 658 9.80 21.80 8.86
C TYR A 658 9.19 22.96 8.08
N LEU A 659 8.81 22.67 6.83
CA LEU A 659 8.16 23.63 5.92
C LEU A 659 6.81 23.11 5.41
N GLN A 660 5.81 23.98 5.36
CA GLN A 660 4.55 23.68 4.65
C GLN A 660 4.26 24.79 3.64
N ASP A 661 3.84 24.35 2.44
CA ASP A 661 3.32 25.21 1.35
C ASP A 661 1.81 24.97 1.28
N PRO A 662 1.02 25.76 2.02
CA PRO A 662 -0.40 25.47 2.20
C PRO A 662 -1.32 25.73 1.00
N VAL A 663 -0.87 26.48 0.01
CA VAL A 663 -1.65 26.75 -1.23
C VAL A 663 -0.71 26.53 -2.40
N ALA A 664 -1.00 25.54 -3.22
CA ALA A 664 -0.12 25.21 -4.34
C ALA A 664 -0.92 24.55 -5.46
N SER A 665 -0.31 24.42 -6.63
CA SER A 665 -0.95 23.81 -7.82
CA SER A 665 -0.93 23.81 -7.83
C SER A 665 -1.08 22.29 -7.62
N LEU A 666 -0.30 21.73 -6.70
CA LEU A 666 -0.47 20.33 -6.20
C LEU A 666 -0.81 20.41 -4.70
N SER A 667 -1.48 19.39 -4.17
CA SER A 667 -1.62 19.16 -2.72
C SER A 667 -0.24 18.80 -2.14
N ARG A 668 0.30 19.65 -1.29
CA ARG A 668 1.67 19.52 -0.74
C ARG A 668 1.57 18.95 0.67
N PRO A 669 2.64 18.36 1.20
CA PRO A 669 2.59 17.73 2.52
C PRO A 669 2.28 18.68 3.68
N VAL A 670 1.71 18.15 4.76
CA VAL A 670 1.39 18.93 5.99
C VAL A 670 2.71 19.49 6.49
N LYS A 671 3.81 18.76 6.29
CA LYS A 671 5.14 19.32 6.56
C LYS A 671 6.23 18.45 5.92
N GLU A 672 7.35 19.11 5.64
CA GLU A 672 8.55 18.46 5.06
C GLU A 672 9.79 18.96 5.82
N LEU A 673 10.67 18.04 6.20
CA LEU A 673 11.97 18.41 6.84
C LEU A 673 12.79 19.24 5.84
N ARG A 674 13.25 20.41 6.27
CA ARG A 674 14.14 21.26 5.45
C ARG A 674 15.40 21.70 6.21
N GLY A 675 15.59 21.31 7.47
CA GLY A 675 16.86 21.53 8.17
C GLY A 675 16.85 20.91 9.54
N PHE A 676 18.02 20.74 10.14
CA PHE A 676 18.13 20.35 11.55
C PHE A 676 19.48 20.81 12.11
N ARG A 677 19.58 20.90 13.44
CA ARG A 677 20.85 21.11 14.18
C ARG A 677 20.88 20.19 15.39
N LYS A 678 21.86 19.31 15.44
CA LYS A 678 22.14 18.57 16.66
C LYS A 678 22.97 19.48 17.57
N VAL A 679 22.53 19.66 18.80
CA VAL A 679 23.19 20.60 19.75
C VAL A 679 23.40 19.90 21.10
N MET A 680 24.66 19.81 21.53
CA MET A 680 25.10 19.32 22.86
C MET A 680 25.20 20.50 23.84
N LEU A 681 24.43 20.49 24.93
CA LEU A 681 24.38 21.60 25.91
C LEU A 681 24.62 21.08 27.32
N GLU A 682 25.42 21.84 28.10
CA GLU A 682 25.53 21.73 29.58
C GLU A 682 24.22 22.20 30.20
N PRO A 683 23.93 21.83 31.46
CA PRO A 683 22.77 22.36 32.18
C PRO A 683 22.78 23.89 32.21
N GLY A 684 21.63 24.55 32.01
CA GLY A 684 21.50 26.02 31.99
C GLY A 684 22.12 26.66 30.74
N GLU A 685 22.72 25.88 29.85
CA GLU A 685 23.38 26.46 28.65
C GLU A 685 22.29 26.71 27.59
N SER A 686 22.50 27.75 26.79
CA SER A 686 21.67 28.17 25.64
C SER A 686 22.51 28.17 24.36
N ARG A 687 21.83 28.07 23.22
CA ARG A 687 22.43 28.26 21.88
C ARG A 687 21.38 28.92 21.00
N GLU A 688 21.74 30.02 20.35
CA GLU A 688 20.85 30.65 19.37
C GLU A 688 21.08 29.89 18.07
N ILE A 689 20.00 29.31 17.54
CA ILE A 689 20.07 28.52 16.28
C ILE A 689 19.52 29.40 15.16
N VAL A 690 20.26 29.43 14.06
CA VAL A 690 19.88 30.21 12.85
C VAL A 690 19.80 29.20 11.71
N PHE A 691 18.61 29.03 11.13
CA PHE A 691 18.41 28.32 9.85
C PHE A 691 18.24 29.36 8.74
N ARG A 692 18.86 29.08 7.61
CA ARG A 692 18.81 29.94 6.41
C ARG A 692 17.83 29.27 5.44
N LEU A 693 16.83 29.99 4.97
CA LEU A 693 15.84 29.45 3.98
C LEU A 693 15.83 30.36 2.77
N GLY A 694 16.08 29.76 1.60
CA GLY A 694 15.92 30.43 0.31
C GLY A 694 14.90 29.72 -0.55
N GLU A 695 14.74 30.26 -1.74
CA GLU A 695 13.78 29.79 -2.77
C GLU A 695 14.04 28.33 -3.11
N ALA A 696 15.29 27.86 -3.14
CA ALA A 696 15.64 26.44 -3.41
C ALA A 696 14.88 25.52 -2.45
N ASP A 697 14.71 25.94 -1.19
CA ASP A 697 14.04 25.15 -0.11
C ASP A 697 12.52 25.05 -0.33
N LEU A 698 11.97 25.81 -1.28
CA LEU A 698 10.52 26.01 -1.38
C LEU A 698 9.96 25.39 -2.65
N LYS A 699 10.83 24.83 -3.50
CA LYS A 699 10.42 24.31 -4.83
C LYS A 699 9.76 22.95 -4.68
N PHE A 700 8.94 22.60 -5.64
CA PHE A 700 8.33 21.27 -5.76
C PHE A 700 8.09 21.00 -7.22
N TYR A 701 7.92 19.71 -7.53
CA TYR A 701 7.61 19.24 -8.89
C TYR A 701 6.10 19.33 -9.08
N ASP A 702 5.67 20.05 -10.12
CA ASP A 702 4.23 20.10 -10.43
C ASP A 702 3.89 18.88 -11.29
N SER A 703 2.66 18.82 -11.77
CA SER A 703 2.12 17.71 -12.59
C SER A 703 2.93 17.48 -13.88
N GLN A 704 3.57 18.50 -14.47
CA GLN A 704 4.41 18.32 -15.70
C GLN A 704 5.90 18.36 -15.36
N LEU A 705 6.24 18.18 -14.07
CA LEU A 705 7.64 18.12 -13.54
C LEU A 705 8.35 19.47 -13.71
N ARG A 706 7.62 20.57 -13.74
CA ARG A 706 8.25 21.90 -13.59
C ARG A 706 8.70 22.02 -12.12
N HIS A 707 9.98 22.26 -11.88
CA HIS A 707 10.56 22.37 -10.52
C HIS A 707 10.59 23.82 -10.11
N THR A 708 9.52 24.30 -9.49
CA THR A 708 9.33 25.74 -9.20
C THR A 708 8.86 25.98 -7.78
N ALA A 709 9.22 27.15 -7.25
CA ALA A 709 8.60 27.76 -6.06
C ALA A 709 7.54 28.77 -6.52
N GLU A 710 6.31 28.67 -6.03
CA GLU A 710 5.17 29.57 -6.38
C GLU A 710 5.06 30.68 -5.34
N PRO A 711 4.63 31.90 -5.74
CA PRO A 711 4.43 32.99 -4.80
C PRO A 711 3.34 32.62 -3.80
N GLY A 712 3.45 33.14 -2.58
CA GLY A 712 2.43 32.97 -1.54
C GLY A 712 3.02 32.57 -0.20
N GLU A 713 2.16 32.13 0.71
CA GLU A 713 2.49 31.82 2.11
C GLU A 713 3.36 30.57 2.18
N PHE A 714 4.34 30.59 3.08
CA PHE A 714 4.96 29.37 3.62
C PHE A 714 4.89 29.42 5.13
N LYS A 715 4.61 28.28 5.73
CA LYS A 715 4.64 28.09 7.20
C LYS A 715 5.96 27.42 7.53
N VAL A 716 6.63 27.94 8.55
CA VAL A 716 7.91 27.38 9.04
C VAL A 716 7.63 26.85 10.45
N PHE A 717 8.01 25.60 10.71
CA PHE A 717 7.83 24.97 12.03
C PHE A 717 9.20 24.61 12.60
N VAL A 718 9.39 24.84 13.88
CA VAL A 718 10.62 24.38 14.57
C VAL A 718 10.19 23.66 15.84
N GLY A 719 10.86 22.54 16.11
CA GLY A 719 10.53 21.72 17.27
C GLY A 719 11.51 20.58 17.42
N LEU A 720 11.34 19.81 18.49
CA LEU A 720 12.24 18.72 18.85
C LEU A 720 11.69 17.40 18.30
N ASP A 721 10.52 17.41 17.65
CA ASP A 721 10.06 16.30 16.79
C ASP A 721 8.98 16.81 15.82
N SER A 722 8.51 15.93 14.91
CA SER A 722 7.59 16.32 13.81
C SER A 722 6.19 16.66 14.33
N ALA A 723 5.80 16.20 15.52
CA ALA A 723 4.49 16.47 16.15
C ALA A 723 4.52 17.78 16.95
N GLN A 724 5.32 17.84 18.03
CA GLN A 724 5.39 18.95 19.02
C GLN A 724 6.14 20.17 18.43
N THR A 725 5.42 21.05 17.74
CA THR A 725 5.99 22.21 17.01
C THR A 725 5.17 23.49 17.23
N GLU A 726 5.76 24.64 16.90
CA GLU A 726 5.02 25.91 16.64
C GLU A 726 5.41 26.43 15.24
N SER A 727 4.51 27.13 14.55
CA SER A 727 4.76 27.67 13.20
C SER A 727 4.66 29.20 13.13
N ARG A 728 5.45 29.80 12.25
CA ARG A 728 5.34 31.23 11.78
C ARG A 728 5.39 31.27 10.25
N SER A 729 4.74 32.26 9.67
CA SER A 729 4.49 32.36 8.21
C SER A 729 5.31 33.48 7.61
N PHE A 730 5.72 33.31 6.36
CA PHE A 730 6.25 34.39 5.50
C PHE A 730 5.65 34.21 4.11
N THR A 731 5.78 35.25 3.31
CA THR A 731 5.22 35.32 1.97
C THR A 731 6.39 35.39 0.99
N LEU A 732 6.45 34.47 0.06
CA LEU A 732 7.40 34.58 -1.09
C LEU A 732 6.74 35.49 -2.11
N LEU A 733 7.48 36.49 -2.60
CA LEU A 733 6.99 37.48 -3.61
C LEU A 733 7.12 36.91 -5.04
N THR B 1 -30.57 18.16 -32.35
CA THR B 1 -30.77 19.53 -32.94
C THR B 1 -32.04 20.16 -32.33
N ASP B 2 -33.13 19.41 -32.21
CA ASP B 2 -34.37 19.86 -31.50
C ASP B 2 -34.01 20.23 -30.06
N LYS B 3 -33.36 19.31 -29.35
CA LYS B 3 -32.78 19.51 -28.00
C LYS B 3 -31.88 20.74 -27.98
N GLU B 4 -30.94 20.83 -28.92
CA GLU B 4 -29.95 21.94 -28.99
C GLU B 4 -30.70 23.28 -29.13
N ARG B 5 -31.77 23.28 -29.94
CA ARG B 5 -32.57 24.50 -30.25
C ARG B 5 -33.36 24.89 -29.00
N PHE B 6 -34.08 23.95 -28.38
CA PHE B 6 -34.82 24.21 -27.13
C PHE B 6 -33.87 24.83 -26.09
N ILE B 7 -32.72 24.18 -25.89
CA ILE B 7 -31.78 24.57 -24.80
C ILE B 7 -31.12 25.89 -25.16
N ALA B 8 -30.76 26.13 -26.42
CA ALA B 8 -30.09 27.41 -26.81
C ALA B 8 -31.09 28.58 -26.66
N SER B 9 -32.34 28.42 -27.06
CA SER B 9 -33.35 29.49 -26.87
C SER B 9 -33.60 29.74 -25.37
N LEU B 10 -33.69 28.70 -24.54
CA LEU B 10 -33.94 28.87 -23.07
C LEU B 10 -32.75 29.63 -22.46
N MET B 11 -31.53 29.24 -22.77
CA MET B 11 -30.35 29.91 -22.16
C MET B 11 -30.18 31.33 -22.70
N ALA B 12 -30.63 31.62 -23.92
CA ALA B 12 -30.62 33.01 -24.46
C ALA B 12 -31.53 33.90 -23.60
N ARG B 13 -32.59 33.36 -23.00
CA ARG B 13 -33.51 34.13 -22.12
C ARG B 13 -32.93 34.37 -20.73
N MET B 14 -31.99 33.55 -20.27
CA MET B 14 -31.67 33.45 -18.82
C MET B 14 -30.64 34.52 -18.43
N SER B 15 -30.83 35.13 -17.25
CA SER B 15 -29.82 35.93 -16.54
C SER B 15 -28.77 34.95 -16.00
N ASN B 16 -27.61 35.49 -15.65
CA ASN B 16 -26.55 34.76 -14.93
C ASN B 16 -27.11 34.25 -13.59
N ALA B 17 -27.88 35.04 -12.87
CA ALA B 17 -28.50 34.59 -11.60
C ALA B 17 -29.26 33.28 -11.86
N GLU B 18 -30.05 33.20 -12.91
CA GLU B 18 -30.88 32.00 -13.20
C GLU B 18 -29.96 30.83 -13.67
N LYS B 19 -28.90 31.11 -14.45
CA LYS B 19 -27.97 30.07 -14.91
C LYS B 19 -27.23 29.45 -13.71
N ILE B 20 -26.75 30.28 -12.80
CA ILE B 20 -26.01 29.84 -11.60
C ILE B 20 -26.96 29.09 -10.64
N GLY B 21 -28.21 29.51 -10.49
CA GLY B 21 -29.22 28.79 -9.68
C GLY B 21 -29.44 27.35 -10.15
N GLN B 22 -29.28 27.08 -11.44
CA GLN B 22 -29.45 25.70 -11.97
C GLN B 22 -28.32 24.78 -11.49
N LEU B 23 -27.21 25.34 -10.98
CA LEU B 23 -26.01 24.57 -10.60
C LEU B 23 -26.10 24.17 -9.13
N ARG B 24 -27.09 24.69 -8.42
CA ARG B 24 -27.29 24.39 -6.98
C ARG B 24 -28.02 23.06 -6.81
N LEU B 25 -27.41 22.10 -6.15
CA LEU B 25 -27.99 20.79 -5.78
C LEU B 25 -28.05 20.74 -4.26
N VAL B 26 -29.23 20.64 -3.65
CA VAL B 26 -29.39 20.74 -2.18
C VAL B 26 -30.27 19.62 -1.65
N SER B 27 -30.21 19.40 -0.34
CA SER B 27 -31.16 18.53 0.41
C SER B 27 -31.78 19.29 1.60
N VAL B 28 -33.01 18.95 2.00
CA VAL B 28 -33.64 19.49 3.24
C VAL B 28 -32.82 18.99 4.43
N GLY B 29 -32.33 19.90 5.26
CA GLY B 29 -31.61 19.58 6.50
C GLY B 29 -31.39 20.83 7.33
N ALA B 30 -30.49 20.78 8.30
CA ALA B 30 -30.15 21.93 9.17
C ALA B 30 -29.55 23.06 8.30
N ASP B 31 -28.73 22.68 7.31
CA ASP B 31 -28.07 23.61 6.35
C ASP B 31 -29.12 24.36 5.53
N HIS B 32 -30.24 23.71 5.17
CA HIS B 32 -31.27 24.25 4.24
C HIS B 32 -32.67 23.88 4.72
N PRO B 33 -33.27 24.68 5.64
CA PRO B 33 -34.57 24.34 6.22
C PRO B 33 -35.66 24.35 5.14
N LYS B 34 -36.67 23.51 5.34
CA LYS B 34 -37.72 23.23 4.34
C LYS B 34 -38.28 24.51 3.74
N GLU B 35 -38.79 25.44 4.56
CA GLU B 35 -39.60 26.56 4.00
C GLU B 35 -38.68 27.58 3.31
N ALA B 36 -37.43 27.77 3.76
CA ALA B 36 -36.42 28.62 3.08
C ALA B 36 -36.06 28.01 1.71
N LEU B 37 -35.96 26.68 1.65
CA LEU B 37 -35.69 25.92 0.41
C LEU B 37 -36.86 26.11 -0.56
N MET B 38 -38.08 26.14 -0.05
CA MET B 38 -39.29 26.23 -0.91
C MET B 38 -39.26 27.59 -1.61
N ALA B 39 -38.96 28.64 -0.84
CA ALA B 39 -38.83 30.04 -1.30
C ALA B 39 -37.71 30.13 -2.35
N ASP B 40 -36.58 29.46 -2.13
CA ASP B 40 -35.44 29.46 -3.10
C ASP B 40 -35.90 28.85 -4.42
N ILE B 41 -36.69 27.78 -4.41
CA ILE B 41 -37.19 27.16 -5.67
C ILE B 41 -38.13 28.15 -6.38
N ARG B 42 -39.03 28.79 -5.63
CA ARG B 42 -39.97 29.83 -6.17
C ARG B 42 -39.14 30.94 -6.86
N ALA B 43 -38.01 31.33 -6.27
CA ALA B 43 -37.14 32.43 -6.78
C ALA B 43 -36.16 31.95 -7.88
N GLY B 44 -36.20 30.68 -8.30
CA GLY B 44 -35.36 30.16 -9.41
C GLY B 44 -33.91 29.91 -9.00
N LYS B 45 -33.65 29.72 -7.70
CA LYS B 45 -32.27 29.62 -7.15
C LYS B 45 -31.86 28.18 -6.85
N VAL B 46 -32.62 27.19 -7.32
CA VAL B 46 -32.35 25.75 -7.03
C VAL B 46 -32.46 24.95 -8.34
N GLY B 47 -31.50 24.07 -8.60
CA GLY B 47 -31.46 23.27 -9.83
C GLY B 47 -32.00 21.87 -9.64
N ALA B 48 -31.69 21.23 -8.50
CA ALA B 48 -32.08 19.84 -8.22
C ALA B 48 -32.02 19.57 -6.72
N ILE B 49 -32.70 18.50 -6.32
CA ILE B 49 -32.83 18.10 -4.88
C ILE B 49 -32.28 16.68 -4.75
N PHE B 50 -31.59 16.41 -3.64
CA PHE B 50 -31.30 15.00 -3.22
C PHE B 50 -31.92 14.73 -1.85
N ASN B 51 -32.16 13.44 -1.60
CA ASN B 51 -32.61 12.87 -0.30
C ASN B 51 -34.07 13.22 -0.01
N THR B 52 -34.84 13.70 -0.98
CA THR B 52 -36.31 13.78 -0.85
C THR B 52 -36.90 12.66 -1.71
N VAL B 53 -37.61 11.70 -1.11
CA VAL B 53 -37.77 10.33 -1.65
C VAL B 53 -39.22 9.84 -1.68
N THR B 54 -40.24 10.67 -1.36
CA THR B 54 -41.68 10.28 -1.51
C THR B 54 -42.39 11.19 -2.50
N ARG B 55 -43.44 10.67 -3.14
CA ARG B 55 -44.23 11.39 -4.16
C ARG B 55 -44.81 12.68 -3.57
N PRO B 56 -45.55 12.68 -2.43
CA PRO B 56 -46.11 13.93 -1.92
C PRO B 56 -45.02 15.00 -1.69
N ASP B 57 -43.88 14.61 -1.11
CA ASP B 57 -42.77 15.55 -0.79
C ASP B 57 -42.14 16.07 -2.09
N ILE B 58 -41.88 15.20 -3.06
CA ILE B 58 -41.28 15.61 -4.35
C ILE B 58 -42.28 16.49 -5.11
N ARG B 59 -43.56 16.13 -5.12
CA ARG B 59 -44.64 16.94 -5.74
C ARG B 59 -44.64 18.37 -5.15
N ALA B 60 -44.62 18.49 -3.82
CA ALA B 60 -44.69 19.79 -3.10
C ALA B 60 -43.55 20.69 -3.60
N MET B 61 -42.38 20.09 -3.77
CA MET B 61 -41.17 20.78 -4.25
CA MET B 61 -41.14 20.74 -4.24
C MET B 61 -41.34 21.17 -5.71
N GLN B 62 -41.81 20.25 -6.55
CA GLN B 62 -42.03 20.53 -8.00
C GLN B 62 -43.08 21.65 -8.15
N ASP B 63 -44.07 21.69 -7.26
CA ASP B 63 -45.19 22.68 -7.29
C ASP B 63 -44.65 24.10 -7.13
N GLN B 64 -43.48 24.30 -6.50
CA GLN B 64 -42.91 25.65 -6.29
C GLN B 64 -42.34 26.23 -7.59
N VAL B 65 -41.99 25.36 -8.54
CA VAL B 65 -41.34 25.77 -9.82
C VAL B 65 -42.23 26.79 -10.57
N ARG B 66 -43.56 26.62 -10.48
CA ARG B 66 -44.58 27.51 -11.11
C ARG B 66 -44.27 29.01 -10.84
N HIS B 67 -43.76 29.35 -9.65
CA HIS B 67 -43.63 30.74 -9.15
C HIS B 67 -42.38 31.43 -9.72
N SER B 68 -41.49 30.68 -10.38
CA SER B 68 -40.25 31.22 -10.99
C SER B 68 -40.62 31.79 -12.37
N ARG B 69 -39.85 32.76 -12.85
CA ARG B 69 -40.08 33.37 -14.17
C ARG B 69 -40.07 32.28 -15.25
N LEU B 70 -39.08 31.39 -15.25
CA LEU B 70 -38.88 30.45 -16.39
C LEU B 70 -39.47 29.06 -16.09
N LYS B 71 -39.86 28.76 -14.85
CA LYS B 71 -40.55 27.50 -14.50
C LYS B 71 -39.67 26.29 -14.92
N ILE B 72 -38.37 26.36 -14.65
CA ILE B 72 -37.45 25.24 -14.98
C ILE B 72 -37.65 24.20 -13.90
N PRO B 73 -38.09 22.98 -14.29
CA PRO B 73 -38.36 21.92 -13.32
C PRO B 73 -37.08 21.46 -12.61
N LEU B 74 -37.24 20.97 -11.41
CA LEU B 74 -36.17 20.29 -10.64
C LEU B 74 -36.02 18.85 -11.14
N PHE B 75 -34.86 18.23 -10.91
CA PHE B 75 -34.76 16.75 -10.85
C PHE B 75 -34.52 16.40 -9.39
N HIS B 76 -34.83 15.15 -9.04
CA HIS B 76 -34.75 14.63 -7.66
C HIS B 76 -33.84 13.42 -7.65
N ALA B 77 -32.83 13.41 -6.76
CA ALA B 77 -31.85 12.32 -6.75
C ALA B 77 -31.84 11.62 -5.40
N TYR B 78 -31.29 10.41 -5.38
CA TYR B 78 -31.09 9.58 -4.17
C TYR B 78 -29.99 8.54 -4.43
N ASP B 79 -29.43 7.98 -3.35
CA ASP B 79 -28.41 6.90 -3.38
C ASP B 79 -29.13 5.56 -3.38
N VAL B 80 -29.59 5.16 -4.54
CA VAL B 80 -30.17 3.82 -4.75
C VAL B 80 -29.01 2.96 -5.25
N ALA B 81 -28.25 2.38 -4.32
CA ALA B 81 -26.99 1.65 -4.59
C ALA B 81 -27.30 0.19 -4.87
N HIS B 82 -28.06 -0.46 -3.98
CA HIS B 82 -28.41 -1.90 -4.16
C HIS B 82 -29.87 -2.14 -3.75
N GLY B 83 -30.77 -1.26 -4.18
CA GLY B 83 -32.21 -1.31 -3.88
C GLY B 83 -32.73 0.03 -3.40
N HIS B 84 -34.01 0.31 -3.57
CA HIS B 84 -34.62 1.56 -3.06
C HIS B 84 -35.42 1.23 -1.79
N ARG B 85 -36.53 0.52 -1.91
CA ARG B 85 -37.29 0.03 -0.72
C ARG B 85 -37.06 -1.47 -0.52
N THR B 86 -37.11 -2.23 -1.59
CA THR B 86 -36.73 -3.67 -1.56
C THR B 86 -35.23 -3.74 -1.74
N ILE B 87 -34.52 -4.14 -0.68
CA ILE B 87 -33.05 -4.10 -0.65
C ILE B 87 -32.48 -5.45 -1.13
N PHE B 88 -31.65 -5.37 -2.14
CA PHE B 88 -30.88 -6.51 -2.71
C PHE B 88 -29.56 -6.66 -1.96
N PRO B 89 -28.80 -7.73 -2.24
CA PRO B 89 -27.46 -7.86 -1.68
C PRO B 89 -26.65 -6.59 -2.01
N ILE B 90 -25.69 -6.25 -1.15
CA ILE B 90 -24.66 -5.21 -1.43
C ILE B 90 -24.00 -5.59 -2.76
N SER B 91 -23.39 -4.61 -3.43
CA SER B 91 -22.85 -4.78 -4.80
C SER B 91 -21.83 -5.93 -4.84
N LEU B 92 -21.04 -6.08 -3.78
CA LEU B 92 -19.95 -7.09 -3.73
C LEU B 92 -20.61 -8.48 -3.77
N GLY B 93 -21.82 -8.59 -3.23
CA GLY B 93 -22.60 -9.83 -3.25
C GLY B 93 -23.27 -10.05 -4.59
N LEU B 94 -23.78 -8.97 -5.22
CA LEU B 94 -24.38 -9.03 -6.56
C LEU B 94 -23.31 -9.46 -7.58
N ALA B 95 -22.11 -8.93 -7.46
CA ALA B 95 -20.98 -9.24 -8.36
C ALA B 95 -20.72 -10.73 -8.30
N ALA B 96 -20.86 -11.31 -7.11
CA ALA B 96 -20.54 -12.73 -6.85
C ALA B 96 -21.53 -13.66 -7.56
N SER B 97 -22.65 -13.14 -8.08
CA SER B 97 -23.57 -13.92 -8.95
C SER B 97 -22.89 -14.31 -10.28
N TRP B 98 -21.88 -13.56 -10.73
CA TRP B 98 -21.20 -13.75 -12.03
C TRP B 98 -22.26 -13.81 -13.16
N ASP B 99 -23.31 -13.02 -13.02
CA ASP B 99 -24.46 -13.09 -13.95
C ASP B 99 -24.97 -11.69 -14.21
N PRO B 100 -24.61 -11.10 -15.36
CA PRO B 100 -25.04 -9.74 -15.70
C PRO B 100 -26.56 -9.55 -15.61
N GLU B 101 -27.34 -10.58 -15.95
CA GLU B 101 -28.81 -10.48 -15.99
C GLU B 101 -29.36 -10.35 -14.56
N VAL B 102 -28.77 -11.04 -13.60
CA VAL B 102 -29.16 -10.95 -12.17
C VAL B 102 -28.83 -9.54 -11.67
N VAL B 103 -27.67 -9.02 -12.04
CA VAL B 103 -27.29 -7.64 -11.62
C VAL B 103 -28.23 -6.64 -12.30
N ALA B 104 -28.48 -6.79 -13.60
CA ALA B 104 -29.41 -5.92 -14.35
C ALA B 104 -30.79 -5.92 -13.65
N ARG B 105 -31.23 -7.08 -13.20
CA ARG B 105 -32.56 -7.23 -12.56
C ARG B 105 -32.57 -6.43 -11.25
N SER B 106 -31.51 -6.48 -10.45
CA SER B 106 -31.47 -5.71 -9.19
C SER B 106 -31.57 -4.22 -9.52
N ALA B 107 -30.85 -3.76 -10.54
CA ALA B 107 -30.85 -2.33 -10.99
C ALA B 107 -32.24 -1.92 -11.52
N ARG B 108 -32.83 -2.72 -12.40
CA ARG B 108 -34.16 -2.40 -13.01
C ARG B 108 -35.21 -2.25 -11.90
N ILE B 109 -35.23 -3.17 -10.94
CA ILE B 109 -36.27 -3.10 -9.85
C ILE B 109 -36.01 -1.87 -8.97
N SER B 110 -34.74 -1.59 -8.65
CA SER B 110 -34.35 -0.35 -7.95
C SER B 110 -34.92 0.87 -8.68
N ALA B 111 -34.72 0.96 -9.99
CA ALA B 111 -35.21 2.13 -10.75
C ALA B 111 -36.75 2.19 -10.73
N LEU B 112 -37.41 1.03 -10.86
CA LEU B 112 -38.89 0.92 -10.86
C LEU B 112 -39.43 1.51 -9.54
N GLU B 113 -38.90 1.06 -8.40
CA GLU B 113 -39.38 1.52 -7.07
C GLU B 113 -39.05 3.01 -6.87
N ALA B 114 -37.83 3.44 -7.25
CA ALA B 114 -37.37 4.83 -7.03
C ALA B 114 -38.21 5.76 -7.90
N SER B 115 -38.39 5.41 -9.18
CA SER B 115 -39.22 6.20 -10.13
C SER B 115 -40.69 6.20 -9.67
N ALA B 116 -41.19 5.10 -9.09
CA ALA B 116 -42.57 5.03 -8.53
C ALA B 116 -42.71 6.03 -7.37
N ASP B 117 -41.61 6.42 -6.72
CA ASP B 117 -41.66 7.39 -5.60
C ASP B 117 -41.36 8.80 -6.14
N GLY B 118 -41.09 8.94 -7.43
CA GLY B 118 -40.87 10.27 -8.01
C GLY B 118 -39.41 10.63 -8.24
N LEU B 119 -38.47 9.70 -8.03
CA LEU B 119 -37.02 10.00 -8.18
C LEU B 119 -36.63 9.90 -9.66
N ASP B 120 -35.79 10.84 -10.12
CA ASP B 120 -35.30 10.90 -11.53
C ASP B 120 -33.87 10.35 -11.66
N MET B 121 -33.11 10.30 -10.56
CA MET B 121 -31.65 10.03 -10.63
C MET B 121 -31.18 9.26 -9.40
N SER B 122 -30.31 8.28 -9.63
CA SER B 122 -29.56 7.59 -8.57
C SER B 122 -28.07 7.92 -8.69
N PHE B 123 -27.45 8.19 -7.57
CA PHE B 123 -25.99 8.29 -7.41
C PHE B 123 -25.44 6.87 -7.36
N SER B 124 -25.48 6.20 -8.51
CA SER B 124 -25.02 4.80 -8.71
CA SER B 124 -24.99 4.81 -8.70
C SER B 124 -24.93 4.56 -10.20
N PRO B 125 -24.18 3.55 -10.70
CA PRO B 125 -23.43 2.59 -9.89
C PRO B 125 -22.08 3.13 -9.40
N MET B 126 -21.62 2.58 -8.29
CA MET B 126 -20.25 2.79 -7.75
C MET B 126 -19.35 1.75 -8.44
N VAL B 127 -18.37 2.18 -9.23
CA VAL B 127 -17.58 1.25 -10.09
C VAL B 127 -16.08 1.35 -9.77
N ASP B 128 -15.76 1.75 -8.55
CA ASP B 128 -14.34 1.93 -8.12
C ASP B 128 -13.72 0.55 -7.94
N ILE B 129 -12.59 0.30 -8.60
CA ILE B 129 -11.81 -0.94 -8.41
C ILE B 129 -11.18 -0.90 -7.01
N THR B 130 -11.28 -2.00 -6.25
CA THR B 130 -10.81 -2.10 -4.83
C THR B 130 -9.90 -3.30 -4.64
N ARG B 131 -8.62 -3.04 -4.32
CA ARG B 131 -7.61 -4.11 -4.07
C ARG B 131 -7.22 -4.13 -2.59
N ASP B 132 -7.82 -3.26 -1.78
CA ASP B 132 -7.44 -3.03 -0.35
C ASP B 132 -8.68 -3.26 0.51
N ALA B 133 -8.72 -4.43 1.14
CA ALA B 133 -9.86 -4.90 1.95
C ALA B 133 -10.09 -4.00 3.17
N ARG B 134 -9.13 -3.16 3.56
CA ARG B 134 -9.32 -2.30 4.75
C ARG B 134 -10.37 -1.22 4.47
N TRP B 135 -10.50 -0.77 3.23
CA TRP B 135 -11.36 0.39 2.89
C TRP B 135 -12.84 0.06 3.20
N GLY B 136 -13.56 0.99 3.84
CA GLY B 136 -14.95 0.77 4.29
C GLY B 136 -15.92 0.61 3.15
N ARG B 137 -15.61 1.17 1.99
CA ARG B 137 -16.58 1.24 0.87
C ARG B 137 -16.37 0.10 -0.12
N VAL B 138 -15.60 -0.94 0.19
CA VAL B 138 -15.47 -2.06 -0.79
C VAL B 138 -16.83 -2.74 -0.96
N SER B 139 -17.70 -2.65 0.04
CA SER B 139 -19.08 -3.21 0.02
C SER B 139 -19.85 -2.63 -1.16
N GLU B 140 -19.53 -1.41 -1.57
CA GLU B 140 -20.33 -0.64 -2.56
C GLU B 140 -19.97 -0.98 -4.00
N GLY B 141 -18.84 -1.64 -4.22
CA GLY B 141 -18.34 -1.97 -5.57
C GLY B 141 -18.46 -3.44 -5.90
N PHE B 142 -17.78 -3.90 -6.95
CA PHE B 142 -17.94 -5.25 -7.57
C PHE B 142 -16.65 -6.05 -7.41
N GLY B 143 -15.70 -5.53 -6.62
CA GLY B 143 -14.44 -6.23 -6.33
C GLY B 143 -13.22 -5.68 -7.09
N GLU B 144 -12.24 -6.53 -7.29
CA GLU B 144 -10.87 -6.14 -7.71
C GLU B 144 -10.66 -6.22 -9.21
N ASP B 145 -11.62 -6.74 -10.00
CA ASP B 145 -11.31 -7.07 -11.42
C ASP B 145 -11.86 -6.03 -12.38
N THR B 146 -10.99 -5.53 -13.27
CA THR B 146 -11.31 -4.49 -14.26
C THR B 146 -12.34 -5.00 -15.28
N TYR B 147 -12.17 -6.18 -15.85
CA TYR B 147 -13.09 -6.73 -16.87
C TYR B 147 -14.49 -6.87 -16.28
N LEU B 148 -14.60 -7.54 -15.13
CA LEU B 148 -15.94 -7.78 -14.50
C LEU B 148 -16.57 -6.45 -14.09
N THR B 149 -15.85 -5.56 -13.39
CA THR B 149 -16.43 -4.29 -12.91
C THR B 149 -16.86 -3.46 -14.12
N SER B 150 -16.09 -3.50 -15.21
CA SER B 150 -16.41 -2.72 -16.43
C SER B 150 -17.70 -3.23 -17.07
N LEU B 151 -17.82 -4.55 -17.24
CA LEU B 151 -19.05 -5.21 -17.73
C LEU B 151 -20.24 -4.80 -16.85
N LEU B 152 -20.15 -4.97 -15.52
CA LEU B 152 -21.23 -4.69 -14.71
CA LEU B 152 -21.30 -4.70 -14.63
C LEU B 152 -21.56 -3.19 -14.59
N SER B 153 -20.54 -2.34 -14.76
CA SER B 153 -20.73 -0.88 -14.86
C SER B 153 -21.74 -0.56 -15.98
N GLY B 154 -21.49 -1.06 -17.20
CA GLY B 154 -22.40 -0.83 -18.34
C GLY B 154 -23.77 -1.45 -18.10
N VAL B 155 -23.80 -2.64 -17.50
CA VAL B 155 -25.07 -3.35 -17.20
C VAL B 155 -25.95 -2.49 -16.30
N MET B 156 -25.40 -1.95 -15.22
CA MET B 156 -26.17 -1.13 -14.23
C MET B 156 -26.72 0.11 -14.93
N VAL B 157 -25.90 0.80 -15.72
CA VAL B 157 -26.33 2.04 -16.39
C VAL B 157 -27.48 1.73 -17.35
N ARG B 158 -27.34 0.72 -18.19
CA ARG B 158 -28.39 0.41 -19.21
C ARG B 158 -29.67 -0.01 -18.46
N ALA B 159 -29.56 -0.78 -17.38
CA ALA B 159 -30.72 -1.26 -16.59
C ALA B 159 -31.42 -0.06 -15.91
N TYR B 160 -30.68 0.89 -15.35
CA TYR B 160 -31.33 2.10 -14.76
C TYR B 160 -32.00 2.96 -15.83
N GLN B 161 -31.32 3.21 -16.95
CA GLN B 161 -31.76 4.27 -17.90
C GLN B 161 -32.76 3.72 -18.93
N GLY B 162 -32.80 2.40 -19.14
CA GLY B 162 -33.61 1.81 -20.24
C GLY B 162 -33.09 2.31 -21.57
N SER B 163 -33.88 2.18 -22.63
CA SER B 163 -33.55 2.77 -23.95
C SER B 163 -34.03 4.22 -24.01
N ASN B 164 -34.81 4.67 -23.02
CA ASN B 164 -35.39 6.04 -23.05
C ASN B 164 -35.38 6.67 -21.65
N LEU B 165 -34.59 7.73 -21.46
CA LEU B 165 -34.41 8.43 -20.16
C LEU B 165 -35.68 9.20 -19.78
N ALA B 166 -36.59 9.47 -20.71
CA ALA B 166 -37.86 10.18 -20.44
C ALA B 166 -38.89 9.20 -19.90
N ALA B 167 -38.72 7.89 -20.12
CA ALA B 167 -39.69 6.89 -19.60
C ALA B 167 -39.89 7.10 -18.10
N PRO B 168 -41.16 7.06 -17.64
CA PRO B 168 -41.46 7.18 -16.21
C PRO B 168 -40.89 6.10 -15.27
N ASP B 169 -40.41 4.97 -15.81
CA ASP B 169 -39.80 3.89 -14.99
C ASP B 169 -38.27 3.87 -15.18
N SER B 170 -37.70 4.85 -15.89
CA SER B 170 -36.24 5.02 -16.07
C SER B 170 -35.74 6.05 -15.06
N ILE B 171 -34.51 5.88 -14.55
CA ILE B 171 -33.83 6.96 -13.79
C ILE B 171 -32.46 7.19 -14.41
N MET B 172 -31.90 8.36 -14.19
CA MET B 172 -30.54 8.67 -14.70
C MET B 172 -29.53 8.02 -13.75
N ALA B 173 -28.49 7.40 -14.32
CA ALA B 173 -27.31 6.91 -13.58
C ALA B 173 -26.33 8.07 -13.42
N ALA B 174 -25.91 8.36 -12.19
CA ALA B 174 -24.71 9.19 -11.92
C ALA B 174 -23.61 8.27 -11.40
N VAL B 175 -22.78 7.77 -12.32
CA VAL B 175 -21.67 6.84 -12.02
C VAL B 175 -20.69 7.56 -11.09
N LYS B 176 -20.16 6.81 -10.14
CA LYS B 176 -19.25 7.36 -9.11
C LYS B 176 -18.19 6.30 -8.81
N HIS B 177 -17.11 6.66 -8.11
CA HIS B 177 -16.67 8.01 -7.83
C HIS B 177 -15.49 8.33 -8.75
N PHE B 178 -15.67 9.26 -9.69
CA PHE B 178 -14.68 9.58 -10.74
C PHE B 178 -13.59 10.46 -10.11
N ALA B 179 -12.38 9.94 -9.86
CA ALA B 179 -11.93 8.58 -10.13
C ALA B 179 -10.92 8.10 -9.07
N LEU B 180 -10.76 6.78 -9.01
CA LEU B 180 -9.61 6.09 -8.34
C LEU B 180 -9.84 6.05 -6.82
N TYR B 181 -11.04 6.37 -6.37
CA TYR B 181 -11.39 6.55 -4.94
C TYR B 181 -10.99 5.32 -4.12
N GLY B 182 -11.10 4.12 -4.68
CA GLY B 182 -10.82 2.87 -3.96
C GLY B 182 -9.32 2.54 -3.79
N ALA B 183 -8.40 3.30 -4.37
CA ALA B 183 -6.95 3.03 -4.20
C ALA B 183 -6.33 3.89 -3.10
N ALA B 184 -7.15 4.48 -2.22
CA ALA B 184 -6.68 5.33 -1.09
C ALA B 184 -5.54 4.61 -0.35
N GLU B 185 -4.46 5.35 -0.11
CA GLU B 185 -3.32 4.86 0.69
C GLU B 185 -3.79 4.40 2.06
N GLY B 186 -3.31 3.23 2.48
CA GLY B 186 -3.60 2.70 3.82
C GLY B 186 -5.03 2.21 3.93
N GLY B 187 -5.79 2.23 2.84
CA GLY B 187 -7.23 1.94 2.87
C GLY B 187 -8.01 2.89 3.76
N ARG B 188 -7.44 4.05 4.08
CA ARG B 188 -8.12 5.11 4.87
C ARG B 188 -9.03 5.92 3.95
N ASP B 189 -10.29 6.10 4.29
CA ASP B 189 -11.21 6.83 3.39
C ASP B 189 -10.65 8.23 3.13
N TYR B 190 -10.91 8.75 1.92
CA TYR B 190 -10.56 10.13 1.46
C TYR B 190 -9.06 10.31 1.26
N ASN B 191 -8.25 9.26 1.49
CA ASN B 191 -6.78 9.42 1.52
C ASN B 191 -6.24 9.51 0.08
N THR B 192 -5.04 10.07 -0.02
CA THR B 192 -4.17 10.16 -1.19
C THR B 192 -4.23 8.94 -2.11
N VAL B 193 -4.36 9.21 -3.41
CA VAL B 193 -4.20 8.18 -4.46
C VAL B 193 -3.06 8.62 -5.33
N ASP B 194 -2.12 7.71 -5.55
CA ASP B 194 -0.92 7.98 -6.34
C ASP B 194 -0.66 6.77 -7.22
N MET B 195 -0.62 6.94 -8.53
CA MET B 195 -0.34 5.81 -9.43
C MET B 195 0.18 6.30 -10.78
N SER B 196 0.80 5.38 -11.50
CA SER B 196 1.32 5.61 -12.85
C SER B 196 0.14 5.71 -13.81
N LEU B 197 0.35 6.37 -14.93
CA LEU B 197 -0.70 6.55 -15.94
C LEU B 197 -1.03 5.23 -16.59
N PRO B 198 -0.04 4.37 -16.93
CA PRO B 198 -0.37 3.06 -17.49
C PRO B 198 -1.28 2.23 -16.57
N ARG B 199 -1.04 2.23 -15.28
CA ARG B 199 -1.90 1.42 -14.36
C ARG B 199 -3.30 2.04 -14.31
N MET B 200 -3.36 3.36 -14.23
CA MET B 200 -4.62 4.13 -14.18
C MET B 200 -5.49 3.75 -15.38
N PHE B 201 -4.94 3.81 -16.59
CA PHE B 201 -5.69 3.56 -17.85
C PHE B 201 -5.97 2.06 -18.00
N GLN B 202 -5.05 1.20 -17.58
CA GLN B 202 -5.17 -0.27 -17.77
C GLN B 202 -6.22 -0.82 -16.79
N ASP B 203 -6.13 -0.43 -15.52
CA ASP B 203 -6.85 -1.15 -14.44
C ASP B 203 -8.01 -0.33 -13.86
N TYR B 204 -7.92 0.99 -13.76
CA TYR B 204 -8.79 1.80 -12.86
C TYR B 204 -9.87 2.59 -13.64
N LEU B 205 -9.53 3.17 -14.80
CA LEU B 205 -10.43 4.06 -15.57
C LEU B 205 -11.45 3.29 -16.41
N PRO B 206 -11.18 2.08 -16.97
CA PRO B 206 -12.16 1.43 -17.85
C PRO B 206 -13.60 1.35 -17.32
N PRO B 207 -13.86 1.14 -16.01
CA PRO B 207 -15.24 1.12 -15.52
C PRO B 207 -16.04 2.42 -15.68
N TYR B 208 -15.41 3.57 -15.44
CA TYR B 208 -16.03 4.90 -15.68
C TYR B 208 -16.31 5.00 -17.19
N LYS B 209 -15.38 4.55 -18.01
CA LYS B 209 -15.51 4.66 -19.48
C LYS B 209 -16.68 3.81 -19.95
N ALA B 210 -16.82 2.59 -19.44
CA ALA B 210 -17.98 1.71 -19.75
C ALA B 210 -19.29 2.40 -19.37
N ALA B 211 -19.33 3.10 -18.24
CA ALA B 211 -20.56 3.81 -17.82
C ALA B 211 -20.86 4.89 -18.87
N VAL B 212 -19.84 5.63 -19.30
CA VAL B 212 -19.98 6.76 -20.26
C VAL B 212 -20.45 6.22 -21.63
N ASP B 213 -19.84 5.13 -22.10
CA ASP B 213 -20.17 4.46 -23.40
C ASP B 213 -21.56 3.81 -23.33
N ALA B 214 -22.05 3.44 -22.13
CA ALA B 214 -23.43 2.93 -21.95
C ALA B 214 -24.46 4.07 -21.90
N GLY B 215 -24.04 5.33 -21.97
CA GLY B 215 -24.92 6.50 -21.99
C GLY B 215 -25.21 7.06 -20.60
N ALA B 216 -24.36 6.82 -19.60
CA ALA B 216 -24.62 7.40 -18.27
C ALA B 216 -24.86 8.90 -18.43
N GLY B 217 -25.95 9.42 -17.86
CA GLY B 217 -26.30 10.84 -17.96
C GLY B 217 -25.46 11.70 -17.05
N ALA B 218 -24.93 11.15 -15.96
CA ALA B 218 -24.12 11.97 -15.03
C ALA B 218 -22.93 11.21 -14.49
N VAL B 219 -22.00 12.01 -13.96
CA VAL B 219 -20.76 11.51 -13.31
C VAL B 219 -20.60 12.28 -12.02
N MET B 220 -20.45 11.53 -10.92
CA MET B 220 -20.14 12.11 -9.60
C MET B 220 -18.62 12.08 -9.42
N VAL B 221 -18.07 13.23 -9.07
CA VAL B 221 -16.61 13.43 -8.93
C VAL B 221 -16.16 13.01 -7.52
N SER B 222 -14.98 12.40 -7.39
CA SER B 222 -14.53 11.81 -6.11
C SER B 222 -13.89 12.85 -5.20
N LEU B 223 -13.56 12.46 -3.97
CA LEU B 223 -13.05 13.37 -2.91
C LEU B 223 -11.52 13.33 -2.84
N ASN B 224 -10.91 12.35 -3.47
CA ASN B 224 -9.44 12.10 -3.34
C ASN B 224 -8.59 12.92 -4.32
N THR B 225 -7.35 13.17 -3.94
CA THR B 225 -6.27 13.60 -4.86
C THR B 225 -5.98 12.46 -5.83
N ILE B 226 -5.67 12.82 -7.05
CA ILE B 226 -5.08 11.90 -8.04
C ILE B 226 -3.73 12.49 -8.36
N ASN B 227 -2.66 11.80 -8.00
CA ASN B 227 -1.26 12.23 -8.27
C ASN B 227 -1.08 13.71 -7.84
N GLY B 228 -1.67 14.06 -6.69
CA GLY B 228 -1.50 15.37 -6.05
C GLY B 228 -2.61 16.37 -6.36
N VAL B 229 -3.49 16.09 -7.32
CA VAL B 229 -4.58 17.05 -7.71
C VAL B 229 -5.93 16.46 -7.33
N PRO B 230 -6.66 17.10 -6.39
CA PRO B 230 -8.01 16.64 -6.04
C PRO B 230 -8.87 16.50 -7.30
N ALA B 231 -9.69 15.44 -7.38
CA ALA B 231 -10.57 15.19 -8.55
C ALA B 231 -11.42 16.44 -8.85
N THR B 232 -11.90 17.13 -7.82
CA THR B 232 -12.81 18.30 -7.94
C THR B 232 -12.12 19.48 -8.63
N ALA B 233 -10.79 19.52 -8.64
CA ALA B 233 -10.00 20.60 -9.25
C ALA B 233 -9.14 20.06 -10.40
N ASN B 234 -9.48 18.89 -10.95
CA ASN B 234 -8.58 18.16 -11.85
C ASN B 234 -9.09 18.31 -13.27
N ARG B 235 -8.60 19.33 -13.95
CA ARG B 235 -8.95 19.64 -15.34
C ARG B 235 -8.50 18.50 -16.24
N TRP B 236 -7.35 17.91 -15.94
CA TRP B 236 -6.82 16.82 -16.79
C TRP B 236 -7.90 15.70 -16.78
N LEU B 237 -8.48 15.37 -15.62
CA LEU B 237 -9.47 14.27 -15.46
C LEU B 237 -10.85 14.63 -16.03
N LEU B 238 -11.37 15.80 -15.67
CA LEU B 238 -12.80 16.15 -15.92
C LEU B 238 -12.98 16.80 -17.30
N THR B 239 -11.94 17.43 -17.86
CA THR B 239 -12.08 18.10 -19.18
C THR B 239 -11.30 17.27 -20.20
N ASP B 240 -9.98 17.16 -20.07
CA ASP B 240 -9.15 16.47 -21.10
C ASP B 240 -9.62 15.01 -21.28
N LEU B 241 -9.66 14.21 -20.22
CA LEU B 241 -10.07 12.79 -20.35
C LEU B 241 -11.58 12.68 -20.60
N LEU B 242 -12.39 13.15 -19.66
CA LEU B 242 -13.86 12.85 -19.67
C LEU B 242 -14.53 13.51 -20.88
N ARG B 243 -14.28 14.79 -21.17
CA ARG B 243 -14.99 15.50 -22.28
C ARG B 243 -14.26 15.31 -23.60
N GLN B 244 -13.02 15.77 -23.73
CA GLN B 244 -12.31 15.83 -25.04
C GLN B 244 -12.01 14.41 -25.53
N GLN B 245 -11.47 13.52 -24.68
CA GLN B 245 -11.02 12.16 -25.11
C GLN B 245 -12.18 11.17 -25.13
N TRP B 246 -13.00 11.12 -24.08
CA TRP B 246 -14.10 10.13 -24.02
C TRP B 246 -15.37 10.70 -24.63
N GLY B 247 -15.49 12.00 -24.83
CA GLY B 247 -16.69 12.60 -25.46
C GLY B 247 -17.91 12.52 -24.55
N PHE B 248 -17.73 12.61 -23.23
CA PHE B 248 -18.86 12.69 -22.27
C PHE B 248 -19.65 13.96 -22.54
N LYS B 249 -20.96 13.84 -22.72
CA LYS B 249 -21.85 14.97 -23.05
C LYS B 249 -22.75 15.31 -21.86
N GLY B 250 -22.67 14.61 -20.75
CA GLY B 250 -23.65 14.76 -19.68
C GLY B 250 -23.20 15.71 -18.60
N LEU B 251 -23.64 15.42 -17.37
CA LEU B 251 -23.56 16.35 -16.21
C LEU B 251 -22.49 15.86 -15.23
N THR B 252 -21.66 16.77 -14.72
CA THR B 252 -20.72 16.47 -13.60
C THR B 252 -21.25 17.04 -12.30
N ILE B 253 -21.24 16.22 -11.27
CA ILE B 253 -21.75 16.58 -9.92
C ILE B 253 -20.61 16.39 -8.92
N SER B 254 -20.32 17.41 -8.14
CA SER B 254 -19.33 17.34 -7.04
C SER B 254 -19.92 16.53 -5.90
N ASN B 255 -19.04 15.93 -5.11
CA ASN B 255 -19.44 15.19 -3.90
C ASN B 255 -19.75 16.24 -2.83
N HIS B 256 -20.32 15.79 -1.72
CA HIS B 256 -20.85 16.62 -0.62
C HIS B 256 -19.70 17.44 -0.01
N GLY B 257 -19.72 18.77 -0.11
CA GLY B 257 -18.69 19.69 0.43
C GLY B 257 -17.35 19.62 -0.30
N ALA B 258 -17.29 19.12 -1.54
CA ALA B 258 -16.00 18.83 -2.22
C ALA B 258 -15.27 20.09 -2.68
N VAL B 259 -16.01 21.11 -3.11
CA VAL B 259 -15.42 22.38 -3.63
C VAL B 259 -14.72 23.08 -2.46
N LYS B 260 -15.38 23.15 -1.31
CA LYS B 260 -14.87 23.82 -0.10
C LYS B 260 -13.64 23.06 0.41
N GLU B 261 -13.65 21.74 0.26
CA GLU B 261 -12.55 20.89 0.75
C GLU B 261 -11.26 21.16 -0.03
N LEU B 262 -11.32 21.89 -1.15
CA LEU B 262 -10.10 22.22 -1.92
C LEU B 262 -9.19 23.09 -1.05
N ILE B 263 -9.74 23.72 -0.01
CA ILE B 263 -8.95 24.53 0.95
C ILE B 263 -8.12 23.56 1.81
N LYS B 264 -8.73 22.51 2.36
CA LYS B 264 -8.02 21.54 3.23
C LYS B 264 -6.98 20.73 2.42
N HIS B 265 -7.24 20.47 1.14
CA HIS B 265 -6.24 19.85 0.22
C HIS B 265 -5.03 20.78 -0.03
N GLY B 266 -5.13 22.08 0.26
CA GLY B 266 -4.09 23.07 -0.02
C GLY B 266 -3.96 23.43 -1.50
N LEU B 267 -5.07 23.38 -2.25
CA LEU B 267 -5.13 23.88 -3.65
C LEU B 267 -5.67 25.31 -3.66
N ALA B 268 -6.31 25.74 -2.57
CA ALA B 268 -6.96 27.07 -2.48
C ALA B 268 -6.83 27.65 -1.07
N GLY B 269 -6.65 28.96 -1.00
CA GLY B 269 -6.55 29.72 0.25
C GLY B 269 -7.90 30.18 0.75
N ASN B 270 -8.93 30.20 -0.09
CA ASN B 270 -10.28 30.72 0.29
C ASN B 270 -11.35 30.09 -0.60
N GLU B 271 -12.62 30.33 -0.29
CA GLU B 271 -13.78 29.71 -0.97
C GLU B 271 -13.94 30.27 -2.38
N ARG B 272 -13.60 31.54 -2.58
CA ARG B 272 -13.67 32.21 -3.90
C ARG B 272 -12.78 31.43 -4.87
N ASP B 273 -11.55 31.13 -4.46
CA ASP B 273 -10.53 30.46 -5.32
C ASP B 273 -10.91 28.99 -5.51
N ALA B 274 -11.43 28.34 -4.48
CA ALA B 274 -11.86 26.95 -4.55
C ALA B 274 -12.92 26.84 -5.66
N THR B 275 -13.87 27.80 -5.66
CA THR B 275 -15.00 27.84 -6.60
C THR B 275 -14.47 27.99 -8.03
N ARG B 276 -13.53 28.91 -8.24
CA ARG B 276 -12.91 29.09 -9.59
C ARG B 276 -12.28 27.77 -10.04
N LEU B 277 -11.53 27.10 -9.15
CA LEU B 277 -10.82 25.87 -9.55
C LEU B 277 -11.84 24.83 -9.98
N ALA B 278 -12.94 24.66 -9.23
CA ALA B 278 -13.94 23.61 -9.52
C ALA B 278 -14.64 23.91 -10.84
N ILE B 279 -15.07 25.14 -11.07
CA ILE B 279 -15.90 25.39 -12.28
C ILE B 279 -15.01 25.29 -13.52
N GLN B 280 -13.77 25.78 -13.47
CA GLN B 280 -12.85 25.73 -14.65
C GLN B 280 -12.33 24.31 -14.88
N ALA B 281 -12.22 23.46 -13.86
CA ALA B 281 -11.79 22.05 -14.06
C ALA B 281 -12.90 21.28 -14.81
N GLY B 282 -14.17 21.64 -14.59
CA GLY B 282 -15.31 20.99 -15.28
C GLY B 282 -16.30 20.35 -14.31
N VAL B 283 -16.43 20.89 -13.10
CA VAL B 283 -17.56 20.57 -12.17
C VAL B 283 -18.75 21.49 -12.48
N ASP B 284 -19.86 20.90 -12.92
CA ASP B 284 -21.08 21.61 -13.34
C ASP B 284 -21.93 21.93 -12.12
N MET B 285 -22.19 20.93 -11.28
CA MET B 285 -23.21 21.01 -10.22
C MET B 285 -22.56 20.79 -8.86
N ASN B 286 -23.02 21.54 -7.86
CA ASN B 286 -22.33 21.76 -6.58
C ASN B 286 -23.24 21.28 -5.43
N MET B 287 -22.83 20.24 -4.71
CA MET B 287 -23.66 19.59 -3.68
C MET B 287 -23.51 20.31 -2.33
N ASN B 288 -24.61 20.93 -1.86
CA ASN B 288 -24.91 21.44 -0.48
C ASN B 288 -24.03 22.60 0.01
N ASP B 289 -22.75 22.77 -0.35
CA ASP B 289 -21.90 23.81 0.31
C ASP B 289 -22.21 25.24 -0.22
N ASP B 290 -22.83 25.37 -1.41
CA ASP B 290 -23.40 26.62 -2.00
C ASP B 290 -22.34 27.66 -2.38
N LEU B 291 -21.09 27.26 -2.65
CA LEU B 291 -20.00 28.21 -3.04
C LEU B 291 -20.30 28.81 -4.43
N TYR B 292 -20.89 28.04 -5.35
CA TYR B 292 -21.23 28.51 -6.72
C TYR B 292 -22.16 29.73 -6.64
N SER B 293 -23.23 29.63 -5.85
CA SER B 293 -24.22 30.73 -5.69
C SER B 293 -23.52 31.95 -5.09
N THR B 294 -22.72 31.73 -4.04
CA THR B 294 -22.00 32.79 -3.29
C THR B 294 -20.97 33.50 -4.18
N TRP B 295 -20.25 32.81 -5.07
CA TRP B 295 -18.98 33.36 -5.63
C TRP B 295 -18.97 33.53 -7.15
N LEU B 296 -19.77 32.79 -7.91
CA LEU B 296 -19.61 32.84 -9.38
C LEU B 296 -19.87 34.27 -9.93
N PRO B 297 -20.87 35.04 -9.44
CA PRO B 297 -21.08 36.40 -9.97
C PRO B 297 -19.85 37.31 -9.82
N LYS B 298 -19.25 37.34 -8.63
CA LYS B 298 -18.01 38.11 -8.37
C LYS B 298 -16.84 37.58 -9.20
N LEU B 299 -16.68 36.25 -9.35
CA LEU B 299 -15.59 35.67 -10.17
C LEU B 299 -15.75 36.18 -11.62
N LEU B 300 -16.98 36.15 -12.14
CA LEU B 300 -17.24 36.55 -13.55
C LEU B 300 -16.95 38.06 -13.71
N ALA B 301 -17.51 38.89 -12.83
CA ALA B 301 -17.39 40.36 -12.93
C ALA B 301 -15.91 40.78 -12.84
N ALA B 302 -15.07 40.03 -12.10
CA ALA B 302 -13.63 40.33 -11.98
C ALA B 302 -12.82 39.74 -13.14
N GLY B 303 -13.42 39.02 -14.10
CA GLY B 303 -12.70 38.39 -15.22
C GLY B 303 -11.88 37.17 -14.80
N GLU B 304 -12.16 36.58 -13.64
CA GLU B 304 -11.42 35.40 -13.11
C GLU B 304 -11.96 34.10 -13.74
N ILE B 305 -13.24 34.09 -14.12
CA ILE B 305 -13.85 33.00 -14.92
C ILE B 305 -14.50 33.64 -16.15
N ASP B 306 -14.87 32.83 -17.13
CA ASP B 306 -15.47 33.28 -18.40
C ASP B 306 -16.95 32.91 -18.42
N GLN B 307 -17.75 33.67 -19.16
CA GLN B 307 -19.19 33.38 -19.36
C GLN B 307 -19.35 31.92 -19.81
N ALA B 308 -18.43 31.42 -20.64
CA ALA B 308 -18.47 30.06 -21.22
C ALA B 308 -18.43 29.00 -20.10
N ASP B 309 -17.77 29.30 -18.98
CA ASP B 309 -17.72 28.39 -17.79
C ASP B 309 -19.13 28.22 -17.20
N ILE B 310 -19.85 29.34 -16.98
CA ILE B 310 -21.25 29.32 -16.46
C ILE B 310 -22.14 28.61 -17.50
N ASP B 311 -22.02 29.02 -18.76
CA ASP B 311 -22.90 28.52 -19.86
C ASP B 311 -22.75 26.99 -20.00
N ARG B 312 -21.55 26.46 -19.97
CA ARG B 312 -21.30 25.00 -20.12
C ARG B 312 -21.95 24.24 -18.94
N ALA B 313 -21.74 24.66 -17.70
CA ALA B 313 -22.33 23.99 -16.52
C ALA B 313 -23.86 23.99 -16.61
N CYS B 314 -24.45 25.16 -16.86
CA CYS B 314 -25.92 25.36 -16.94
C CYS B 314 -26.50 24.46 -18.05
N ARG B 315 -25.90 24.50 -19.23
CA ARG B 315 -26.33 23.68 -20.39
C ARG B 315 -26.40 22.19 -20.01
N ASP B 316 -25.42 21.69 -19.26
CA ASP B 316 -25.37 20.26 -18.86
C ASP B 316 -26.56 19.96 -17.93
N VAL B 317 -26.89 20.86 -17.01
CA VAL B 317 -28.09 20.68 -16.13
C VAL B 317 -29.34 20.66 -17.02
N LEU B 318 -29.50 21.62 -17.93
CA LEU B 318 -30.74 21.71 -18.75
C LEU B 318 -30.81 20.47 -19.66
N ALA B 319 -29.69 19.99 -20.20
CA ALA B 319 -29.68 18.84 -21.14
C ALA B 319 -30.09 17.56 -20.39
N ALA B 320 -29.67 17.44 -19.13
CA ALA B 320 -30.11 16.35 -18.22
C ALA B 320 -31.62 16.41 -17.94
N LYS B 321 -32.17 17.58 -17.66
CA LYS B 321 -33.62 17.72 -17.39
C LYS B 321 -34.42 17.39 -18.66
N TYR B 322 -33.91 17.82 -19.81
CA TYR B 322 -34.56 17.61 -21.13
C TYR B 322 -34.64 16.11 -21.39
N ASP B 323 -33.52 15.39 -21.21
CA ASP B 323 -33.41 13.94 -21.50
C ASP B 323 -34.29 13.14 -20.54
N LEU B 324 -34.46 13.66 -19.32
CA LEU B 324 -35.34 13.03 -18.30
C LEU B 324 -36.83 13.32 -18.56
N GLY B 325 -37.15 14.06 -19.63
CA GLY B 325 -38.53 14.36 -20.02
C GLY B 325 -39.16 15.45 -19.19
N LEU B 326 -38.39 16.21 -18.39
CA LEU B 326 -38.97 17.09 -17.36
C LEU B 326 -39.48 18.41 -17.97
N PHE B 327 -39.00 18.84 -19.13
CA PHE B 327 -39.62 20.00 -19.82
C PHE B 327 -40.95 19.55 -20.46
N ALA B 328 -41.01 18.37 -21.08
CA ALA B 328 -42.27 17.85 -21.68
C ALA B 328 -43.33 17.73 -20.57
N ASP B 329 -43.01 17.09 -19.44
CA ASP B 329 -43.96 16.92 -18.29
C ASP B 329 -43.19 16.80 -16.99
N PRO B 330 -43.16 17.85 -16.16
CA PRO B 330 -42.42 17.81 -14.90
C PRO B 330 -42.95 16.81 -13.87
N TYR B 331 -44.15 16.30 -14.09
CA TYR B 331 -44.87 15.39 -13.16
C TYR B 331 -44.89 13.97 -13.73
N ARG B 332 -44.11 13.68 -14.77
CA ARG B 332 -44.20 12.38 -15.52
C ARG B 332 -43.92 11.18 -14.62
N ARG B 333 -43.15 11.33 -13.55
CA ARG B 333 -42.85 10.26 -12.54
C ARG B 333 -43.63 10.49 -11.25
N LEU B 334 -44.58 11.43 -11.22
CA LEU B 334 -45.31 11.78 -9.98
C LEU B 334 -46.82 11.53 -10.08
N GLY B 335 -47.30 10.79 -11.09
CA GLY B 335 -48.74 10.52 -11.27
C GLY B 335 -49.51 11.78 -11.67
N LYS B 336 -50.85 11.71 -11.68
CA LYS B 336 -51.75 12.85 -12.00
C LYS B 336 -52.22 13.45 -10.69
N PRO B 337 -52.83 14.66 -10.69
CA PRO B 337 -53.47 15.18 -9.48
C PRO B 337 -54.61 14.28 -8.98
N ASP B 338 -55.38 13.66 -9.89
CA ASP B 338 -56.51 12.72 -9.62
C ASP B 338 -56.09 11.47 -8.85
N ASP B 339 -54.80 11.11 -8.94
CA ASP B 339 -54.29 9.81 -8.40
C ASP B 339 -54.54 9.77 -6.89
N PRO B 340 -55.02 8.61 -6.40
CA PRO B 340 -55.28 8.45 -4.97
C PRO B 340 -53.96 8.33 -4.21
N PRO B 341 -53.95 8.80 -2.95
CA PRO B 341 -52.78 8.67 -2.10
C PRO B 341 -52.47 7.19 -1.79
N PHE B 342 -51.24 6.88 -1.37
CA PHE B 342 -50.82 5.52 -0.94
C PHE B 342 -49.85 5.61 0.23
N ASP B 343 -49.70 4.49 0.94
CA ASP B 343 -48.62 4.28 1.93
C ASP B 343 -47.36 3.96 1.12
N THR B 344 -46.37 4.85 1.13
CA THR B 344 -45.09 4.66 0.42
C THR B 344 -44.49 3.29 0.80
N ASN B 345 -44.63 2.88 2.06
CA ASN B 345 -43.96 1.66 2.59
C ASN B 345 -44.89 0.45 2.59
N ALA B 346 -46.00 0.48 1.86
CA ALA B 346 -46.91 -0.70 1.76
C ALA B 346 -46.12 -1.94 1.31
N GLU B 347 -46.38 -3.04 2.00
CA GLU B 347 -45.91 -4.41 1.66
C GLU B 347 -46.17 -4.71 0.18
N SER B 348 -47.24 -4.19 -0.41
CA SER B 348 -47.65 -4.48 -1.81
C SER B 348 -46.77 -3.74 -2.83
N ARG B 349 -45.93 -2.80 -2.42
CA ARG B 349 -45.06 -2.03 -3.33
C ARG B 349 -43.66 -2.63 -3.35
N LEU B 350 -43.43 -3.67 -2.53
CA LEU B 350 -42.13 -4.39 -2.49
C LEU B 350 -42.05 -5.41 -3.62
N HIS B 351 -40.85 -5.95 -3.81
CA HIS B 351 -40.55 -7.00 -4.80
C HIS B 351 -39.80 -8.12 -4.12
N ARG B 352 -40.43 -8.82 -3.18
CA ARG B 352 -39.77 -9.87 -2.36
C ARG B 352 -39.27 -11.02 -3.24
N GLN B 353 -40.02 -11.42 -4.26
CA GLN B 353 -39.65 -12.59 -5.09
C GLN B 353 -38.31 -12.27 -5.79
N ALA B 354 -38.19 -11.09 -6.40
CA ALA B 354 -36.96 -10.67 -7.09
C ALA B 354 -35.78 -10.60 -6.10
N ALA B 355 -35.98 -10.05 -4.90
CA ALA B 355 -34.89 -9.91 -3.90
C ALA B 355 -34.46 -11.30 -3.43
N ARG B 356 -35.40 -12.23 -3.27
CA ARG B 356 -35.06 -13.60 -2.81
C ARG B 356 -34.23 -14.30 -3.90
N GLU B 357 -34.67 -14.26 -5.14
CA GLU B 357 -33.99 -15.00 -6.24
C GLU B 357 -32.60 -14.40 -6.49
N VAL B 358 -32.46 -13.07 -6.42
CA VAL B 358 -31.13 -12.41 -6.63
C VAL B 358 -30.21 -12.81 -5.48
N ALA B 359 -30.70 -12.74 -4.25
CA ALA B 359 -29.89 -12.97 -3.04
C ALA B 359 -29.29 -14.36 -3.06
N ARG B 360 -30.03 -15.38 -3.51
CA ARG B 360 -29.54 -16.77 -3.59
C ARG B 360 -28.30 -16.87 -4.46
N GLU B 361 -28.21 -16.05 -5.52
CA GLU B 361 -27.16 -16.18 -6.57
C GLU B 361 -25.79 -15.70 -6.05
N GLY B 362 -25.77 -14.81 -5.06
CA GLY B 362 -24.52 -14.18 -4.57
C GLY B 362 -23.88 -14.96 -3.44
N LEU B 363 -24.55 -15.96 -2.85
CA LEU B 363 -24.02 -16.65 -1.65
C LEU B 363 -22.88 -17.54 -2.11
N VAL B 364 -21.76 -17.50 -1.40
CA VAL B 364 -20.52 -18.22 -1.78
C VAL B 364 -20.24 -19.25 -0.71
N LEU B 365 -20.12 -20.49 -1.12
CA LEU B 365 -19.76 -21.62 -0.25
C LEU B 365 -18.24 -21.72 -0.21
N LEU B 366 -17.66 -21.45 0.96
CA LEU B 366 -16.18 -21.34 1.10
C LEU B 366 -15.65 -22.67 1.61
N LYS B 367 -16.43 -23.38 2.42
CA LYS B 367 -16.01 -24.65 3.02
C LYS B 367 -17.24 -25.51 3.35
N ASN B 368 -17.10 -26.83 3.14
CA ASN B 368 -18.15 -27.84 3.39
C ASN B 368 -17.47 -29.20 3.62
N ARG B 369 -16.96 -29.43 4.82
CA ARG B 369 -16.24 -30.68 5.15
C ARG B 369 -17.25 -31.82 5.23
N ASP B 370 -17.12 -32.81 4.33
CA ASP B 370 -17.76 -34.13 4.49
C ASP B 370 -19.29 -34.03 4.31
N GLY B 371 -19.74 -33.21 3.35
CA GLY B 371 -21.16 -33.12 2.97
C GLY B 371 -22.08 -32.67 4.11
N LEU B 372 -21.57 -31.94 5.11
CA LEU B 372 -22.44 -31.40 6.20
C LEU B 372 -23.56 -30.55 5.59
N LEU B 373 -23.26 -29.71 4.61
CA LEU B 373 -24.31 -28.99 3.84
C LEU B 373 -24.57 -29.79 2.58
N PRO B 374 -25.83 -29.81 2.08
CA PRO B 374 -26.96 -29.15 2.75
C PRO B 374 -27.46 -29.85 4.02
N LEU B 375 -28.10 -29.08 4.91
CA LEU B 375 -28.72 -29.57 6.17
C LEU B 375 -30.06 -30.22 5.86
N LYS B 376 -30.47 -31.14 6.72
CA LYS B 376 -31.80 -31.79 6.63
C LYS B 376 -32.76 -31.01 7.52
N LYS B 377 -33.99 -30.87 7.07
CA LYS B 377 -35.10 -30.28 7.85
C LYS B 377 -35.56 -31.30 8.90
N GLN B 378 -34.72 -31.52 9.92
CA GLN B 378 -35.02 -32.46 11.02
C GLN B 378 -34.09 -32.16 12.20
N GLY B 379 -34.34 -32.83 13.32
CA GLY B 379 -33.49 -32.77 14.51
C GLY B 379 -33.55 -31.41 15.18
N ARG B 380 -32.47 -31.06 15.87
CA ARG B 380 -32.34 -29.85 16.71
C ARG B 380 -31.16 -29.02 16.17
N ILE B 381 -31.45 -27.76 15.83
CA ILE B 381 -30.47 -26.82 15.21
C ILE B 381 -30.29 -25.64 16.16
N ALA B 382 -29.07 -25.47 16.66
CA ALA B 382 -28.68 -24.29 17.46
C ALA B 382 -28.40 -23.15 16.49
N VAL B 383 -29.08 -22.03 16.67
CA VAL B 383 -28.82 -20.79 15.90
C VAL B 383 -28.20 -19.80 16.87
N ILE B 384 -26.92 -19.51 16.69
CA ILE B 384 -26.15 -18.74 17.70
C ILE B 384 -25.38 -17.59 17.04
N GLY B 385 -25.47 -16.40 17.62
CA GLY B 385 -24.58 -15.30 17.22
C GLY B 385 -25.31 -13.98 17.12
N PRO B 386 -24.53 -12.88 17.24
CA PRO B 386 -25.09 -11.53 17.30
C PRO B 386 -25.80 -11.10 16.02
N LEU B 387 -25.53 -11.76 14.89
CA LEU B 387 -26.17 -11.36 13.61
C LEU B 387 -27.34 -12.27 13.26
N ALA B 388 -27.58 -13.35 14.00
CA ALA B 388 -28.70 -14.30 13.74
C ALA B 388 -30.03 -13.55 13.66
N LYS B 389 -30.32 -12.63 14.58
CA LYS B 389 -31.64 -11.94 14.61
C LYS B 389 -31.50 -10.47 14.19
N SER B 390 -30.54 -10.14 13.33
CA SER B 390 -30.25 -8.72 13.02
C SER B 390 -30.92 -8.31 11.71
N GLN B 391 -31.94 -7.47 11.80
CA GLN B 391 -32.65 -6.92 10.63
C GLN B 391 -31.82 -5.76 10.06
N ARG B 392 -31.24 -4.93 10.93
CA ARG B 392 -30.50 -3.72 10.50
C ARG B 392 -29.26 -4.15 9.71
N ASP B 393 -28.64 -5.29 10.05
CA ASP B 393 -27.37 -5.67 9.39
C ASP B 393 -27.63 -6.34 8.04
N VAL B 394 -28.67 -7.17 7.93
CA VAL B 394 -28.88 -7.99 6.70
C VAL B 394 -29.11 -7.08 5.48
N ILE B 395 -29.64 -5.87 5.65
CA ILE B 395 -29.84 -4.94 4.50
C ILE B 395 -28.57 -4.12 4.20
N GLY B 396 -27.49 -4.28 4.98
CA GLY B 396 -26.15 -3.72 4.67
C GLY B 396 -26.10 -2.20 4.75
N SER B 397 -24.96 -1.62 4.40
CA SER B 397 -24.78 -0.14 4.31
C SER B 397 -25.47 0.32 3.03
N TRP B 398 -25.71 1.62 2.94
CA TRP B 398 -26.31 2.28 1.75
C TRP B 398 -27.63 1.59 1.39
N SER B 399 -28.51 1.45 2.39
CA SER B 399 -29.78 0.71 2.29
C SER B 399 -30.92 1.66 1.87
N ALA B 400 -30.61 2.85 1.38
CA ALA B 400 -31.57 3.77 0.73
C ALA B 400 -32.84 3.85 1.59
N ALA B 401 -34.03 3.64 1.02
CA ALA B 401 -35.31 3.73 1.76
C ALA B 401 -35.70 2.37 2.36
N GLY B 402 -34.78 1.39 2.42
CA GLY B 402 -35.02 0.08 3.04
C GLY B 402 -35.51 0.21 4.48
N VAL B 403 -36.50 -0.59 4.87
CA VAL B 403 -37.09 -0.60 6.25
C VAL B 403 -36.61 -1.88 6.95
N PRO B 404 -35.74 -1.80 7.98
CA PRO B 404 -35.25 -3.01 8.64
C PRO B 404 -36.37 -3.96 9.13
N ARG B 405 -37.48 -3.44 9.67
CA ARG B 405 -38.56 -4.33 10.18
C ARG B 405 -39.21 -5.14 9.05
N GLN B 406 -39.05 -4.74 7.78
CA GLN B 406 -39.56 -5.53 6.63
C GLN B 406 -38.55 -6.61 6.22
N ALA B 407 -37.34 -6.65 6.78
CA ALA B 407 -36.27 -7.58 6.34
C ALA B 407 -36.41 -8.93 7.04
N VAL B 408 -35.93 -9.99 6.39
CA VAL B 408 -35.96 -11.37 6.93
C VAL B 408 -34.58 -11.71 7.50
N THR B 409 -34.50 -11.90 8.81
CA THR B 409 -33.24 -12.26 9.50
C THR B 409 -32.84 -13.70 9.11
N VAL B 410 -31.60 -14.07 9.38
CA VAL B 410 -31.15 -15.48 9.22
C VAL B 410 -32.00 -16.37 10.12
N TYR B 411 -32.22 -16.02 11.38
CA TYR B 411 -33.04 -16.86 12.31
C TYR B 411 -34.43 -17.09 11.69
N GLN B 412 -35.09 -15.99 11.32
CA GLN B 412 -36.46 -16.02 10.78
C GLN B 412 -36.48 -16.83 9.48
N GLY B 413 -35.47 -16.65 8.62
CA GLY B 413 -35.33 -17.42 7.38
C GLY B 413 -35.27 -18.91 7.68
N LEU B 414 -34.48 -19.30 8.68
CA LEU B 414 -34.35 -20.71 9.11
C LEU B 414 -35.69 -21.20 9.70
N ALA B 415 -36.36 -20.40 10.52
CA ALA B 415 -37.68 -20.76 11.10
C ALA B 415 -38.69 -21.02 9.96
N ASN B 416 -38.71 -20.16 8.95
CA ASN B 416 -39.64 -20.24 7.79
C ASN B 416 -39.38 -21.52 7.02
N ALA B 417 -38.13 -21.94 6.91
CA ALA B 417 -37.70 -23.13 6.16
C ALA B 417 -38.08 -24.43 6.90
N VAL B 418 -37.81 -24.57 8.20
CA VAL B 418 -38.02 -25.87 8.92
C VAL B 418 -39.51 -26.06 9.28
N GLY B 419 -40.21 -24.98 9.61
CA GLY B 419 -41.55 -25.06 10.23
C GLY B 419 -41.49 -25.95 11.46
N GLU B 420 -42.30 -27.01 11.49
CA GLU B 420 -42.43 -27.93 12.65
C GLU B 420 -41.53 -29.14 12.49
N ARG B 421 -40.87 -29.30 11.33
CA ARG B 421 -40.08 -30.52 11.01
CA ARG B 421 -40.09 -30.53 11.00
C ARG B 421 -38.77 -30.53 11.78
N ALA B 422 -38.36 -29.39 12.33
CA ALA B 422 -37.14 -29.31 13.18
C ALA B 422 -37.32 -28.22 14.23
N THR B 423 -36.50 -28.30 15.26
CA THR B 423 -36.46 -27.37 16.40
C THR B 423 -35.23 -26.47 16.26
N LEU B 424 -35.44 -25.15 16.31
CA LEU B 424 -34.35 -24.15 16.43
C LEU B 424 -34.22 -23.78 17.89
N LEU B 425 -32.98 -23.75 18.39
CA LEU B 425 -32.67 -23.23 19.75
C LEU B 425 -31.82 -21.98 19.56
N TYR B 426 -32.21 -20.85 20.14
CA TYR B 426 -31.54 -19.56 19.91
C TYR B 426 -30.71 -19.18 21.12
N ALA B 427 -29.52 -18.64 20.88
CA ALA B 427 -28.70 -17.95 21.90
C ALA B 427 -27.84 -16.92 21.19
N LYS B 428 -27.89 -15.68 21.67
CA LYS B 428 -27.09 -14.58 21.09
C LYS B 428 -25.61 -14.92 21.08
N GLY B 429 -25.10 -15.56 22.14
CA GLY B 429 -23.70 -16.02 22.24
C GLY B 429 -22.71 -14.90 22.54
N ALA B 430 -22.79 -13.76 21.84
CA ALA B 430 -21.94 -12.58 22.09
C ALA B 430 -22.52 -11.33 21.45
N ASN B 431 -22.06 -10.18 21.89
CA ASN B 431 -22.34 -8.91 21.17
C ASN B 431 -21.45 -8.86 19.92
N VAL B 432 -21.78 -7.98 18.99
CA VAL B 432 -21.06 -7.88 17.69
C VAL B 432 -19.62 -7.50 18.00
N SER B 433 -19.41 -6.66 19.03
CA SER B 433 -18.07 -6.29 19.53
C SER B 433 -18.07 -6.27 21.06
N GLY B 434 -16.90 -6.58 21.62
CA GLY B 434 -16.60 -6.48 23.06
C GLY B 434 -15.81 -5.22 23.41
N ASP B 435 -15.44 -4.43 22.42
CA ASP B 435 -14.66 -3.18 22.59
C ASP B 435 -15.65 -2.03 22.69
N GLN B 436 -15.72 -1.37 23.85
CA GLN B 436 -16.69 -0.29 24.13
C GLN B 436 -16.46 0.89 23.16
N ALA B 437 -15.21 1.24 22.85
CA ALA B 437 -14.91 2.34 21.90
C ALA B 437 -15.56 2.05 20.53
N ILE B 438 -15.48 0.80 20.06
CA ILE B 438 -16.05 0.37 18.74
C ILE B 438 -17.58 0.43 18.83
N LEU B 439 -18.18 0.02 19.96
CA LEU B 439 -19.67 0.12 20.14
C LEU B 439 -20.11 1.58 20.18
N ASP B 440 -19.37 2.47 20.87
CA ASP B 440 -19.71 3.91 20.92
C ASP B 440 -19.70 4.47 19.49
N TYR B 441 -18.72 4.08 18.68
CA TYR B 441 -18.56 4.50 17.27
C TYR B 441 -19.76 4.01 16.44
N LEU B 442 -20.13 2.72 16.56
CA LEU B 442 -21.25 2.14 15.78
C LEU B 442 -22.58 2.75 16.24
N ASN B 443 -22.73 3.10 17.52
CA ASN B 443 -24.00 3.61 18.08
C ASN B 443 -24.01 5.15 18.19
N SER B 444 -23.04 5.85 17.59
CA SER B 444 -22.85 7.30 17.79
C SER B 444 -24.06 8.14 17.28
N TYR B 445 -24.68 7.81 16.13
CA TYR B 445 -25.75 8.63 15.49
C TYR B 445 -27.16 8.04 15.71
N ASN B 446 -27.34 6.74 15.42
CA ASN B 446 -28.59 5.97 15.62
C ASN B 446 -28.26 4.66 16.31
N PRO B 447 -29.25 3.99 16.97
CA PRO B 447 -29.05 2.65 17.50
C PRO B 447 -28.96 1.65 16.35
N GLU B 448 -27.74 1.20 16.01
CA GLU B 448 -27.46 0.29 14.88
C GLU B 448 -27.12 -1.12 15.41
N VAL B 449 -26.67 -1.19 16.66
CA VAL B 449 -26.21 -2.46 17.26
C VAL B 449 -26.96 -2.63 18.58
N GLU B 450 -27.78 -3.67 18.66
CA GLU B 450 -28.43 -4.10 19.92
C GLU B 450 -27.34 -4.63 20.85
N VAL B 451 -27.10 -3.93 21.95
CA VAL B 451 -26.13 -4.32 23.01
C VAL B 451 -26.87 -5.08 24.10
N ASP B 452 -26.61 -6.38 24.20
CA ASP B 452 -27.17 -7.25 25.27
C ASP B 452 -26.48 -6.84 26.56
N PRO B 453 -27.23 -6.44 27.60
CA PRO B 453 -26.64 -5.89 28.81
C PRO B 453 -25.94 -6.96 29.65
N ARG B 454 -26.17 -8.26 29.36
CA ARG B 454 -25.55 -9.38 30.10
C ARG B 454 -24.05 -9.42 29.81
N SER B 455 -23.29 -10.04 30.72
CA SER B 455 -21.81 -10.17 30.63
C SER B 455 -21.47 -11.12 29.49
N ALA B 456 -20.26 -10.98 28.97
CA ALA B 456 -19.75 -11.84 27.88
C ALA B 456 -19.83 -13.30 28.33
N GLU B 457 -19.38 -13.56 29.56
CA GLU B 457 -19.26 -14.92 30.14
C GLU B 457 -20.65 -15.56 30.23
N ALA B 458 -21.66 -14.78 30.63
CA ALA B 458 -23.04 -15.27 30.81
C ALA B 458 -23.64 -15.65 29.45
N MET B 459 -23.37 -14.83 28.42
CA MET B 459 -23.83 -15.11 27.03
C MET B 459 -23.15 -16.39 26.54
N LEU B 460 -21.85 -16.56 26.81
CA LEU B 460 -21.10 -17.79 26.37
C LEU B 460 -21.74 -19.01 27.01
N GLU B 461 -21.86 -19.00 28.34
CA GLU B 461 -22.33 -20.20 29.09
C GLU B 461 -23.74 -20.52 28.57
N GLU B 462 -24.58 -19.52 28.24
CA GLU B 462 -25.91 -19.81 27.66
C GLU B 462 -25.72 -20.45 26.28
N ALA B 463 -24.82 -19.92 25.45
CA ALA B 463 -24.57 -20.46 24.10
C ALA B 463 -24.08 -21.90 24.19
N LEU B 464 -23.19 -22.21 25.14
CA LEU B 464 -22.57 -23.57 25.24
C LEU B 464 -23.61 -24.60 25.67
N ARG B 465 -24.52 -24.20 26.55
CA ARG B 465 -25.64 -25.07 27.00
C ARG B 465 -26.58 -25.32 25.82
N THR B 466 -26.80 -24.31 24.96
CA THR B 466 -27.67 -24.41 23.76
C THR B 466 -27.05 -25.35 22.74
N ALA B 467 -25.76 -25.18 22.44
CA ALA B 467 -25.02 -26.08 21.53
C ALA B 467 -25.14 -27.51 22.03
N ARG B 468 -24.86 -27.74 23.31
CA ARG B 468 -24.87 -29.10 23.90
C ARG B 468 -26.26 -29.75 23.69
N ASP B 469 -27.35 -28.99 23.72
CA ASP B 469 -28.75 -29.51 23.53
C ASP B 469 -29.11 -29.67 22.04
N ALA B 470 -28.18 -29.49 21.11
CA ALA B 470 -28.53 -29.50 19.66
C ALA B 470 -27.71 -30.57 18.94
N ASP B 471 -28.12 -30.88 17.71
CA ASP B 471 -27.37 -31.80 16.80
C ASP B 471 -26.23 -31.04 16.12
N LEU B 472 -26.45 -29.75 15.80
CA LEU B 472 -25.41 -28.92 15.13
C LEU B 472 -25.65 -27.43 15.37
N VAL B 473 -24.59 -26.66 15.13
CA VAL B 473 -24.56 -25.21 15.46
C VAL B 473 -24.47 -24.44 14.14
N VAL B 474 -25.47 -23.63 13.86
CA VAL B 474 -25.37 -22.56 12.84
C VAL B 474 -24.99 -21.28 13.58
N ALA B 475 -23.76 -20.84 13.39
CA ALA B 475 -23.24 -19.62 14.06
C ALA B 475 -23.32 -18.47 13.05
N VAL B 476 -24.08 -17.43 13.38
CA VAL B 476 -24.29 -16.28 12.47
C VAL B 476 -23.47 -15.12 13.02
N VAL B 477 -22.35 -14.85 12.36
CA VAL B 477 -21.25 -14.01 12.88
C VAL B 477 -20.68 -13.17 11.73
N GLY B 478 -19.89 -12.16 12.09
CA GLY B 478 -19.17 -11.31 11.13
C GLY B 478 -19.17 -9.86 11.59
N GLU B 479 -19.35 -8.93 10.66
CA GLU B 479 -19.36 -7.47 10.91
C GLU B 479 -20.80 -6.95 10.96
N SER B 480 -21.07 -5.91 11.75
CA SER B 480 -22.28 -5.08 11.58
C SER B 480 -22.06 -4.21 10.35
N GLN B 481 -23.13 -3.75 9.71
CA GLN B 481 -23.03 -3.01 8.43
C GLN B 481 -22.27 -1.69 8.64
N GLY B 482 -22.30 -1.12 9.86
CA GLY B 482 -21.62 0.14 10.19
C GLY B 482 -20.10 0.01 10.21
N MET B 483 -19.57 -1.22 10.29
CA MET B 483 -18.11 -1.50 10.17
C MET B 483 -17.61 -1.43 8.71
N ALA B 484 -18.49 -1.57 7.71
CA ALA B 484 -18.12 -1.49 6.26
C ALA B 484 -18.98 -0.42 5.56
N HIS B 485 -18.76 0.81 6.04
CA HIS B 485 -19.50 2.06 5.77
C HIS B 485 -18.47 3.10 5.28
N GLU B 486 -18.89 4.24 4.74
CA GLU B 486 -18.00 5.40 4.50
C GLU B 486 -17.27 5.76 5.81
N ALA B 487 -15.94 5.96 5.73
CA ALA B 487 -15.02 6.41 6.80
C ALA B 487 -14.76 5.33 7.87
N SER B 488 -15.39 4.15 7.75
CA SER B 488 -15.13 2.99 8.65
C SER B 488 -14.09 2.05 8.03
N SER B 489 -12.84 2.52 7.95
CA SER B 489 -11.66 1.75 7.53
C SER B 489 -11.15 0.92 8.73
N ARG B 490 -10.69 -0.30 8.49
CA ARG B 490 -10.29 -1.25 9.55
C ARG B 490 -8.80 -1.57 9.43
N THR B 491 -8.13 -1.71 10.57
CA THR B 491 -6.71 -2.13 10.69
C THR B 491 -6.61 -3.64 10.92
N ASP B 492 -7.74 -4.29 11.19
CA ASP B 492 -7.86 -5.73 11.48
C ASP B 492 -8.94 -6.29 10.54
N LEU B 493 -8.71 -7.41 9.87
CA LEU B 493 -9.73 -7.99 8.96
C LEU B 493 -10.34 -9.25 9.58
N ARG B 494 -10.07 -9.58 10.83
CA ARG B 494 -10.67 -10.80 11.42
C ARG B 494 -12.10 -10.46 11.87
N ILE B 495 -12.93 -11.49 11.99
CA ILE B 495 -14.20 -11.43 12.75
C ILE B 495 -13.87 -10.80 14.10
N PRO B 496 -14.71 -9.90 14.64
CA PRO B 496 -14.45 -9.27 15.93
C PRO B 496 -14.19 -10.27 17.07
N ALA B 497 -13.35 -9.87 18.01
CA ALA B 497 -12.79 -10.72 19.10
C ALA B 497 -13.89 -11.33 19.99
N SER B 498 -14.95 -10.59 20.29
CA SER B 498 -16.10 -11.10 21.10
C SER B 498 -16.67 -12.35 20.43
N GLN B 499 -16.75 -12.33 19.10
CA GLN B 499 -17.36 -13.42 18.30
C GLN B 499 -16.35 -14.55 18.10
N ARG B 500 -15.06 -14.27 17.97
CA ARG B 500 -14.04 -15.34 17.82
C ARG B 500 -13.95 -16.13 19.11
N ARG B 501 -14.05 -15.46 20.25
CA ARG B 501 -14.10 -16.11 21.58
C ARG B 501 -15.28 -17.08 21.64
N LEU B 502 -16.46 -16.62 21.22
CA LEU B 502 -17.70 -17.45 21.07
C LEU B 502 -17.41 -18.65 20.14
N LEU B 503 -16.87 -18.43 18.94
CA LEU B 503 -16.60 -19.52 17.95
C LEU B 503 -15.65 -20.55 18.57
N LYS B 504 -14.63 -20.11 19.30
CA LYS B 504 -13.64 -21.04 19.91
C LYS B 504 -14.33 -21.92 20.94
N ALA B 505 -15.16 -21.32 21.79
CA ALA B 505 -15.93 -22.04 22.81
C ALA B 505 -16.88 -23.05 22.11
N LEU B 506 -17.55 -22.63 21.02
CA LEU B 506 -18.46 -23.50 20.23
C LEU B 506 -17.70 -24.68 19.59
N LYS B 507 -16.48 -24.44 19.12
CA LYS B 507 -15.62 -25.49 18.54
C LYS B 507 -15.32 -26.58 19.59
N ALA B 508 -15.01 -26.18 20.82
CA ALA B 508 -14.58 -27.07 21.93
C ALA B 508 -15.73 -28.00 22.39
N THR B 509 -16.99 -27.69 22.08
CA THR B 509 -18.15 -28.57 22.39
C THR B 509 -18.13 -29.82 21.51
N GLY B 510 -17.37 -29.82 20.42
CA GLY B 510 -17.31 -30.96 19.47
C GLY B 510 -18.45 -30.95 18.46
N LYS B 511 -19.48 -30.13 18.61
CA LYS B 511 -20.67 -30.18 17.71
C LYS B 511 -20.26 -29.75 16.31
N PRO B 512 -20.91 -30.28 15.25
CA PRO B 512 -20.73 -29.73 13.91
C PRO B 512 -21.06 -28.23 13.86
N LEU B 513 -20.20 -27.46 13.20
CA LEU B 513 -20.27 -25.98 13.23
C LEU B 513 -20.37 -25.43 11.80
N VAL B 514 -21.51 -24.82 11.48
CA VAL B 514 -21.73 -24.07 10.22
C VAL B 514 -21.58 -22.57 10.52
N LEU B 515 -20.67 -21.90 9.83
CA LEU B 515 -20.50 -20.42 9.94
C LEU B 515 -21.25 -19.75 8.81
N VAL B 516 -22.18 -18.90 9.18
CA VAL B 516 -22.87 -18.01 8.23
C VAL B 516 -22.26 -16.63 8.46
N LEU B 517 -21.48 -16.16 7.49
CA LEU B 517 -20.75 -14.87 7.61
C LEU B 517 -21.61 -13.74 7.03
N MET B 518 -21.77 -12.67 7.79
CA MET B 518 -22.26 -11.38 7.26
C MET B 518 -21.11 -10.39 7.34
N ASN B 519 -20.84 -9.67 6.25
CA ASN B 519 -19.65 -8.80 6.13
C ASN B 519 -19.72 -8.03 4.81
N GLY B 520 -19.17 -6.81 4.79
CA GLY B 520 -19.14 -5.96 3.59
C GLY B 520 -17.75 -5.84 2.98
N ARG B 521 -16.81 -6.71 3.38
CA ARG B 521 -15.42 -6.69 2.85
C ARG B 521 -14.86 -8.08 3.01
N PRO B 522 -13.77 -8.43 2.28
CA PRO B 522 -13.03 -9.66 2.56
C PRO B 522 -12.63 -9.68 4.04
N LEU B 523 -12.76 -10.84 4.67
CA LEU B 523 -12.34 -11.05 6.07
C LEU B 523 -11.19 -12.05 6.08
N SER B 524 -10.36 -11.95 7.11
CA SER B 524 -9.24 -12.87 7.42
CA SER B 524 -9.25 -12.89 7.39
C SER B 524 -9.79 -14.09 8.16
N LEU B 525 -9.80 -15.27 7.51
CA LEU B 525 -10.57 -16.43 8.03
C LEU B 525 -9.69 -17.67 8.23
N GLY B 526 -8.40 -17.52 8.59
CA GLY B 526 -7.47 -18.64 8.75
C GLY B 526 -7.96 -19.64 9.80
N TRP B 527 -8.31 -19.17 10.98
CA TRP B 527 -8.79 -20.05 12.08
C TRP B 527 -10.09 -20.75 11.65
N GLU B 528 -11.00 -19.99 11.07
CA GLU B 528 -12.32 -20.51 10.65
C GLU B 528 -12.11 -21.57 9.56
N GLN B 529 -11.24 -21.32 8.58
CA GLN B 529 -10.98 -22.30 7.49
C GLN B 529 -10.45 -23.60 8.11
N GLU B 530 -9.66 -23.55 9.19
CA GLU B 530 -9.10 -24.78 9.83
C GLU B 530 -10.18 -25.48 10.67
N ASN B 531 -11.05 -24.74 11.37
CA ASN B 531 -11.83 -25.28 12.53
C ASN B 531 -13.33 -25.40 12.26
N ALA B 532 -13.94 -24.57 11.41
CA ALA B 532 -15.37 -24.72 11.06
C ALA B 532 -15.53 -25.92 10.13
N ASP B 533 -16.66 -26.62 10.22
CA ASP B 533 -16.98 -27.75 9.31
C ASP B 533 -17.57 -27.21 8.02
N ALA B 534 -18.31 -26.10 8.09
CA ALA B 534 -18.84 -25.44 6.88
C ALA B 534 -18.85 -23.93 7.07
N ILE B 535 -18.64 -23.22 5.95
CA ILE B 535 -18.57 -21.73 5.90
C ILE B 535 -19.36 -21.24 4.70
N LEU B 536 -20.36 -20.41 4.94
CA LEU B 536 -21.14 -19.77 3.87
C LEU B 536 -20.99 -18.25 3.95
N GLU B 537 -20.48 -17.64 2.87
CA GLU B 537 -20.31 -16.18 2.75
C GLU B 537 -21.62 -15.58 2.23
N THR B 538 -22.24 -14.70 3.00
CA THR B 538 -23.58 -14.14 2.65
C THR B 538 -23.55 -12.62 2.54
N TRP B 539 -22.39 -12.01 2.71
CA TRP B 539 -22.24 -10.54 2.54
C TRP B 539 -23.26 -9.88 3.44
N PHE B 540 -24.02 -8.90 2.94
CA PHE B 540 -25.30 -8.45 3.52
C PHE B 540 -26.35 -8.70 2.41
N SER B 541 -27.25 -9.66 2.58
CA SER B 541 -28.01 -10.26 1.45
CA SER B 541 -27.99 -10.24 1.42
C SER B 541 -29.38 -9.60 1.23
N GLY B 542 -29.70 -8.57 2.01
CA GLY B 542 -30.86 -7.72 1.71
C GLY B 542 -32.13 -8.12 2.44
N THR B 543 -33.23 -7.53 1.97
CA THR B 543 -34.58 -7.59 2.55
C THR B 543 -35.00 -9.05 2.67
N GLU B 544 -34.66 -9.90 1.70
CA GLU B 544 -35.01 -11.34 1.72
C GLU B 544 -33.78 -12.18 2.03
N GLY B 545 -32.73 -11.59 2.59
CA GLY B 545 -31.48 -12.29 2.90
C GLY B 545 -31.69 -13.61 3.62
N GLY B 546 -32.40 -13.62 4.75
CA GLY B 546 -32.56 -14.83 5.57
C GLY B 546 -33.27 -15.94 4.81
N ASN B 547 -34.22 -15.61 3.92
CA ASN B 547 -34.95 -16.66 3.17
C ASN B 547 -33.98 -17.28 2.15
N ALA B 548 -33.15 -16.47 1.50
CA ALA B 548 -32.21 -16.93 0.46
C ALA B 548 -31.11 -17.77 1.11
N ILE B 549 -30.65 -17.35 2.28
CA ILE B 549 -29.61 -18.08 3.05
C ILE B 549 -30.17 -19.46 3.46
N ALA B 550 -31.36 -19.51 4.05
CA ALA B 550 -32.03 -20.80 4.37
C ALA B 550 -32.19 -21.65 3.11
N ASP B 551 -32.57 -21.05 1.97
CA ASP B 551 -32.74 -21.79 0.69
C ASP B 551 -31.46 -22.51 0.32
N VAL B 552 -30.29 -21.91 0.59
CA VAL B 552 -28.98 -22.56 0.27
C VAL B 552 -28.62 -23.55 1.38
N LEU B 553 -28.82 -23.17 2.65
CA LEU B 553 -28.42 -24.06 3.76
C LEU B 553 -29.18 -25.38 3.66
N PHE B 554 -30.46 -25.37 3.28
CA PHE B 554 -31.28 -26.61 3.21
C PHE B 554 -31.28 -27.22 1.80
N GLY B 555 -30.51 -26.68 0.87
CA GLY B 555 -30.28 -27.35 -0.43
C GLY B 555 -31.34 -27.07 -1.48
N GLU B 556 -32.35 -26.24 -1.18
CA GLU B 556 -33.31 -25.73 -2.20
C GLU B 556 -32.56 -25.07 -3.37
N HIS B 557 -31.53 -24.26 -3.07
CA HIS B 557 -30.63 -23.65 -4.08
C HIS B 557 -29.21 -24.19 -3.85
N ASN B 558 -28.57 -24.69 -4.88
CA ASN B 558 -27.18 -25.21 -4.79
C ASN B 558 -26.24 -24.00 -4.92
N PRO B 559 -25.40 -23.70 -3.89
CA PRO B 559 -24.53 -22.53 -3.91
C PRO B 559 -23.76 -22.42 -5.22
N SER B 560 -23.86 -21.25 -5.85
CA SER B 560 -23.28 -20.92 -7.17
C SER B 560 -22.40 -19.66 -7.14
N GLY B 561 -22.35 -18.92 -6.04
CA GLY B 561 -21.61 -17.63 -5.99
C GLY B 561 -20.12 -17.86 -5.99
N LYS B 562 -19.35 -16.96 -6.61
CA LYS B 562 -17.86 -17.04 -6.56
C LYS B 562 -17.31 -15.66 -6.25
N LEU B 563 -16.22 -15.64 -5.50
CA LEU B 563 -15.59 -14.40 -4.98
C LEU B 563 -15.14 -13.53 -6.16
N THR B 564 -15.28 -12.22 -6.03
CA THR B 564 -14.76 -11.25 -7.04
C THR B 564 -13.68 -10.37 -6.44
N MET B 565 -13.28 -10.71 -5.22
CA MET B 565 -12.18 -10.03 -4.50
C MET B 565 -11.49 -11.10 -3.68
N SER B 566 -10.17 -11.14 -3.79
CA SER B 566 -9.26 -12.08 -3.08
C SER B 566 -9.43 -11.90 -1.58
N PHE B 567 -9.44 -12.99 -0.82
CA PHE B 567 -9.51 -12.95 0.66
C PHE B 567 -8.11 -13.10 1.25
N PRO B 568 -7.53 -12.01 1.81
CA PRO B 568 -6.18 -12.07 2.40
C PRO B 568 -6.16 -13.01 3.60
N ARG B 569 -5.01 -13.62 3.86
CA ARG B 569 -4.79 -14.40 5.09
C ARG B 569 -4.71 -13.46 6.28
N SER B 570 -4.20 -12.25 6.09
CA SER B 570 -4.17 -11.24 7.17
C SER B 570 -3.96 -9.85 6.59
N VAL B 571 -4.20 -8.85 7.41
CA VAL B 571 -4.20 -7.43 6.96
C VAL B 571 -2.78 -7.07 6.52
N GLY B 572 -1.78 -7.76 7.06
CA GLY B 572 -0.37 -7.51 6.77
C GLY B 572 0.06 -7.97 5.38
N GLN B 573 -0.79 -8.73 4.68
CA GLN B 573 -0.53 -9.14 3.28
C GLN B 573 -1.11 -8.11 2.30
N VAL B 574 -1.83 -7.08 2.76
CA VAL B 574 -2.49 -6.13 1.81
C VAL B 574 -1.47 -5.32 1.02
N PRO B 575 -1.66 -5.11 -0.30
CA PRO B 575 -2.75 -5.68 -1.09
C PRO B 575 -2.41 -7.05 -1.68
N VAL B 576 -3.42 -7.94 -1.81
CA VAL B 576 -3.31 -9.20 -2.59
C VAL B 576 -4.43 -9.18 -3.60
N TYR B 577 -4.09 -9.53 -4.82
CA TYR B 577 -5.07 -9.58 -5.93
C TYR B 577 -4.49 -10.50 -6.98
N TYR B 578 -5.37 -11.11 -7.75
CA TYR B 578 -5.03 -12.25 -8.63
C TYR B 578 -4.23 -11.77 -9.84
N ASN B 579 -4.49 -10.56 -10.33
CA ASN B 579 -3.85 -10.02 -11.56
C ASN B 579 -2.64 -9.17 -11.21
N HIS B 580 -1.73 -9.75 -10.43
CA HIS B 580 -0.45 -9.10 -10.05
C HIS B 580 0.62 -9.42 -11.10
N LEU B 581 1.74 -8.68 -11.05
CA LEU B 581 2.93 -8.92 -11.90
C LEU B 581 3.75 -10.10 -11.33
N ASN B 582 4.56 -10.74 -12.16
CA ASN B 582 5.29 -11.97 -11.76
C ASN B 582 6.43 -11.63 -10.79
N THR B 583 7.01 -10.45 -10.97
CA THR B 583 8.32 -9.99 -10.42
C THR B 583 9.44 -10.79 -11.09
N GLY B 584 10.69 -10.47 -10.76
CA GLY B 584 11.87 -11.20 -11.25
C GLY B 584 12.10 -12.49 -10.47
N ARG B 585 11.43 -12.69 -9.34
CA ARG B 585 11.65 -13.84 -8.43
C ARG B 585 10.35 -14.32 -7.83
N PRO B 586 9.45 -14.89 -8.66
CA PRO B 586 8.18 -15.40 -8.16
C PRO B 586 8.41 -16.56 -7.18
N MET B 587 7.56 -16.69 -6.15
CA MET B 587 7.52 -17.86 -5.22
C MET B 587 6.82 -19.03 -5.92
N ASP B 588 7.40 -20.24 -5.84
CA ASP B 588 7.18 -21.38 -6.78
C ASP B 588 5.67 -21.61 -7.02
N GLY B 593 11.39 -21.34 -2.06
CA GLY B 593 12.42 -21.05 -1.03
C GLY B 593 12.48 -19.58 -0.68
N LYS B 594 13.66 -19.11 -0.24
CA LYS B 594 13.82 -17.88 0.59
C LYS B 594 13.90 -16.60 -0.26
N TYR B 595 14.73 -16.53 -1.32
CA TYR B 595 14.97 -15.28 -2.10
C TYR B 595 13.93 -15.14 -3.23
N THR B 596 12.67 -15.08 -2.83
CA THR B 596 11.48 -14.87 -3.69
C THR B 596 10.65 -13.75 -3.05
N SER B 597 9.63 -13.28 -3.75
CA SER B 597 8.71 -12.20 -3.31
C SER B 597 7.63 -12.81 -2.41
N ARG B 598 7.78 -12.66 -1.09
CA ARG B 598 6.94 -13.39 -0.12
C ARG B 598 7.15 -12.87 1.30
N TYR B 599 6.29 -13.32 2.22
CA TYR B 599 6.47 -13.12 3.67
C TYR B 599 7.07 -14.39 4.25
N PHE B 600 7.85 -14.30 5.33
CA PHE B 600 8.42 -15.50 6.01
C PHE B 600 7.57 -15.92 7.21
N ASP B 601 6.69 -15.06 7.72
CA ASP B 601 6.00 -15.29 9.03
C ASP B 601 4.57 -15.81 8.82
N GLU B 602 4.16 -16.07 7.59
CA GLU B 602 2.77 -16.50 7.28
C GLU B 602 2.76 -17.22 5.93
N ALA B 603 1.85 -18.17 5.76
CA ALA B 603 1.66 -18.82 4.45
C ALA B 603 1.36 -17.70 3.44
N ASN B 604 1.74 -17.93 2.19
CA ASN B 604 1.63 -16.88 1.15
C ASN B 604 0.41 -17.15 0.26
N GLY B 605 0.04 -16.10 -0.47
CA GLY B 605 -1.16 -16.09 -1.30
C GLY B 605 -2.40 -15.79 -0.49
N PRO B 606 -3.53 -15.58 -1.18
CA PRO B 606 -4.79 -15.35 -0.51
C PRO B 606 -5.30 -16.65 0.12
N LEU B 607 -6.13 -16.54 1.15
CA LEU B 607 -6.77 -17.74 1.76
C LEU B 607 -7.72 -18.32 0.73
N TYR B 608 -8.47 -17.45 0.06
CA TYR B 608 -9.36 -17.85 -1.04
C TYR B 608 -9.08 -16.94 -2.22
N PRO B 609 -8.79 -17.52 -3.39
CA PRO B 609 -8.49 -16.70 -4.57
C PRO B 609 -9.74 -16.14 -5.26
N PHE B 610 -9.52 -15.12 -6.09
CA PHE B 610 -10.52 -14.56 -7.02
C PHE B 610 -11.16 -15.72 -7.80
N GLY B 611 -12.49 -15.68 -7.91
CA GLY B 611 -13.30 -16.65 -8.67
C GLY B 611 -13.54 -17.95 -7.91
N TYR B 612 -13.13 -18.04 -6.64
CA TYR B 612 -13.31 -19.25 -5.81
C TYR B 612 -14.76 -19.34 -5.31
N GLY B 613 -15.27 -20.56 -5.34
CA GLY B 613 -16.55 -20.92 -4.72
C GLY B 613 -16.91 -22.38 -4.93
N LEU B 614 -17.43 -23.03 -3.90
CA LEU B 614 -17.75 -24.47 -3.91
C LEU B 614 -19.22 -24.70 -4.31
N SER B 615 -19.57 -25.96 -4.50
CA SER B 615 -20.94 -26.43 -4.86
C SER B 615 -21.28 -27.66 -4.03
N TYR B 616 -22.57 -27.99 -3.93
CA TYR B 616 -23.02 -29.29 -3.35
C TYR B 616 -22.80 -30.41 -4.36
N THR B 617 -22.54 -30.10 -5.62
CA THR B 617 -22.20 -31.12 -6.64
C THR B 617 -20.73 -30.91 -7.02
N GLU B 618 -20.27 -31.69 -7.97
CA GLU B 618 -18.88 -31.68 -8.48
C GLU B 618 -18.96 -31.42 -9.98
N PHE B 619 -18.07 -30.60 -10.49
CA PHE B 619 -17.96 -30.29 -11.93
C PHE B 619 -16.57 -30.69 -12.41
N SER B 620 -16.48 -31.01 -13.70
CA SER B 620 -15.20 -31.37 -14.37
C SER B 620 -15.09 -30.58 -15.66
N LEU B 621 -13.85 -30.25 -16.05
CA LEU B 621 -13.55 -29.60 -17.34
C LEU B 621 -12.72 -30.57 -18.19
N SER B 622 -13.15 -30.78 -19.44
CA SER B 622 -12.34 -31.44 -20.50
C SER B 622 -11.15 -30.53 -20.82
N PRO B 623 -10.08 -31.05 -21.47
CA PRO B 623 -8.94 -30.21 -21.85
C PRO B 623 -9.33 -29.06 -22.79
N LEU B 624 -8.68 -27.91 -22.61
CA LEU B 624 -8.93 -26.70 -23.42
C LEU B 624 -8.43 -26.94 -24.84
N ARG B 625 -9.22 -26.51 -25.82
CA ARG B 625 -8.88 -26.56 -27.26
C ARG B 625 -8.94 -25.15 -27.85
N LEU B 626 -7.91 -24.72 -28.57
CA LEU B 626 -7.93 -23.45 -29.33
C LEU B 626 -8.21 -23.78 -30.81
N SER B 627 -9.03 -22.96 -31.47
CA SER B 627 -9.51 -23.16 -32.87
C SER B 627 -8.34 -23.05 -33.83
N SER B 628 -7.28 -22.33 -33.46
CA SER B 628 -5.99 -22.38 -34.18
C SER B 628 -4.84 -21.94 -33.29
N GLU B 629 -3.63 -22.28 -33.74
CA GLU B 629 -2.36 -22.05 -33.03
C GLU B 629 -1.80 -20.68 -33.41
N ARG B 630 -2.31 -20.08 -34.49
CA ARG B 630 -1.80 -18.77 -34.96
C ARG B 630 -3.02 -17.93 -35.34
N LEU B 631 -2.96 -16.62 -35.10
CA LEU B 631 -4.14 -15.73 -35.22
C LEU B 631 -3.75 -14.49 -36.01
N ALA B 632 -4.37 -14.29 -37.18
CA ALA B 632 -4.19 -13.10 -38.02
C ALA B 632 -4.90 -11.92 -37.37
N ARG B 633 -4.31 -10.74 -37.46
CA ARG B 633 -4.95 -9.47 -37.05
C ARG B 633 -6.28 -9.33 -37.79
N GLY B 634 -7.29 -8.83 -37.08
CA GLY B 634 -8.67 -8.73 -37.57
C GLY B 634 -9.45 -10.03 -37.46
N ALA B 635 -8.81 -11.17 -37.16
CA ALA B 635 -9.50 -12.47 -37.07
C ALA B 635 -9.83 -12.81 -35.61
N THR B 636 -10.80 -13.70 -35.42
CA THR B 636 -11.25 -14.17 -34.10
C THR B 636 -10.80 -15.61 -33.89
N LEU B 637 -10.48 -15.91 -32.64
CA LEU B 637 -10.04 -17.22 -32.16
C LEU B 637 -11.12 -17.80 -31.25
N GLU B 638 -11.25 -19.11 -31.19
CA GLU B 638 -12.26 -19.77 -30.32
C GLU B 638 -11.54 -20.63 -29.29
N ALA B 639 -11.99 -20.53 -28.04
CA ALA B 639 -11.51 -21.37 -26.92
C ALA B 639 -12.66 -22.26 -26.49
N ARG B 640 -12.44 -23.58 -26.56
CA ARG B 640 -13.51 -24.58 -26.33
C ARG B 640 -13.11 -25.51 -25.18
N VAL B 641 -14.10 -25.85 -24.40
CA VAL B 641 -13.95 -26.71 -23.21
C VAL B 641 -15.33 -27.29 -22.91
N THR B 642 -15.38 -28.52 -22.43
CA THR B 642 -16.67 -29.13 -22.05
C THR B 642 -16.75 -29.20 -20.53
N LEU B 643 -17.83 -28.66 -19.98
CA LEU B 643 -18.17 -28.69 -18.54
C LEU B 643 -19.18 -29.79 -18.31
N SER B 644 -18.95 -30.63 -17.31
CA SER B 644 -19.89 -31.71 -16.94
C SER B 644 -20.17 -31.63 -15.45
N ASN B 645 -21.42 -31.89 -15.10
CA ASN B 645 -21.87 -32.08 -13.70
C ASN B 645 -21.73 -33.57 -13.42
N SER B 646 -20.66 -33.95 -12.73
CA SER B 646 -20.27 -35.37 -12.52
C SER B 646 -20.72 -35.81 -11.13
N GLY B 647 -21.66 -35.08 -10.52
CA GLY B 647 -22.17 -35.37 -9.16
C GLY B 647 -23.67 -35.58 -9.17
N LYS B 648 -24.29 -35.52 -8.00
CA LYS B 648 -25.66 -36.04 -7.78
C LYS B 648 -26.71 -34.93 -7.75
N ARG B 649 -26.33 -33.66 -7.82
CA ARG B 649 -27.30 -32.55 -7.68
C ARG B 649 -27.20 -31.60 -8.86
N ALA B 650 -28.34 -31.10 -9.31
CA ALA B 650 -28.38 -29.96 -10.24
C ALA B 650 -27.64 -28.81 -9.56
N GLY B 651 -26.95 -27.99 -10.34
CA GLY B 651 -26.19 -26.85 -9.81
C GLY B 651 -25.48 -26.08 -10.90
N ALA B 652 -25.15 -24.83 -10.60
CA ALA B 652 -24.43 -23.94 -11.53
C ALA B 652 -23.00 -23.78 -11.02
N THR B 653 -22.11 -23.52 -11.95
CA THR B 653 -20.74 -23.04 -11.68
C THR B 653 -20.42 -21.96 -12.72
N VAL B 654 -19.23 -21.39 -12.62
CA VAL B 654 -18.79 -20.27 -13.48
C VAL B 654 -17.45 -20.66 -14.11
N VAL B 655 -17.46 -20.82 -15.41
CA VAL B 655 -16.25 -21.16 -16.16
C VAL B 655 -15.56 -19.85 -16.53
N GLN B 656 -14.29 -19.71 -16.17
CA GLN B 656 -13.58 -18.41 -16.20
C GLN B 656 -12.45 -18.51 -17.23
N LEU B 657 -12.41 -17.55 -18.14
CA LEU B 657 -11.34 -17.48 -19.14
C LEU B 657 -10.33 -16.40 -18.73
N TYR B 658 -9.07 -16.77 -18.57
CA TYR B 658 -7.96 -15.86 -18.23
C TYR B 658 -6.95 -15.82 -19.39
N LEU B 659 -6.27 -14.68 -19.51
CA LEU B 659 -5.26 -14.41 -20.56
C LEU B 659 -3.94 -13.97 -19.90
N GLN B 660 -2.82 -14.43 -20.45
CA GLN B 660 -1.48 -13.88 -20.12
C GLN B 660 -0.76 -13.53 -21.42
N ASP B 661 -0.11 -12.37 -21.42
CA ASP B 661 0.82 -11.89 -22.47
C ASP B 661 2.21 -11.95 -21.87
N PRO B 662 2.92 -13.08 -22.03
CA PRO B 662 4.11 -13.35 -21.23
C PRO B 662 5.38 -12.63 -21.71
N VAL B 663 5.37 -12.07 -22.91
CA VAL B 663 6.48 -11.21 -23.41
C VAL B 663 5.86 -9.93 -23.93
N ALA B 664 6.21 -8.81 -23.33
CA ALA B 664 5.63 -7.52 -23.74
C ALA B 664 6.59 -6.40 -23.38
N SER B 665 6.37 -5.22 -23.95
CA SER B 665 7.21 -4.02 -23.70
CA SER B 665 7.25 -4.05 -23.69
C SER B 665 6.99 -3.49 -22.28
N LEU B 666 5.88 -3.88 -21.63
CA LEU B 666 5.64 -3.67 -20.17
C LEU B 666 5.50 -5.04 -19.51
N SER B 667 5.78 -5.13 -18.22
CA SER B 667 5.58 -6.38 -17.43
C SER B 667 4.07 -6.56 -17.24
N ARG B 668 3.50 -7.61 -17.81
CA ARG B 668 2.04 -7.83 -17.85
C ARG B 668 1.64 -8.84 -16.79
N PRO B 669 0.37 -8.83 -16.34
CA PRO B 669 -0.05 -9.67 -15.23
C PRO B 669 0.08 -11.17 -15.49
N VAL B 670 0.21 -11.98 -14.44
CA VAL B 670 0.33 -13.45 -14.56
C VAL B 670 -0.96 -13.93 -15.24
N LYS B 671 -2.03 -13.18 -15.04
CA LYS B 671 -3.37 -13.56 -15.50
C LYS B 671 -4.29 -12.34 -15.47
N GLU B 672 -5.16 -12.22 -16.47
CA GLU B 672 -6.26 -11.23 -16.49
C GLU B 672 -7.54 -11.91 -16.95
N LEU B 673 -8.65 -11.66 -16.24
CA LEU B 673 -9.98 -12.16 -16.66
C LEU B 673 -10.33 -11.55 -18.02
N ARG B 674 -10.70 -12.39 -18.98
CA ARG B 674 -11.17 -11.92 -20.31
C ARG B 674 -12.48 -12.56 -20.75
N GLY B 675 -13.08 -13.45 -19.96
CA GLY B 675 -14.47 -13.89 -20.19
C GLY B 675 -14.93 -14.83 -19.11
N PHE B 676 -16.23 -15.08 -19.04
CA PHE B 676 -16.79 -16.12 -18.13
C PHE B 676 -18.14 -16.58 -18.70
N ARG B 677 -18.59 -17.76 -18.25
CA ARG B 677 -19.95 -18.31 -18.48
C ARG B 677 -20.46 -18.97 -17.22
N LYS B 678 -21.56 -18.48 -16.69
CA LYS B 678 -22.32 -19.20 -15.68
C LYS B 678 -23.15 -20.28 -16.37
N VAL B 679 -23.03 -21.52 -15.92
CA VAL B 679 -23.72 -22.68 -16.55
C VAL B 679 -24.43 -23.52 -15.48
N MET B 680 -25.76 -23.65 -15.62
CA MET B 680 -26.63 -24.50 -14.76
C MET B 680 -26.79 -25.89 -15.40
N LEU B 681 -26.38 -26.96 -14.72
CA LEU B 681 -26.40 -28.35 -15.27
C LEU B 681 -27.13 -29.29 -14.31
N GLU B 682 -27.97 -30.17 -14.86
CA GLU B 682 -28.51 -31.38 -14.19
C GLU B 682 -27.38 -32.39 -13.98
N PRO B 683 -27.52 -33.35 -13.05
CA PRO B 683 -26.52 -34.42 -12.88
C PRO B 683 -26.28 -35.18 -14.19
N GLY B 684 -25.02 -35.50 -14.50
CA GLY B 684 -24.64 -36.21 -15.73
C GLY B 684 -24.69 -35.34 -16.97
N GLU B 685 -25.17 -34.09 -16.87
CA GLU B 685 -25.30 -33.21 -18.05
C GLU B 685 -23.93 -32.62 -18.39
N SER B 686 -23.73 -32.35 -19.68
CA SER B 686 -22.56 -31.65 -20.27
C SER B 686 -23.01 -30.39 -21.00
N ARG B 687 -22.10 -29.44 -21.16
CA ARG B 687 -22.27 -28.33 -22.14
C ARG B 687 -20.90 -27.96 -22.69
N GLU B 688 -20.80 -27.86 -24.01
CA GLU B 688 -19.59 -27.33 -24.67
C GLU B 688 -19.63 -25.82 -24.55
N ILE B 689 -18.60 -25.24 -23.96
CA ILE B 689 -18.48 -23.78 -23.78
C ILE B 689 -17.51 -23.24 -24.82
N VAL B 690 -17.93 -22.19 -25.51
CA VAL B 690 -17.12 -21.56 -26.59
C VAL B 690 -16.91 -20.09 -26.20
N PHE B 691 -15.66 -19.71 -25.97
CA PHE B 691 -15.24 -18.30 -25.82
C PHE B 691 -14.62 -17.81 -27.12
N ARG B 692 -14.94 -16.57 -27.45
CA ARG B 692 -14.41 -15.85 -28.61
C ARG B 692 -13.35 -14.88 -28.09
N LEU B 693 -12.15 -14.92 -28.65
CA LEU B 693 -11.08 -13.93 -28.35
C LEU B 693 -10.69 -13.22 -29.63
N GLY B 694 -10.71 -11.88 -29.58
CA GLY B 694 -10.25 -11.01 -30.66
C GLY B 694 -9.16 -10.08 -30.19
N GLU B 695 -8.65 -9.28 -31.11
CA GLU B 695 -7.48 -8.39 -30.90
C GLU B 695 -7.77 -7.38 -29.77
N ALA B 696 -9.00 -6.89 -29.64
CA ALA B 696 -9.38 -5.94 -28.58
C ALA B 696 -9.07 -6.54 -27.19
N ASP B 697 -9.21 -7.86 -27.02
CA ASP B 697 -8.95 -8.60 -25.75
C ASP B 697 -7.44 -8.63 -25.42
N LEU B 698 -6.57 -8.26 -26.34
CA LEU B 698 -5.12 -8.55 -26.25
C LEU B 698 -4.32 -7.26 -26.08
N LYS B 699 -4.98 -6.11 -26.17
CA LYS B 699 -4.33 -4.79 -26.09
C LYS B 699 -3.97 -4.47 -24.66
N PHE B 700 -3.01 -3.59 -24.47
CA PHE B 700 -2.65 -3.01 -23.16
C PHE B 700 -2.04 -1.64 -23.42
N TYR B 701 -1.98 -0.83 -22.36
CA TYR B 701 -1.40 0.52 -22.41
C TYR B 701 0.10 0.39 -22.13
N ASP B 702 0.93 0.89 -23.03
CA ASP B 702 2.40 0.85 -22.78
C ASP B 702 2.77 2.10 -21.96
N SER B 703 4.05 2.35 -21.77
CA SER B 703 4.61 3.48 -21.01
C SER B 703 4.18 4.85 -21.56
N GLN B 704 3.87 4.99 -22.84
CA GLN B 704 3.41 6.28 -23.44
C GLN B 704 1.90 6.22 -23.74
N LEU B 705 1.20 5.23 -23.16
CA LEU B 705 -0.27 4.99 -23.33
C LEU B 705 -0.64 4.62 -24.76
N ARG B 706 0.27 4.07 -25.55
CA ARG B 706 -0.11 3.42 -26.83
C ARG B 706 -0.95 2.18 -26.49
N HIS B 707 -2.17 2.10 -26.98
CA HIS B 707 -3.13 1.03 -26.63
C HIS B 707 -3.13 0.04 -27.77
N THR B 708 -2.19 -0.91 -27.75
CA THR B 708 -2.03 -1.85 -28.88
C THR B 708 -1.80 -3.28 -28.34
N ALA B 709 -2.13 -4.23 -29.21
CA ALA B 709 -1.78 -5.66 -29.12
C ALA B 709 -0.47 -5.89 -29.89
N GLU B 710 0.54 -6.46 -29.24
CA GLU B 710 1.88 -6.74 -29.84
C GLU B 710 1.90 -8.17 -30.33
N PRO B 711 2.57 -8.45 -31.48
CA PRO B 711 2.68 -9.81 -32.00
C PRO B 711 3.43 -10.69 -31.01
N GLY B 712 3.10 -11.98 -30.97
CA GLY B 712 3.77 -12.96 -30.11
C GLY B 712 2.79 -13.86 -29.37
N GLU B 713 3.29 -14.60 -28.39
CA GLU B 713 2.52 -15.65 -27.68
C GLU B 713 1.46 -15.02 -26.78
N PHE B 714 0.30 -15.66 -26.70
CA PHE B 714 -0.67 -15.47 -25.60
C PHE B 714 -1.01 -16.83 -25.01
N LYS B 715 -1.11 -16.88 -23.70
CA LYS B 715 -1.50 -18.08 -22.93
C LYS B 715 -2.95 -17.89 -22.54
N VAL B 716 -3.76 -18.91 -22.76
CA VAL B 716 -5.21 -18.90 -22.45
C VAL B 716 -5.41 -19.93 -21.34
N PHE B 717 -6.08 -19.54 -20.27
CA PHE B 717 -6.41 -20.42 -19.13
C PHE B 717 -7.93 -20.49 -19.00
N VAL B 718 -8.43 -21.68 -18.74
CA VAL B 718 -9.85 -21.85 -18.39
C VAL B 718 -9.92 -22.70 -17.14
N GLY B 719 -10.83 -22.32 -16.24
CA GLY B 719 -11.01 -23.05 -14.99
C GLY B 719 -12.17 -22.50 -14.20
N LEU B 720 -12.41 -23.10 -13.06
CA LEU B 720 -13.55 -22.77 -12.19
C LEU B 720 -13.12 -21.74 -11.14
N ASP B 721 -11.84 -21.37 -11.11
CA ASP B 721 -11.35 -20.19 -10.34
C ASP B 721 -9.97 -19.77 -10.86
N SER B 722 -9.41 -18.70 -10.32
CA SER B 722 -8.16 -18.07 -10.82
C SER B 722 -6.92 -18.91 -10.49
N ALA B 723 -7.00 -19.84 -9.54
CA ALA B 723 -5.89 -20.75 -9.16
C ALA B 723 -5.91 -22.01 -10.03
N GLN B 724 -6.96 -22.83 -9.88
CA GLN B 724 -7.09 -24.21 -10.46
C GLN B 724 -7.45 -24.12 -11.95
N THR B 725 -6.43 -24.05 -12.81
CA THR B 725 -6.58 -23.83 -14.28
C THR B 725 -5.65 -24.73 -15.09
N GLU B 726 -5.94 -24.86 -16.39
CA GLU B 726 -5.03 -25.45 -17.42
C GLU B 726 -4.85 -24.42 -18.55
N SER B 727 -3.66 -24.32 -19.15
CA SER B 727 -3.37 -23.29 -20.19
C SER B 727 -2.94 -23.88 -21.53
N ARG B 728 -3.30 -23.21 -22.63
CA ARG B 728 -2.80 -23.44 -24.01
C ARG B 728 -2.41 -22.10 -24.65
N SER B 729 -1.47 -22.13 -25.60
CA SER B 729 -0.88 -20.93 -26.22
C SER B 729 -1.40 -20.76 -27.66
N PHE B 730 -1.45 -19.50 -28.12
CA PHE B 730 -1.52 -19.16 -29.55
C PHE B 730 -0.58 -17.98 -29.80
N THR B 731 -0.30 -17.74 -31.07
CA THR B 731 0.62 -16.67 -31.50
C THR B 731 -0.20 -15.66 -32.28
N LEU B 732 -0.16 -14.40 -31.88
CA LEU B 732 -0.71 -13.30 -32.69
C LEU B 732 0.32 -12.94 -33.76
N LEU B 733 -0.10 -12.83 -35.03
CA LEU B 733 0.81 -12.52 -36.18
C LEU B 733 1.01 -11.02 -36.36
#